data_8W0U
#
_entry.id   8W0U
#
_cell.length_a   86.028
_cell.length_b   95.265
_cell.length_c   118.826
_cell.angle_alpha   90.00
_cell.angle_beta   106.52
_cell.angle_gamma   90.00
#
_symmetry.space_group_name_H-M   'P 1 21 1'
#
loop_
_entity.id
_entity.type
_entity.pdbx_description
1 polymer 'Long-chain specific acyl-CoA dehydrogenase, mitochondrial'
2 non-polymer 'FLAVIN-ADENINE DINUCLEOTIDE'
3 non-polymer 'ACETOACETYL-COENZYME A'
4 water water
#
_entity_poly.entity_id   1
_entity_poly.type   'polypeptide(L)'
_entity_poly.pdbx_seq_one_letter_code
;GGEERLETPSAKKLTDIGIRRIFSPEHDIFRKSVRKFFQEEVIPHHSEWEKAGEVSREVWEKAGKQGLLGVNIAEHLGGI
GGDLYSAAIVWEEQAYSNCSGPGFSIHSGIVMSYITNHGSEEQIKHFIPQMTAGKCIGAIAMTEPGAGSDLQGIKTNAKK
DGSDWILNGSKVFISNGSLSDVVIVVAVTNHEAPSPAHGISLFLVENGMKGFIKGRKLHKMGLKAQDTAELFFEDIRLPA
SALLGEENKGFYYIMKELPQERLLIADVAISASEFMFEETRNYVKQRKAFGKTVAHLQTVQHKLAELKTHICVTRAFVDN
CLQLHEAKRLDSATACMAKYWASELQNSVAYDCVQLHGGWGYMWEYPIAKAYVDARVQPIYGGTNEIMKELIAREIVFDK
;
_entity_poly.pdbx_strand_id   A,B,C,D
#
# COMPACT_ATOMS: atom_id res chain seq x y z
N GLU A 3 18.85 -29.63 -19.40
CA GLU A 3 19.56 -28.39 -19.81
C GLU A 3 18.70 -27.16 -19.52
N GLU A 4 17.72 -26.94 -20.39
CA GLU A 4 16.83 -25.79 -20.28
C GLU A 4 15.87 -25.88 -19.11
N ARG A 5 16.28 -25.36 -17.96
CA ARG A 5 15.45 -25.36 -16.77
C ARG A 5 14.48 -24.18 -16.82
N LEU A 6 13.20 -24.45 -16.57
CA LEU A 6 12.21 -23.38 -16.56
C LEU A 6 12.38 -22.56 -15.30
N GLU A 7 11.85 -21.35 -15.33
CA GLU A 7 11.89 -20.48 -14.16
C GLU A 7 10.51 -20.51 -13.52
N THR A 8 10.45 -20.13 -12.26
CA THR A 8 9.21 -20.15 -11.50
C THR A 8 7.91 -19.66 -12.16
N PRO A 9 8.00 -18.64 -13.02
CA PRO A 9 6.77 -18.15 -13.68
C PRO A 9 6.21 -19.12 -14.74
N SER A 10 7.12 -19.83 -15.41
CA SER A 10 6.78 -20.76 -16.49
C SER A 10 6.38 -22.18 -16.10
N ALA A 11 6.85 -22.64 -14.95
CA ALA A 11 6.57 -23.97 -14.47
C ALA A 11 5.07 -24.20 -14.29
N LYS A 12 4.66 -25.44 -14.10
CA LYS A 12 3.24 -25.71 -13.90
C LYS A 12 2.91 -25.28 -12.49
N LYS A 13 3.90 -25.32 -11.60
CA LYS A 13 3.74 -24.91 -10.21
C LYS A 13 5.05 -24.29 -9.69
N LEU A 14 4.94 -23.31 -8.80
CA LEU A 14 6.13 -22.64 -8.26
C LEU A 14 6.97 -23.63 -7.47
N THR A 15 6.31 -24.62 -6.92
CA THR A 15 6.96 -25.62 -6.10
C THR A 15 7.44 -26.89 -6.82
N ASP A 16 7.32 -26.93 -8.15
CA ASP A 16 7.74 -28.10 -8.92
C ASP A 16 9.23 -28.42 -8.78
N ILE A 17 9.57 -29.69 -8.95
CA ILE A 17 10.96 -30.12 -8.89
C ILE A 17 11.58 -30.02 -10.29
N GLY A 18 12.83 -29.56 -10.35
CA GLY A 18 13.50 -29.42 -11.62
C GLY A 18 13.39 -28.07 -12.31
N ILE A 19 13.21 -27.00 -11.53
CA ILE A 19 13.13 -25.67 -12.12
C ILE A 19 14.17 -24.79 -11.44
N ARG A 20 14.25 -23.53 -11.87
CA ARG A 20 15.19 -22.55 -11.31
C ARG A 20 16.62 -22.89 -11.74
N ARG A 21 17.21 -21.99 -12.55
CA ARG A 21 18.55 -22.16 -13.10
C ARG A 21 19.73 -22.37 -12.17
N ILE A 22 19.56 -22.13 -10.88
CA ILE A 22 20.66 -22.29 -9.93
C ILE A 22 20.82 -23.74 -9.44
N PHE A 23 19.96 -24.64 -9.90
CA PHE A 23 20.08 -26.03 -9.48
C PHE A 23 20.57 -27.07 -10.50
N SER A 24 21.19 -28.14 -10.01
CA SER A 24 21.72 -29.22 -10.87
C SER A 24 20.78 -30.43 -10.86
N PRO A 25 20.87 -31.31 -11.87
CA PRO A 25 19.99 -32.48 -11.87
C PRO A 25 20.16 -33.29 -10.59
N GLU A 26 21.35 -33.20 -10.00
CA GLU A 26 21.66 -33.91 -8.76
C GLU A 26 20.81 -33.31 -7.65
N HIS A 27 20.78 -31.98 -7.62
CA HIS A 27 20.01 -31.25 -6.65
C HIS A 27 18.54 -31.67 -6.65
N ASP A 28 18.00 -31.94 -7.83
CA ASP A 28 16.61 -32.34 -7.92
C ASP A 28 16.40 -33.68 -7.25
N ILE A 29 17.31 -34.61 -7.48
CA ILE A 29 17.22 -35.94 -6.87
C ILE A 29 17.16 -35.75 -5.36
N PHE A 30 18.05 -34.89 -4.86
CA PHE A 30 18.13 -34.60 -3.44
C PHE A 30 16.87 -33.93 -2.92
N ARG A 31 16.24 -33.14 -3.79
CA ARG A 31 15.03 -32.44 -3.39
C ARG A 31 13.92 -33.45 -3.18
N LYS A 32 13.83 -34.42 -4.10
CA LYS A 32 12.80 -35.43 -4.03
C LYS A 32 12.97 -36.21 -2.73
N SER A 33 14.22 -36.48 -2.38
CA SER A 33 14.53 -37.21 -1.18
C SER A 33 14.06 -36.44 0.05
N VAL A 34 14.44 -35.18 0.14
CA VAL A 34 14.08 -34.34 1.26
C VAL A 34 12.58 -34.09 1.33
N ARG A 35 11.92 -34.05 0.18
CA ARG A 35 10.49 -33.82 0.17
C ARG A 35 9.79 -35.00 0.78
N LYS A 36 10.08 -36.18 0.23
CA LYS A 36 9.48 -37.42 0.72
C LYS A 36 9.61 -37.46 2.23
N PHE A 37 10.75 -37.02 2.75
CA PHE A 37 10.98 -37.03 4.18
C PHE A 37 10.01 -36.19 5.01
N PHE A 38 9.63 -35.03 4.49
CA PHE A 38 8.70 -34.21 5.23
C PHE A 38 7.32 -34.80 5.04
N GLN A 39 7.04 -35.20 3.80
CA GLN A 39 5.77 -35.81 3.45
C GLN A 39 5.48 -36.96 4.40
N GLU A 40 6.49 -37.81 4.58
CA GLU A 40 6.41 -39.01 5.42
C GLU A 40 6.87 -38.93 6.86
N GLU A 41 7.91 -38.14 7.16
CA GLU A 41 8.42 -38.07 8.52
C GLU A 41 7.98 -36.91 9.41
N VAL A 42 7.53 -35.82 8.79
CA VAL A 42 7.13 -34.63 9.53
C VAL A 42 5.63 -34.33 9.51
N ILE A 43 5.11 -34.07 8.32
CA ILE A 43 3.70 -33.73 8.15
C ILE A 43 2.73 -34.62 8.96
N PRO A 44 2.81 -35.95 8.80
CA PRO A 44 1.94 -36.88 9.52
C PRO A 44 1.84 -36.71 11.04
N HIS A 45 2.89 -36.19 11.67
CA HIS A 45 2.94 -36.02 13.12
C HIS A 45 2.91 -34.57 13.65
N HIS A 46 2.88 -33.59 12.75
CA HIS A 46 2.91 -32.20 13.18
C HIS A 46 1.77 -31.72 14.10
N SER A 47 0.56 -32.20 13.89
CA SER A 47 -0.52 -31.75 14.74
C SER A 47 -0.23 -32.07 16.19
N GLU A 48 0.22 -33.29 16.45
CA GLU A 48 0.50 -33.71 17.81
C GLU A 48 1.67 -32.93 18.41
N TRP A 49 2.60 -32.47 17.58
CA TRP A 49 3.71 -31.69 18.13
C TRP A 49 3.18 -30.29 18.43
N GLU A 50 2.20 -29.85 17.65
CA GLU A 50 1.57 -28.55 17.87
C GLU A 50 0.97 -28.51 19.26
N LYS A 51 0.27 -29.56 19.65
CA LYS A 51 -0.35 -29.61 20.96
C LYS A 51 0.71 -29.69 22.02
N ALA A 52 1.76 -30.44 21.75
CA ALA A 52 2.84 -30.63 22.71
C ALA A 52 3.74 -29.42 22.86
N GLY A 53 3.85 -28.61 21.80
CA GLY A 53 4.71 -27.45 21.87
C GLY A 53 6.15 -27.76 21.58
N GLU A 54 6.35 -28.84 20.84
CA GLU A 54 7.69 -29.27 20.47
C GLU A 54 7.60 -30.56 19.70
N VAL A 55 8.59 -30.76 18.84
CA VAL A 55 8.68 -31.96 18.03
C VAL A 55 9.34 -33.03 18.89
N SER A 56 9.49 -34.21 18.33
CA SER A 56 10.12 -35.32 19.03
C SER A 56 11.63 -35.33 18.77
N ARG A 57 12.42 -35.88 19.69
CA ARG A 57 13.86 -35.95 19.46
C ARG A 57 14.08 -36.97 18.36
N GLU A 58 13.08 -37.83 18.19
CA GLU A 58 13.06 -38.88 17.18
C GLU A 58 12.99 -38.39 15.73
N VAL A 59 12.39 -37.22 15.50
CA VAL A 59 12.29 -36.71 14.14
C VAL A 59 13.64 -36.03 13.83
N TRP A 60 14.28 -35.53 14.88
CA TRP A 60 15.59 -34.91 14.74
C TRP A 60 16.51 -36.04 14.34
N GLU A 61 16.51 -37.10 15.13
CA GLU A 61 17.33 -38.27 14.88
C GLU A 61 17.06 -38.89 13.51
N LYS A 62 15.79 -38.99 13.12
CA LYS A 62 15.49 -39.55 11.82
C LYS A 62 16.03 -38.59 10.76
N ALA A 63 16.02 -37.31 11.08
CA ALA A 63 16.52 -36.31 10.15
C ALA A 63 18.03 -36.43 10.01
N GLY A 64 18.72 -36.63 11.12
CA GLY A 64 20.17 -36.76 11.10
C GLY A 64 20.68 -38.00 10.37
N LYS A 65 20.01 -39.14 10.58
CA LYS A 65 20.39 -40.38 9.94
C LYS A 65 20.13 -40.33 8.44
N GLN A 66 19.25 -39.44 8.00
CA GLN A 66 18.96 -39.34 6.58
C GLN A 66 19.64 -38.16 5.89
N GLY A 67 20.62 -37.58 6.57
CA GLY A 67 21.38 -36.48 6.02
C GLY A 67 20.72 -35.14 5.74
N LEU A 68 19.81 -34.68 6.59
CA LEU A 68 19.17 -33.38 6.39
C LEU A 68 19.77 -32.31 7.29
N LEU A 69 20.49 -32.74 8.32
CA LEU A 69 21.14 -31.83 9.25
C LEU A 69 22.60 -31.61 8.84
N GLY A 70 23.11 -30.40 9.05
CA GLY A 70 24.49 -30.06 8.72
C GLY A 70 24.90 -30.35 7.30
N VAL A 71 24.01 -30.08 6.35
CA VAL A 71 24.25 -30.34 4.95
C VAL A 71 25.34 -29.47 4.35
N ASN A 72 25.38 -28.19 4.71
CA ASN A 72 26.38 -27.30 4.15
C ASN A 72 27.61 -27.30 5.05
N ILE A 73 27.69 -28.27 5.95
CA ILE A 73 28.83 -28.39 6.85
C ILE A 73 29.84 -29.39 6.29
N ALA A 74 31.11 -29.02 6.37
CA ALA A 74 32.22 -29.83 5.87
C ALA A 74 32.14 -31.33 6.17
N GLU A 75 32.12 -32.12 5.11
CA GLU A 75 32.07 -33.57 5.22
C GLU A 75 33.14 -34.07 6.21
N HIS A 76 34.37 -33.64 6.00
CA HIS A 76 35.49 -34.05 6.85
C HIS A 76 35.40 -33.53 8.28
N LEU A 77 34.47 -32.63 8.56
CA LEU A 77 34.35 -32.11 9.92
C LEU A 77 33.17 -32.75 10.64
N GLY A 78 32.35 -33.48 9.89
CA GLY A 78 31.19 -34.12 10.48
C GLY A 78 29.90 -33.90 9.69
N GLY A 79 29.80 -32.79 8.96
CA GLY A 79 28.61 -32.51 8.17
C GLY A 79 28.52 -33.45 7.00
N ILE A 80 27.49 -33.27 6.15
CA ILE A 80 27.29 -34.16 4.97
C ILE A 80 28.11 -33.61 3.79
N GLY A 81 28.58 -32.36 3.90
CA GLY A 81 29.38 -31.71 2.85
C GLY A 81 28.71 -31.47 1.49
N GLY A 82 27.58 -30.76 1.47
CA GLY A 82 26.94 -30.32 0.22
C GLY A 82 27.12 -28.82 0.03
N ASP A 83 26.85 -28.32 -1.18
CA ASP A 83 26.99 -26.87 -1.50
C ASP A 83 25.80 -26.12 -0.86
N LEU A 84 25.91 -24.80 -0.76
CA LEU A 84 24.84 -24.01 -0.16
C LEU A 84 23.48 -24.44 -0.70
N TYR A 85 23.34 -24.48 -2.01
CA TYR A 85 22.09 -24.84 -2.66
C TYR A 85 21.38 -26.05 -2.10
N SER A 86 22.12 -27.05 -1.63
CA SER A 86 21.50 -28.25 -1.07
C SER A 86 20.95 -27.93 0.32
N ALA A 87 21.70 -27.11 1.04
CA ALA A 87 21.32 -26.70 2.38
C ALA A 87 20.00 -25.96 2.21
N ALA A 88 19.98 -25.05 1.25
CA ALA A 88 18.81 -24.25 0.96
C ALA A 88 17.63 -25.15 0.60
N ILE A 89 17.89 -26.21 -0.16
CA ILE A 89 16.83 -27.11 -0.55
C ILE A 89 16.11 -27.62 0.69
N VAL A 90 16.85 -27.95 1.73
CA VAL A 90 16.22 -28.44 2.93
C VAL A 90 15.37 -27.35 3.56
N TRP A 91 15.90 -26.12 3.57
CA TRP A 91 15.17 -24.97 4.11
C TRP A 91 13.82 -24.90 3.41
N GLU A 92 13.91 -24.75 2.09
CA GLU A 92 12.75 -24.64 1.23
C GLU A 92 11.71 -25.74 1.41
N GLU A 93 12.14 -26.99 1.39
CA GLU A 93 11.20 -28.08 1.55
C GLU A 93 10.46 -28.07 2.89
N GLN A 94 11.15 -27.70 3.96
CA GLN A 94 10.47 -27.63 5.24
C GLN A 94 9.35 -26.60 5.08
N ALA A 95 9.63 -25.54 4.34
CA ALA A 95 8.66 -24.49 4.10
C ALA A 95 7.51 -24.98 3.24
N TYR A 96 7.84 -25.73 2.19
CA TYR A 96 6.83 -26.26 1.29
C TYR A 96 5.87 -27.23 1.98
N SER A 97 6.32 -27.81 3.09
CA SER A 97 5.50 -28.77 3.86
C SER A 97 4.58 -28.03 4.83
N ASN A 98 4.85 -26.74 5.03
CA ASN A 98 4.08 -25.92 5.94
C ASN A 98 4.19 -26.46 7.37
N CYS A 99 5.38 -26.90 7.74
CA CYS A 99 5.62 -27.42 9.09
C CYS A 99 6.76 -26.62 9.76
N SER A 100 6.38 -25.62 10.53
CA SER A 100 7.36 -24.78 11.18
C SER A 100 7.78 -25.31 12.53
N GLY A 101 7.51 -26.60 12.76
CA GLY A 101 7.86 -27.20 14.04
C GLY A 101 9.32 -27.45 14.23
N PRO A 102 9.93 -28.31 13.39
CA PRO A 102 11.35 -28.68 13.46
C PRO A 102 12.30 -27.50 13.31
N GLY A 103 12.97 -27.11 14.39
CA GLY A 103 13.91 -26.02 14.34
C GLY A 103 15.21 -26.42 13.67
N PHE A 104 15.12 -27.12 12.54
CA PHE A 104 16.29 -27.58 11.79
C PHE A 104 17.19 -26.48 11.18
N SER A 105 16.60 -25.45 10.57
CA SER A 105 17.37 -24.38 9.95
C SER A 105 18.31 -23.65 10.90
N ILE A 106 17.82 -23.26 12.07
CA ILE A 106 18.72 -22.57 13.01
C ILE A 106 19.91 -23.48 13.37
N HIS A 107 19.60 -24.73 13.63
CA HIS A 107 20.57 -25.75 13.96
C HIS A 107 21.66 -25.94 12.89
N SER A 108 21.27 -26.37 11.69
CA SER A 108 22.24 -26.58 10.62
C SER A 108 22.75 -25.26 10.06
N GLY A 109 21.82 -24.37 9.73
CA GLY A 109 22.15 -23.10 9.14
C GLY A 109 22.86 -22.08 10.00
N ILE A 110 22.52 -21.98 11.29
CA ILE A 110 23.19 -20.99 12.13
C ILE A 110 24.23 -21.58 13.08
N VAL A 111 23.79 -22.22 14.15
CA VAL A 111 24.67 -22.79 15.15
C VAL A 111 25.88 -23.61 14.62
N MET A 112 25.62 -24.63 13.82
CA MET A 112 26.72 -25.43 13.29
C MET A 112 27.73 -24.62 12.45
N SER A 113 27.28 -23.52 11.84
CA SER A 113 28.18 -22.67 11.07
C SER A 113 29.08 -21.91 12.04
N TYR A 114 28.50 -21.42 13.13
CA TYR A 114 29.28 -20.66 14.12
C TYR A 114 30.41 -21.52 14.62
N ILE A 115 30.08 -22.71 15.09
CA ILE A 115 31.08 -23.64 15.59
C ILE A 115 32.16 -23.93 14.53
N THR A 116 31.83 -24.58 13.42
CA THR A 116 32.86 -24.87 12.41
C THR A 116 33.61 -23.65 11.88
N ASN A 117 33.04 -22.46 12.04
CA ASN A 117 33.70 -21.25 11.57
C ASN A 117 34.69 -20.63 12.54
N HIS A 118 34.28 -20.53 13.80
CA HIS A 118 35.13 -19.90 14.78
C HIS A 118 35.52 -20.79 15.94
N GLY A 119 35.11 -22.05 15.89
CA GLY A 119 35.43 -22.97 16.95
C GLY A 119 36.75 -23.67 16.70
N SER A 120 37.33 -24.21 17.76
CA SER A 120 38.60 -24.93 17.71
C SER A 120 38.39 -26.30 17.06
N GLU A 121 39.45 -27.10 17.04
CA GLU A 121 39.38 -28.44 16.47
C GLU A 121 38.72 -29.37 17.47
N GLU A 122 38.96 -29.11 18.76
CA GLU A 122 38.39 -29.92 19.84
C GLU A 122 36.88 -29.69 19.89
N GLN A 123 36.47 -28.44 19.72
CA GLN A 123 35.06 -28.10 19.73
C GLN A 123 34.39 -28.75 18.54
N ILE A 124 34.94 -28.53 17.35
CA ILE A 124 34.36 -29.12 16.16
C ILE A 124 34.14 -30.60 16.33
N LYS A 125 35.19 -31.33 16.72
CA LYS A 125 35.08 -32.78 16.89
C LYS A 125 34.07 -33.18 17.96
N HIS A 126 33.98 -32.38 19.03
CA HIS A 126 33.06 -32.67 20.14
C HIS A 126 31.59 -32.41 19.84
N PHE A 127 31.30 -31.49 18.91
CA PHE A 127 29.91 -31.17 18.60
C PHE A 127 29.28 -31.44 17.25
N ILE A 128 30.02 -31.13 16.19
CA ILE A 128 29.48 -31.30 14.84
C ILE A 128 28.94 -32.71 14.61
N PRO A 129 29.79 -33.78 14.77
CA PRO A 129 29.16 -35.08 14.46
C PRO A 129 27.88 -35.38 15.25
N GLN A 130 27.76 -34.97 16.50
CA GLN A 130 26.52 -35.20 17.25
C GLN A 130 25.37 -34.44 16.60
N MET A 131 25.63 -33.15 16.32
CA MET A 131 24.67 -32.27 15.71
C MET A 131 24.21 -32.72 14.34
N THR A 132 25.10 -33.30 13.54
CA THR A 132 24.68 -33.76 12.22
C THR A 132 23.89 -35.06 12.40
N ALA A 133 24.00 -35.62 13.59
CA ALA A 133 23.33 -36.87 13.94
C ALA A 133 22.00 -36.61 14.66
N GLY A 134 21.66 -35.34 14.82
CA GLY A 134 20.40 -35.00 15.48
C GLY A 134 20.32 -35.51 16.90
N LYS A 135 21.47 -35.83 17.49
CA LYS A 135 21.48 -36.31 18.86
C LYS A 135 21.89 -35.16 19.76
N CYS A 136 22.33 -34.08 19.14
CA CYS A 136 22.72 -32.88 19.85
C CYS A 136 22.03 -31.73 19.12
N ILE A 137 21.03 -31.13 19.78
CA ILE A 137 20.26 -30.05 19.19
C ILE A 137 20.80 -28.69 19.55
N GLY A 138 20.94 -27.83 18.54
CA GLY A 138 21.49 -26.51 18.77
C GLY A 138 20.50 -25.37 18.80
N ALA A 139 20.87 -24.33 19.52
CA ALA A 139 20.00 -23.18 19.66
C ALA A 139 20.89 -21.97 19.91
N ILE A 140 20.60 -20.85 19.27
CA ILE A 140 21.42 -19.67 19.50
C ILE A 140 20.61 -18.77 20.41
N ALA A 141 21.30 -18.04 21.28
CA ALA A 141 20.62 -17.21 22.26
C ALA A 141 21.29 -15.88 22.57
N MET A 142 20.89 -14.81 21.87
CA MET A 142 21.50 -13.51 22.12
C MET A 142 20.50 -12.46 22.55
N THR A 143 19.23 -12.65 22.23
CA THR A 143 18.20 -11.67 22.59
C THR A 143 17.80 -11.79 24.05
N GLU A 144 17.55 -10.66 24.70
CA GLU A 144 17.17 -10.67 26.11
C GLU A 144 15.91 -9.87 26.38
N PRO A 145 15.27 -10.08 27.55
CA PRO A 145 14.04 -9.38 27.93
C PRO A 145 14.07 -7.86 27.70
N GLY A 146 15.26 -7.28 27.73
CA GLY A 146 15.39 -5.84 27.53
C GLY A 146 16.23 -5.43 26.34
N ALA A 147 16.78 -6.40 25.62
CA ALA A 147 17.63 -6.06 24.47
C ALA A 147 17.51 -7.03 23.30
N GLY A 148 16.91 -6.55 22.21
CA GLY A 148 16.93 -7.30 20.96
C GLY A 148 17.51 -6.69 19.72
N SER A 149 16.90 -5.61 19.25
CA SER A 149 17.37 -4.91 18.07
C SER A 149 18.68 -4.30 18.48
N ASP A 150 18.73 -3.82 19.72
CA ASP A 150 19.91 -3.19 20.26
C ASP A 150 20.85 -4.25 20.83
N LEU A 151 21.38 -5.11 19.96
CA LEU A 151 22.28 -6.18 20.38
C LEU A 151 23.44 -5.70 21.26
N GLN A 152 23.74 -4.40 21.19
CA GLN A 152 24.81 -3.85 22.01
C GLN A 152 24.29 -3.40 23.37
N GLY A 153 23.10 -3.86 23.76
CA GLY A 153 22.55 -3.44 25.04
C GLY A 153 22.28 -4.54 26.03
N ILE A 154 22.84 -5.73 25.76
CA ILE A 154 22.64 -6.89 26.62
C ILE A 154 23.40 -6.82 27.94
N LYS A 155 22.90 -7.51 28.96
CA LYS A 155 23.53 -7.52 30.26
C LYS A 155 24.18 -8.85 30.58
N THR A 156 23.71 -9.93 29.96
CA THR A 156 24.30 -11.25 30.21
C THR A 156 25.81 -11.08 30.18
N ASN A 157 26.50 -11.62 31.19
CA ASN A 157 27.96 -11.49 31.26
C ASN A 157 28.72 -12.65 31.89
N ALA A 158 30.03 -12.62 31.68
CA ALA A 158 30.95 -13.63 32.21
C ALA A 158 32.23 -12.92 32.64
N LYS A 159 32.70 -13.24 33.83
CA LYS A 159 33.91 -12.64 34.38
C LYS A 159 34.84 -13.79 34.66
N LYS A 160 36.12 -13.62 34.36
CA LYS A 160 37.04 -14.72 34.59
C LYS A 160 37.29 -15.07 36.06
N ASP A 161 37.68 -16.31 36.26
CA ASP A 161 37.94 -16.88 37.57
C ASP A 161 38.86 -18.06 37.29
N GLY A 162 40.16 -17.80 37.34
CA GLY A 162 41.10 -18.86 37.02
C GLY A 162 40.97 -19.02 35.53
N SER A 163 40.93 -20.26 35.05
CA SER A 163 40.78 -20.50 33.62
C SER A 163 39.31 -20.86 33.35
N ASP A 164 38.45 -20.47 34.30
CA ASP A 164 37.01 -20.72 34.16
C ASP A 164 36.30 -19.40 33.96
N TRP A 165 35.07 -19.47 33.44
CA TRP A 165 34.27 -18.26 33.25
C TRP A 165 33.01 -18.39 34.11
N ILE A 166 32.55 -17.27 34.67
CA ILE A 166 31.34 -17.28 35.50
C ILE A 166 30.25 -16.58 34.72
N LEU A 167 29.38 -17.39 34.12
CA LEU A 167 28.26 -16.91 33.30
C LEU A 167 27.00 -16.64 34.10
N ASN A 168 26.46 -15.44 33.92
CA ASN A 168 25.24 -15.01 34.60
C ASN A 168 24.37 -14.23 33.65
N GLY A 169 23.06 -14.49 33.71
CA GLY A 169 22.14 -13.77 32.85
C GLY A 169 20.94 -14.58 32.44
N SER A 170 20.18 -14.04 31.49
CA SER A 170 18.99 -14.69 30.96
C SER A 170 18.80 -14.24 29.52
N LYS A 171 18.25 -15.13 28.68
CA LYS A 171 17.99 -14.84 27.28
C LYS A 171 16.55 -15.24 26.98
N VAL A 172 15.84 -14.44 26.18
CA VAL A 172 14.45 -14.75 25.84
C VAL A 172 14.25 -15.03 24.34
N PHE A 173 13.14 -15.69 24.02
CA PHE A 173 12.77 -16.06 22.64
C PHE A 173 13.81 -16.98 22.04
N ILE A 174 14.24 -18.02 22.76
CA ILE A 174 15.25 -18.90 22.20
C ILE A 174 14.63 -20.09 21.50
N SER A 175 14.66 -20.09 20.17
CA SER A 175 14.12 -21.21 19.40
C SER A 175 14.88 -22.50 19.76
N ASN A 176 14.18 -23.62 19.75
CA ASN A 176 14.77 -24.89 20.14
C ASN A 176 15.17 -24.80 21.63
N GLY A 177 14.80 -23.70 22.28
CA GLY A 177 15.16 -23.55 23.68
C GLY A 177 14.85 -24.75 24.57
N SER A 178 13.77 -25.46 24.26
CA SER A 178 13.36 -26.58 25.07
C SER A 178 14.16 -27.85 24.80
N LEU A 179 14.35 -28.17 23.52
CA LEU A 179 15.07 -29.36 23.12
C LEU A 179 16.60 -29.22 22.97
N SER A 180 17.13 -28.03 23.24
CA SER A 180 18.57 -27.78 23.10
C SER A 180 19.52 -28.53 24.05
N ASP A 181 20.65 -28.96 23.50
CA ASP A 181 21.68 -29.68 24.24
C ASP A 181 22.91 -28.78 24.31
N VAL A 182 23.02 -27.85 23.37
CA VAL A 182 24.11 -26.90 23.32
C VAL A 182 23.54 -25.56 22.90
N VAL A 183 23.94 -24.48 23.57
CA VAL A 183 23.42 -23.17 23.23
C VAL A 183 24.52 -22.11 23.15
N ILE A 184 24.64 -21.48 21.99
CA ILE A 184 25.63 -20.42 21.81
C ILE A 184 25.02 -19.17 22.47
N VAL A 185 25.60 -18.78 23.60
CA VAL A 185 25.12 -17.63 24.36
C VAL A 185 25.98 -16.40 24.23
N VAL A 186 25.39 -15.33 23.70
CA VAL A 186 26.09 -14.08 23.55
C VAL A 186 26.16 -13.43 24.93
N ALA A 187 27.37 -13.09 25.37
CA ALA A 187 27.57 -12.49 26.69
C ALA A 187 28.70 -11.47 26.71
N VAL A 188 28.57 -10.47 27.59
CA VAL A 188 29.59 -9.43 27.74
C VAL A 188 30.75 -9.96 28.58
N THR A 189 31.98 -9.82 28.09
CA THR A 189 33.16 -10.27 28.82
C THR A 189 34.09 -9.12 29.19
N ASN A 190 33.74 -7.91 28.75
CA ASN A 190 34.56 -6.74 29.05
C ASN A 190 33.73 -5.46 29.08
N HIS A 191 33.35 -5.06 30.29
CA HIS A 191 32.54 -3.86 30.53
C HIS A 191 33.27 -2.56 30.29
N GLU A 192 34.59 -2.61 30.27
CA GLU A 192 35.40 -1.41 30.09
C GLU A 192 35.82 -1.09 28.66
N ALA A 193 35.21 -1.79 27.70
CA ALA A 193 35.52 -1.56 26.29
C ALA A 193 34.86 -0.25 25.84
N PRO A 194 35.45 0.45 24.80
CA PRO A 194 34.78 1.73 24.47
C PRO A 194 33.33 1.55 24.07
N SER A 195 33.06 0.70 23.09
CA SER A 195 31.66 0.43 22.76
C SER A 195 31.45 -1.06 23.03
N PRO A 196 30.31 -1.43 23.73
CA PRO A 196 30.22 -2.88 24.00
C PRO A 196 30.41 -3.78 22.80
N ALA A 197 30.39 -3.23 21.60
CA ALA A 197 30.66 -4.04 20.42
C ALA A 197 32.01 -4.78 20.47
N HIS A 198 32.93 -4.28 21.27
CA HIS A 198 34.24 -4.90 21.39
C HIS A 198 34.42 -5.70 22.68
N GLY A 199 33.40 -5.70 23.53
CA GLY A 199 33.51 -6.42 24.79
C GLY A 199 32.62 -7.64 24.90
N ILE A 200 32.23 -8.21 23.76
CA ILE A 200 31.35 -9.38 23.75
C ILE A 200 32.05 -10.69 23.36
N SER A 201 31.51 -11.80 23.82
CA SER A 201 32.09 -13.11 23.51
C SER A 201 30.98 -14.18 23.38
N LEU A 202 31.34 -15.30 22.76
CA LEU A 202 30.40 -16.39 22.55
C LEU A 202 30.72 -17.53 23.50
N PHE A 203 29.68 -18.20 23.99
CA PHE A 203 29.89 -19.31 24.90
C PHE A 203 29.04 -20.51 24.58
N LEU A 204 29.67 -21.68 24.56
CA LEU A 204 28.99 -22.94 24.31
C LEU A 204 28.50 -23.54 25.63
N VAL A 205 27.31 -23.12 26.06
CA VAL A 205 26.70 -23.64 27.27
C VAL A 205 26.11 -24.99 26.90
N GLU A 206 26.26 -25.96 27.78
CA GLU A 206 25.76 -27.30 27.51
C GLU A 206 24.67 -27.75 28.47
N ASN A 207 23.67 -28.43 27.91
CA ASN A 207 22.56 -28.91 28.70
C ASN A 207 23.12 -29.73 29.86
N GLY A 208 22.75 -29.36 31.08
CA GLY A 208 23.25 -30.10 32.23
C GLY A 208 24.17 -29.34 33.16
N MET A 209 24.84 -28.31 32.66
CA MET A 209 25.73 -27.52 33.51
C MET A 209 24.96 -26.89 34.68
N LYS A 210 25.56 -26.92 35.87
CA LYS A 210 24.94 -26.34 37.05
C LYS A 210 24.71 -24.84 36.87
N GLY A 211 23.51 -24.39 37.21
CA GLY A 211 23.20 -22.98 37.07
C GLY A 211 22.54 -22.67 35.74
N PHE A 212 22.41 -23.69 34.90
CA PHE A 212 21.77 -23.52 33.59
C PHE A 212 20.34 -24.03 33.63
N ILE A 213 19.39 -23.11 33.76
CA ILE A 213 17.98 -23.48 33.84
C ILE A 213 17.15 -23.09 32.62
N LYS A 214 16.35 -24.05 32.15
CA LYS A 214 15.48 -23.84 31.01
C LYS A 214 14.14 -23.33 31.53
N GLY A 215 13.74 -22.16 31.08
CA GLY A 215 12.50 -21.57 31.54
C GLY A 215 11.22 -22.03 30.88
N ARG A 216 10.16 -21.29 31.18
CA ARG A 216 8.82 -21.57 30.65
C ARG A 216 8.74 -21.60 29.12
N LYS A 217 8.26 -22.71 28.57
CA LYS A 217 8.10 -22.80 27.12
C LYS A 217 6.95 -21.83 26.74
N LEU A 218 7.33 -20.75 26.05
CA LEU A 218 6.44 -19.65 25.62
C LEU A 218 5.20 -19.90 24.75
N HIS A 219 4.11 -19.23 25.12
CA HIS A 219 2.83 -19.33 24.41
C HIS A 219 2.82 -18.22 23.35
N LYS A 220 2.76 -18.62 22.07
CA LYS A 220 2.76 -17.64 20.98
C LYS A 220 1.52 -17.75 20.10
N MET A 221 1.36 -16.81 19.18
CA MET A 221 0.23 -16.85 18.27
C MET A 221 0.53 -17.82 17.14
N GLY A 222 1.81 -18.17 17.01
CA GLY A 222 2.23 -19.08 15.96
C GLY A 222 3.39 -19.98 16.35
N LEU A 223 3.96 -20.70 15.39
CA LEU A 223 5.07 -21.62 15.67
C LEU A 223 4.69 -22.45 16.89
N LYS A 224 3.43 -22.88 16.90
CA LYS A 224 2.91 -23.64 18.01
C LYS A 224 3.76 -24.86 18.33
N ALA A 225 4.41 -25.43 17.33
CA ALA A 225 5.25 -26.62 17.53
C ALA A 225 6.76 -26.33 17.54
N GLN A 226 7.12 -25.07 17.72
CA GLN A 226 8.51 -24.66 17.79
C GLN A 226 8.59 -24.37 19.29
N ASP A 227 9.51 -25.03 19.96
CA ASP A 227 9.72 -24.91 21.40
C ASP A 227 10.56 -23.69 21.73
N THR A 228 9.97 -22.51 21.56
CA THR A 228 10.63 -21.27 21.86
C THR A 228 10.54 -21.06 23.37
N ALA A 229 11.67 -20.75 24.01
CA ALA A 229 11.66 -20.58 25.47
C ALA A 229 12.58 -19.50 26.03
N GLU A 230 12.55 -19.41 27.36
CA GLU A 230 13.34 -18.43 28.10
C GLU A 230 14.47 -19.21 28.77
N LEU A 231 15.69 -18.65 28.78
CA LEU A 231 16.84 -19.33 29.37
C LEU A 231 17.49 -18.54 30.50
N PHE A 232 18.03 -19.28 31.47
CA PHE A 232 18.69 -18.69 32.62
C PHE A 232 20.09 -19.25 32.91
N PHE A 233 20.98 -18.38 33.32
CA PHE A 233 22.35 -18.75 33.65
C PHE A 233 22.65 -18.10 34.98
N GLU A 234 22.67 -18.92 36.04
CA GLU A 234 22.96 -18.41 37.37
C GLU A 234 24.31 -18.89 37.84
N ASP A 235 25.27 -17.98 37.81
CA ASP A 235 26.65 -18.26 38.23
C ASP A 235 27.19 -19.59 37.74
N ILE A 236 27.27 -19.76 36.42
CA ILE A 236 27.79 -21.00 35.86
C ILE A 236 29.30 -20.98 35.75
N ARG A 237 29.93 -22.08 36.16
CA ARG A 237 31.37 -22.22 36.10
C ARG A 237 31.68 -22.87 34.77
N LEU A 238 32.13 -22.06 33.82
CA LEU A 238 32.45 -22.57 32.49
C LEU A 238 33.95 -22.86 32.40
N PRO A 239 34.31 -24.05 31.82
CA PRO A 239 35.76 -24.22 31.72
C PRO A 239 36.29 -23.36 30.59
N ALA A 240 37.53 -23.60 30.22
CA ALA A 240 38.12 -22.72 29.23
C ALA A 240 37.59 -23.09 27.85
N SER A 241 37.44 -24.40 27.62
CA SER A 241 36.97 -24.92 26.34
C SER A 241 35.64 -24.32 25.92
N ALA A 242 34.81 -24.01 26.90
CA ALA A 242 33.50 -23.44 26.64
C ALA A 242 33.54 -22.22 25.72
N LEU A 243 34.55 -21.37 25.86
CA LEU A 243 34.65 -20.17 25.04
C LEU A 243 34.79 -20.44 23.54
N LEU A 244 33.80 -20.00 22.77
CA LEU A 244 33.81 -20.18 21.31
C LEU A 244 34.44 -18.98 20.63
N GLY A 245 35.56 -19.24 19.96
CA GLY A 245 36.28 -18.19 19.27
C GLY A 245 37.20 -17.50 20.26
N GLU A 246 37.50 -16.24 20.02
CA GLU A 246 38.36 -15.49 20.91
C GLU A 246 37.59 -14.48 21.73
N GLU A 247 38.03 -14.27 22.95
CA GLU A 247 37.41 -13.31 23.86
C GLU A 247 37.24 -11.93 23.23
N ASN A 248 36.15 -11.26 23.56
CA ASN A 248 35.85 -9.92 23.06
C ASN A 248 35.71 -9.75 21.54
N LYS A 249 35.83 -10.84 20.80
CA LYS A 249 35.70 -10.79 19.35
C LYS A 249 34.35 -11.42 18.99
N GLY A 250 33.42 -11.39 19.94
CA GLY A 250 32.10 -11.96 19.75
C GLY A 250 31.21 -11.19 18.79
N PHE A 251 30.97 -9.93 19.08
CA PHE A 251 30.14 -9.11 18.21
C PHE A 251 30.64 -9.19 16.78
N TYR A 252 31.94 -9.41 16.62
CA TYR A 252 32.52 -9.49 15.29
C TYR A 252 32.10 -10.76 14.58
N TYR A 253 32.23 -11.90 15.26
CA TYR A 253 31.86 -13.16 14.65
C TYR A 253 30.40 -13.16 14.22
N ILE A 254 29.58 -12.46 15.00
CA ILE A 254 28.16 -12.35 14.73
C ILE A 254 27.86 -11.55 13.46
N MET A 255 28.35 -10.32 13.39
CA MET A 255 28.10 -9.50 12.20
C MET A 255 28.63 -10.22 10.97
N LYS A 256 29.48 -11.23 11.16
CA LYS A 256 30.00 -11.94 10.02
C LYS A 256 29.06 -13.08 9.59
N GLU A 257 28.26 -13.57 10.54
CA GLU A 257 27.32 -14.65 10.29
C GLU A 257 25.90 -14.18 9.90
N LEU A 258 25.54 -12.98 10.34
CA LEU A 258 24.20 -12.47 10.09
C LEU A 258 23.76 -12.64 8.65
N PRO A 259 24.62 -12.31 7.69
CA PRO A 259 24.19 -12.45 6.30
C PRO A 259 23.54 -13.78 5.98
N GLN A 260 24.09 -14.87 6.51
CA GLN A 260 23.52 -16.17 6.25
C GLN A 260 22.17 -16.36 6.98
N GLU A 261 22.03 -15.74 8.14
CA GLU A 261 20.81 -15.81 8.95
C GLU A 261 19.63 -15.18 8.19
N ARG A 262 19.91 -14.02 7.60
CA ARG A 262 18.92 -13.27 6.87
C ARG A 262 18.62 -13.88 5.51
N LEU A 263 19.64 -14.39 4.84
CA LEU A 263 19.44 -15.02 3.54
C LEU A 263 18.54 -16.23 3.75
N LEU A 264 18.83 -17.01 4.78
CA LEU A 264 18.03 -18.17 5.07
C LEU A 264 16.57 -17.75 5.34
N ILE A 265 16.38 -16.77 6.23
CA ILE A 265 15.04 -16.28 6.52
C ILE A 265 14.34 -15.84 5.22
N ALA A 266 15.08 -15.16 4.34
CA ALA A 266 14.53 -14.68 3.07
C ALA A 266 14.01 -15.80 2.20
N ASP A 267 14.77 -16.88 2.09
CA ASP A 267 14.37 -18.01 1.28
C ASP A 267 13.18 -18.73 1.90
N VAL A 268 13.23 -18.95 3.22
CA VAL A 268 12.11 -19.59 3.89
C VAL A 268 10.87 -18.78 3.59
N ALA A 269 10.96 -17.47 3.80
CA ALA A 269 9.85 -16.55 3.55
C ALA A 269 9.24 -16.67 2.17
N ILE A 270 10.05 -16.49 1.14
CA ILE A 270 9.51 -16.59 -0.20
C ILE A 270 9.04 -18.00 -0.50
N SER A 271 9.70 -19.00 0.06
CA SER A 271 9.28 -20.37 -0.22
C SER A 271 7.90 -20.60 0.39
N ALA A 272 7.66 -20.02 1.56
CA ALA A 272 6.36 -20.14 2.23
C ALA A 272 5.29 -19.45 1.38
N SER A 273 5.71 -18.41 0.67
CA SER A 273 4.83 -17.63 -0.16
C SER A 273 4.43 -18.42 -1.39
N GLU A 274 5.33 -19.29 -1.85
CA GLU A 274 5.07 -20.15 -3.00
C GLU A 274 4.11 -21.24 -2.59
N PHE A 275 4.31 -21.76 -1.39
CA PHE A 275 3.43 -22.79 -0.88
C PHE A 275 2.02 -22.25 -0.78
N MET A 276 1.87 -21.08 -0.15
CA MET A 276 0.56 -20.48 0.04
C MET A 276 -0.11 -20.14 -1.27
N PHE A 277 0.66 -19.75 -2.26
CA PHE A 277 0.07 -19.42 -3.53
C PHE A 277 -0.64 -20.64 -4.08
N GLU A 278 0.10 -21.73 -4.20
CA GLU A 278 -0.41 -22.96 -4.75
C GLU A 278 -1.52 -23.64 -3.94
N GLU A 279 -1.53 -23.44 -2.64
CA GLU A 279 -2.58 -24.03 -1.81
C GLU A 279 -3.86 -23.28 -2.14
N THR A 280 -3.73 -21.96 -2.25
CA THR A 280 -4.84 -21.07 -2.54
C THR A 280 -5.29 -21.14 -3.99
N ARG A 281 -4.34 -21.22 -4.90
CA ARG A 281 -4.74 -21.31 -6.29
C ARG A 281 -5.66 -22.54 -6.42
N ASN A 282 -5.17 -23.67 -5.92
CA ASN A 282 -5.92 -24.90 -6.00
C ASN A 282 -7.22 -24.81 -5.22
N TYR A 283 -7.28 -24.00 -4.19
CA TYR A 283 -8.50 -23.91 -3.43
C TYR A 283 -9.57 -23.13 -4.18
N VAL A 284 -9.21 -21.94 -4.68
CA VAL A 284 -10.17 -21.13 -5.41
C VAL A 284 -10.66 -21.79 -6.66
N LYS A 285 -9.86 -22.70 -7.22
CA LYS A 285 -10.24 -23.40 -8.43
C LYS A 285 -11.25 -24.53 -8.16
N GLN A 286 -11.32 -25.01 -6.93
CA GLN A 286 -12.25 -26.09 -6.64
C GLN A 286 -13.43 -25.64 -5.81
N ARG A 287 -13.54 -24.33 -5.62
CA ARG A 287 -14.63 -23.77 -4.83
C ARG A 287 -15.77 -23.20 -5.68
N LYS A 288 -16.98 -23.66 -5.42
CA LYS A 288 -18.18 -23.23 -6.15
C LYS A 288 -18.92 -22.14 -5.42
N ALA A 289 -19.35 -21.12 -6.15
CA ALA A 289 -20.11 -20.01 -5.59
C ALA A 289 -20.76 -19.27 -6.76
N PHE A 290 -22.06 -19.05 -6.67
CA PHE A 290 -22.82 -18.37 -7.72
C PHE A 290 -22.87 -19.14 -9.04
N GLY A 291 -22.57 -20.44 -9.02
CA GLY A 291 -22.63 -21.24 -10.24
C GLY A 291 -21.33 -21.52 -10.97
N LYS A 292 -20.33 -20.67 -10.75
CA LYS A 292 -19.01 -20.81 -11.36
C LYS A 292 -18.00 -21.01 -10.24
N THR A 293 -16.77 -21.42 -10.57
CA THR A 293 -15.76 -21.57 -9.54
C THR A 293 -15.31 -20.13 -9.22
N VAL A 294 -14.76 -19.90 -8.03
CA VAL A 294 -14.32 -18.55 -7.66
C VAL A 294 -13.12 -18.12 -8.48
N ALA A 295 -12.30 -19.07 -8.89
CA ALA A 295 -11.12 -18.77 -9.72
C ALA A 295 -11.55 -17.98 -10.95
N HIS A 296 -12.80 -18.16 -11.35
CA HIS A 296 -13.37 -17.50 -12.52
C HIS A 296 -13.70 -16.03 -12.31
N LEU A 297 -13.92 -15.63 -11.07
CA LEU A 297 -14.22 -14.25 -10.82
C LEU A 297 -13.02 -13.43 -11.24
N GLN A 298 -13.24 -12.40 -12.05
CA GLN A 298 -12.15 -11.57 -12.53
C GLN A 298 -11.33 -10.91 -11.42
N THR A 299 -11.97 -10.49 -10.32
CA THR A 299 -11.20 -9.86 -9.26
C THR A 299 -10.25 -10.87 -8.67
N VAL A 300 -10.69 -12.12 -8.58
CA VAL A 300 -9.84 -13.17 -8.04
C VAL A 300 -8.64 -13.47 -8.94
N GLN A 301 -8.84 -13.40 -10.25
CA GLN A 301 -7.75 -13.69 -11.17
C GLN A 301 -6.70 -12.60 -11.09
N HIS A 302 -7.12 -11.35 -10.98
CA HIS A 302 -6.15 -10.28 -10.90
C HIS A 302 -5.41 -10.32 -9.60
N LYS A 303 -6.11 -10.56 -8.50
CA LYS A 303 -5.44 -10.64 -7.22
C LYS A 303 -4.42 -11.78 -7.32
N LEU A 304 -4.81 -12.90 -7.94
CA LEU A 304 -3.89 -14.04 -8.06
C LEU A 304 -2.71 -13.72 -8.97
N ALA A 305 -2.99 -12.92 -10.00
CA ALA A 305 -1.97 -12.52 -10.95
C ALA A 305 -0.98 -11.60 -10.26
N GLU A 306 -1.49 -10.76 -9.36
CA GLU A 306 -0.64 -9.85 -8.63
C GLU A 306 0.29 -10.66 -7.76
N LEU A 307 -0.31 -11.49 -6.89
CA LEU A 307 0.43 -12.35 -5.99
C LEU A 307 1.53 -13.12 -6.70
N LYS A 308 1.18 -13.78 -7.80
CA LYS A 308 2.14 -14.57 -8.54
C LYS A 308 3.30 -13.74 -9.05
N THR A 309 2.99 -12.65 -9.74
CA THR A 309 4.04 -11.78 -10.26
C THR A 309 4.98 -11.34 -9.13
N HIS A 310 4.42 -10.83 -8.05
CA HIS A 310 5.23 -10.37 -6.92
C HIS A 310 6.04 -11.52 -6.31
N ILE A 311 5.47 -12.72 -6.24
CA ILE A 311 6.19 -13.88 -5.70
C ILE A 311 7.31 -14.33 -6.66
N CYS A 312 7.03 -14.32 -7.95
CA CYS A 312 8.02 -14.74 -8.92
C CYS A 312 9.18 -13.76 -8.97
N VAL A 313 8.86 -12.48 -8.76
CA VAL A 313 9.83 -11.41 -8.78
C VAL A 313 10.78 -11.45 -7.58
N THR A 314 10.25 -11.83 -6.43
CA THR A 314 11.08 -11.88 -5.25
C THR A 314 11.94 -13.13 -5.34
N ARG A 315 11.34 -14.26 -5.71
CA ARG A 315 12.11 -15.51 -5.87
C ARG A 315 13.35 -15.24 -6.76
N ALA A 316 13.15 -14.45 -7.82
CA ALA A 316 14.22 -14.09 -8.72
C ALA A 316 15.33 -13.38 -7.97
N PHE A 317 14.96 -12.51 -7.04
CA PHE A 317 15.97 -11.82 -6.30
C PHE A 317 16.67 -12.78 -5.33
N VAL A 318 15.88 -13.57 -4.60
CA VAL A 318 16.44 -14.50 -3.64
C VAL A 318 17.38 -15.54 -4.23
N ASP A 319 17.02 -16.16 -5.34
CA ASP A 319 17.91 -17.15 -5.90
C ASP A 319 19.22 -16.47 -6.28
N ASN A 320 19.12 -15.26 -6.79
CA ASN A 320 20.27 -14.47 -7.18
C ASN A 320 21.15 -14.25 -5.96
N CYS A 321 20.53 -14.25 -4.79
CA CYS A 321 21.24 -14.04 -3.53
C CYS A 321 21.88 -15.29 -3.02
N LEU A 322 21.29 -16.43 -3.37
CA LEU A 322 21.82 -17.71 -2.97
C LEU A 322 23.05 -17.94 -3.81
N GLN A 323 22.97 -17.57 -5.09
CA GLN A 323 24.09 -17.73 -6.01
C GLN A 323 25.26 -16.94 -5.50
N LEU A 324 24.99 -15.71 -5.06
CA LEU A 324 26.03 -14.84 -4.54
C LEU A 324 26.64 -15.39 -3.27
N HIS A 325 25.81 -15.97 -2.42
CA HIS A 325 26.32 -16.51 -1.16
C HIS A 325 27.20 -17.74 -1.40
N GLU A 326 26.80 -18.61 -2.33
CA GLU A 326 27.59 -19.80 -2.60
C GLU A 326 28.99 -19.36 -3.00
N ALA A 327 29.08 -18.24 -3.68
CA ALA A 327 30.35 -17.71 -4.12
C ALA A 327 30.98 -16.87 -3.03
N LYS A 328 30.34 -16.85 -1.87
CA LYS A 328 30.83 -16.07 -0.74
C LYS A 328 30.93 -14.59 -1.08
N ARG A 329 30.04 -14.12 -1.94
CA ARG A 329 30.09 -12.73 -2.29
C ARG A 329 28.74 -12.05 -2.11
N LEU A 330 28.10 -12.39 -0.99
CA LEU A 330 26.82 -11.81 -0.60
C LEU A 330 27.09 -10.87 0.59
N ASP A 331 26.96 -9.56 0.41
CA ASP A 331 27.22 -8.63 1.51
C ASP A 331 26.08 -8.48 2.52
N SER A 332 26.35 -7.72 3.57
CA SER A 332 25.37 -7.48 4.62
C SER A 332 24.11 -6.80 4.11
N ALA A 333 24.27 -5.74 3.35
CA ALA A 333 23.14 -4.98 2.83
C ALA A 333 22.21 -5.76 1.89
N THR A 334 22.79 -6.52 0.95
CA THR A 334 21.99 -7.30 0.01
C THR A 334 21.17 -8.33 0.76
N ALA A 335 21.81 -9.03 1.69
CA ALA A 335 21.15 -10.04 2.47
C ALA A 335 19.94 -9.42 3.16
N CYS A 336 20.14 -8.23 3.71
CA CYS A 336 19.07 -7.52 4.39
C CYS A 336 17.89 -7.18 3.47
N MET A 337 18.19 -6.71 2.27
CA MET A 337 17.13 -6.37 1.33
C MET A 337 16.27 -7.61 1.12
N ALA A 338 16.92 -8.77 1.05
CA ALA A 338 16.26 -10.04 0.82
C ALA A 338 15.41 -10.48 1.99
N LYS A 339 15.95 -10.40 3.20
CA LYS A 339 15.22 -10.80 4.40
C LYS A 339 13.99 -9.90 4.49
N TYR A 340 14.25 -8.60 4.40
CA TYR A 340 13.20 -7.62 4.47
C TYR A 340 12.12 -7.86 3.42
N TRP A 341 12.41 -7.68 2.15
CA TRP A 341 11.37 -7.85 1.15
C TRP A 341 10.58 -9.17 1.25
N ALA A 342 11.27 -10.29 1.33
CA ALA A 342 10.56 -11.55 1.40
C ALA A 342 9.64 -11.70 2.62
N SER A 343 10.14 -11.44 3.81
CA SER A 343 9.30 -11.61 4.99
C SER A 343 8.08 -10.72 4.94
N GLU A 344 8.23 -9.57 4.31
CA GLU A 344 7.12 -8.66 4.23
C GLU A 344 6.12 -9.24 3.26
N LEU A 345 6.62 -9.68 2.10
CA LEU A 345 5.76 -10.26 1.09
C LEU A 345 5.02 -11.47 1.59
N GLN A 346 5.66 -12.23 2.45
CA GLN A 346 5.06 -13.43 3.01
C GLN A 346 3.76 -13.10 3.75
N ASN A 347 3.84 -12.19 4.71
CA ASN A 347 2.66 -11.80 5.47
C ASN A 347 1.59 -11.17 4.56
N SER A 348 2.04 -10.49 3.52
CA SER A 348 1.15 -9.87 2.56
C SER A 348 0.38 -10.98 1.83
N VAL A 349 1.12 -11.95 1.30
CA VAL A 349 0.54 -13.09 0.58
C VAL A 349 -0.36 -13.91 1.53
N ALA A 350 0.10 -14.17 2.75
CA ALA A 350 -0.72 -14.92 3.69
C ALA A 350 -2.07 -14.23 3.91
N TYR A 351 -2.06 -12.90 4.07
CA TYR A 351 -3.30 -12.18 4.30
C TYR A 351 -4.29 -12.31 3.15
N ASP A 352 -3.80 -12.13 1.93
CA ASP A 352 -4.65 -12.22 0.77
C ASP A 352 -5.14 -13.65 0.64
N CYS A 353 -4.21 -14.59 0.72
CA CYS A 353 -4.57 -16.00 0.60
C CYS A 353 -5.58 -16.48 1.61
N VAL A 354 -5.57 -15.90 2.80
CA VAL A 354 -6.54 -16.32 3.80
C VAL A 354 -7.91 -15.79 3.36
N GLN A 355 -7.91 -14.57 2.84
CA GLN A 355 -9.13 -13.92 2.40
C GLN A 355 -9.77 -14.67 1.24
N LEU A 356 -8.97 -15.42 0.48
CA LEU A 356 -9.55 -16.17 -0.63
C LEU A 356 -10.17 -17.48 -0.16
N HIS A 357 -9.67 -18.04 0.95
CA HIS A 357 -10.23 -19.28 1.47
C HIS A 357 -11.55 -18.97 2.15
N GLY A 358 -11.78 -17.71 2.42
CA GLY A 358 -13.01 -17.32 3.08
C GLY A 358 -13.00 -17.80 4.52
N GLY A 359 -14.18 -18.08 5.04
CA GLY A 359 -14.30 -18.52 6.41
C GLY A 359 -13.41 -19.69 6.74
N TRP A 360 -13.02 -20.47 5.73
CA TRP A 360 -12.17 -21.63 5.95
C TRP A 360 -10.71 -21.27 6.21
N GLY A 361 -10.28 -20.11 5.71
CA GLY A 361 -8.91 -19.72 5.95
C GLY A 361 -8.66 -19.34 7.41
N TYR A 362 -9.69 -19.43 8.23
CA TYR A 362 -9.57 -19.06 9.64
C TYR A 362 -9.57 -20.33 10.49
N MET A 363 -9.95 -21.43 9.87
CA MET A 363 -10.00 -22.71 10.57
C MET A 363 -8.62 -23.39 10.48
N TRP A 364 -8.12 -23.80 11.64
CA TRP A 364 -6.80 -24.43 11.74
C TRP A 364 -6.72 -25.71 10.93
N GLU A 365 -7.89 -26.28 10.66
CA GLU A 365 -8.01 -27.49 9.87
C GLU A 365 -7.34 -27.29 8.49
N TYR A 366 -7.32 -26.04 8.02
CA TYR A 366 -6.75 -25.65 6.73
C TYR A 366 -5.31 -25.10 6.79
N PRO A 367 -4.41 -25.60 5.92
CA PRO A 367 -3.01 -25.19 5.86
C PRO A 367 -2.77 -23.70 5.93
N ILE A 368 -3.58 -22.92 5.25
CA ILE A 368 -3.41 -21.49 5.23
C ILE A 368 -3.46 -20.82 6.59
N ALA A 369 -4.13 -21.42 7.54
CA ALA A 369 -4.21 -20.79 8.85
C ALA A 369 -2.89 -20.90 9.59
N LYS A 370 -2.32 -22.10 9.64
CA LYS A 370 -1.00 -22.33 10.28
C LYS A 370 -0.07 -21.26 9.68
N ALA A 371 -0.12 -21.17 8.35
CA ALA A 371 0.68 -20.25 7.57
C ALA A 371 0.55 -18.79 7.93
N TYR A 372 -0.67 -18.27 7.96
CA TYR A 372 -0.85 -16.86 8.30
C TYR A 372 -0.17 -16.51 9.62
N VAL A 373 -0.44 -17.25 10.69
CA VAL A 373 0.20 -16.90 11.96
C VAL A 373 1.70 -17.19 12.00
N ASP A 374 2.11 -18.33 11.46
CA ASP A 374 3.51 -18.74 11.38
C ASP A 374 4.35 -17.70 10.63
N ALA A 375 3.71 -16.98 9.74
CA ALA A 375 4.41 -16.00 8.94
C ALA A 375 4.64 -14.67 9.60
N ARG A 376 3.83 -14.33 10.60
CA ARG A 376 3.96 -13.03 11.24
C ARG A 376 5.26 -12.80 11.98
N VAL A 377 6.01 -13.88 12.19
CA VAL A 377 7.25 -13.75 12.93
C VAL A 377 8.43 -13.39 12.05
N GLN A 378 8.38 -13.76 10.78
CA GLN A 378 9.48 -13.50 9.86
C GLN A 378 9.94 -12.05 9.82
N PRO A 379 9.00 -11.08 9.84
CA PRO A 379 9.46 -9.70 9.80
C PRO A 379 10.06 -9.20 11.10
N ILE A 380 9.96 -10.00 12.16
CA ILE A 380 10.50 -9.60 13.44
C ILE A 380 11.84 -10.24 13.77
N TYR A 381 11.94 -11.56 13.69
CA TYR A 381 13.22 -12.15 14.06
C TYR A 381 14.32 -12.07 13.00
N GLY A 382 15.55 -12.27 13.45
CA GLY A 382 16.71 -12.22 12.59
C GLY A 382 17.04 -10.79 12.28
N GLY A 383 16.45 -9.88 13.05
CA GLY A 383 16.66 -8.46 12.84
C GLY A 383 15.32 -7.93 12.37
N THR A 384 14.72 -7.01 13.09
CA THR A 384 13.44 -6.50 12.66
C THR A 384 13.62 -5.81 11.32
N ASN A 385 12.57 -5.82 10.50
CA ASN A 385 12.64 -5.20 9.19
C ASN A 385 13.05 -3.75 9.25
N GLU A 386 12.85 -3.12 10.42
CA GLU A 386 13.24 -1.73 10.55
C GLU A 386 14.75 -1.67 10.70
N ILE A 387 15.30 -2.65 11.40
CA ILE A 387 16.75 -2.72 11.54
C ILE A 387 17.33 -3.04 10.15
N MET A 388 16.59 -3.82 9.35
CA MET A 388 17.03 -4.19 8.01
C MET A 388 17.21 -2.96 7.14
N LYS A 389 16.31 -1.99 7.32
CA LYS A 389 16.35 -0.72 6.57
C LYS A 389 17.51 0.12 7.08
N GLU A 390 17.69 0.17 8.39
CA GLU A 390 18.77 0.93 8.99
C GLU A 390 20.08 0.59 8.33
N LEU A 391 20.32 -0.69 8.14
CA LEU A 391 21.55 -1.17 7.52
C LEU A 391 21.59 -0.92 6.02
N ILE A 392 20.47 -1.12 5.34
CA ILE A 392 20.42 -0.89 3.90
C ILE A 392 20.71 0.60 3.62
N ALA A 393 20.12 1.48 4.42
CA ALA A 393 20.31 2.92 4.29
C ALA A 393 21.74 3.34 4.61
N ARG A 394 22.39 2.59 5.49
CA ARG A 394 23.75 2.91 5.87
C ARG A 394 24.66 3.15 4.66
N GLU A 395 24.56 2.33 3.63
CA GLU A 395 25.41 2.50 2.44
C GLU A 395 24.78 3.37 1.35
N ILE A 396 23.61 3.95 1.65
CA ILE A 396 22.94 4.82 0.70
C ILE A 396 23.24 6.25 1.07
N VAL A 397 23.39 6.48 2.36
CA VAL A 397 23.59 7.82 2.89
C VAL A 397 25.01 8.14 3.36
N PHE A 398 25.84 7.12 3.51
CA PHE A 398 27.20 7.33 3.98
C PHE A 398 28.30 6.86 3.01
N ASP A 399 29.10 7.81 2.55
CA ASP A 399 30.20 7.54 1.63
C ASP A 399 31.52 7.31 2.39
N LYS A 400 32.27 6.30 1.96
CA LYS A 400 33.55 5.97 2.59
C LYS A 400 34.48 7.17 2.66
N GLU B 3 -21.58 19.48 27.64
CA GLU B 3 -21.65 20.50 26.56
C GLU B 3 -20.54 20.34 25.51
N GLU B 4 -19.35 20.83 25.84
CA GLU B 4 -18.21 20.71 24.93
C GLU B 4 -17.52 19.37 25.15
N ARG B 5 -17.20 18.70 24.05
CA ARG B 5 -16.52 17.41 24.12
C ARG B 5 -15.45 17.39 23.04
N LEU B 6 -14.28 16.85 23.39
CA LEU B 6 -13.17 16.75 22.45
C LEU B 6 -13.42 15.59 21.50
N GLU B 7 -12.69 15.56 20.38
CA GLU B 7 -12.79 14.45 19.45
C GLU B 7 -11.61 13.56 19.80
N THR B 8 -11.63 12.31 19.34
CA THR B 8 -10.54 11.39 19.64
C THR B 8 -9.18 12.00 19.40
N PRO B 9 -9.06 12.86 18.38
CA PRO B 9 -7.77 13.50 18.10
C PRO B 9 -7.21 14.32 19.26
N SER B 10 -8.08 15.10 19.89
CA SER B 10 -7.70 15.96 21.00
C SER B 10 -7.81 15.28 22.35
N ALA B 11 -8.66 14.26 22.46
CA ALA B 11 -8.81 13.53 23.72
C ALA B 11 -7.42 13.08 24.14
N LYS B 12 -7.23 12.73 25.41
CA LYS B 12 -5.90 12.27 25.82
C LYS B 12 -5.66 10.85 25.36
N LYS B 13 -6.75 10.14 25.08
CA LYS B 13 -6.73 8.77 24.58
C LYS B 13 -8.03 8.58 23.83
N LEU B 14 -7.97 7.81 22.74
CA LEU B 14 -9.15 7.57 21.90
C LEU B 14 -10.22 6.76 22.65
N THR B 15 -9.80 6.15 23.76
CA THR B 15 -10.67 5.32 24.59
C THR B 15 -11.13 6.02 25.86
N ASP B 16 -10.85 7.31 25.94
CA ASP B 16 -11.26 8.08 27.11
C ASP B 16 -12.76 8.15 27.21
N ILE B 17 -13.28 8.04 28.43
CA ILE B 17 -14.71 8.13 28.64
C ILE B 17 -15.00 9.61 28.68
N GLY B 18 -16.11 10.03 28.07
CA GLY B 18 -16.44 11.45 28.07
C GLY B 18 -16.04 12.27 26.86
N ILE B 19 -15.85 11.60 25.72
CA ILE B 19 -15.46 12.30 24.50
C ILE B 19 -16.42 11.91 23.37
N ARG B 20 -16.19 12.44 22.16
CA ARG B 20 -17.02 12.11 21.02
C ARG B 20 -18.43 12.74 21.14
N ARG B 21 -18.75 13.61 20.18
CA ARG B 21 -20.02 14.34 20.10
C ARG B 21 -21.36 13.59 20.14
N ILE B 22 -21.36 12.31 19.81
CA ILE B 22 -22.62 11.57 19.77
C ILE B 22 -23.11 10.94 21.09
N PHE B 23 -22.54 11.33 22.22
CA PHE B 23 -22.96 10.76 23.50
C PHE B 23 -23.34 11.78 24.57
N SER B 24 -24.47 11.54 25.25
CA SER B 24 -24.95 12.42 26.32
C SER B 24 -24.19 12.11 27.63
N PRO B 25 -24.08 13.09 28.56
CA PRO B 25 -23.38 12.83 29.82
C PRO B 25 -23.94 11.62 30.55
N GLU B 26 -25.08 11.14 30.06
CA GLU B 26 -25.78 9.99 30.61
C GLU B 26 -25.08 8.73 30.11
N HIS B 27 -24.67 8.78 28.85
CA HIS B 27 -23.95 7.69 28.21
C HIS B 27 -22.60 7.49 28.93
N ASP B 28 -21.91 8.59 29.22
CA ASP B 28 -20.62 8.52 29.91
C ASP B 28 -20.76 7.64 31.16
N ILE B 29 -21.69 8.01 32.04
CA ILE B 29 -21.93 7.28 33.29
C ILE B 29 -22.15 5.80 33.02
N PHE B 30 -22.84 5.50 31.94
CA PHE B 30 -23.13 4.11 31.57
C PHE B 30 -21.83 3.41 31.15
N ARG B 31 -21.13 4.02 30.20
CA ARG B 31 -19.88 3.48 29.70
C ARG B 31 -18.97 3.11 30.86
N LYS B 32 -19.04 3.88 31.94
CA LYS B 32 -18.20 3.64 33.10
C LYS B 32 -18.52 2.35 33.83
N SER B 33 -19.81 1.99 33.85
CA SER B 33 -20.24 0.77 34.51
C SER B 33 -19.89 -0.45 33.65
N VAL B 34 -20.05 -0.30 32.34
CA VAL B 34 -19.72 -1.39 31.42
C VAL B 34 -18.20 -1.59 31.47
N ARG B 35 -17.44 -0.52 31.31
CA ARG B 35 -16.00 -0.65 31.36
C ARG B 35 -15.63 -1.29 32.68
N LYS B 36 -16.46 -1.07 33.69
CA LYS B 36 -16.20 -1.64 35.00
C LYS B 36 -16.54 -3.14 34.94
N PHE B 37 -17.59 -3.47 34.19
CA PHE B 37 -18.02 -4.87 34.06
C PHE B 37 -16.95 -5.78 33.46
N PHE B 38 -16.37 -5.35 32.33
CA PHE B 38 -15.34 -6.13 31.66
C PHE B 38 -14.04 -6.22 32.46
N GLN B 39 -13.68 -5.11 33.11
CA GLN B 39 -12.50 -5.09 33.95
C GLN B 39 -12.63 -6.12 35.08
N GLU B 40 -13.81 -6.13 35.71
CA GLU B 40 -14.07 -7.00 36.84
C GLU B 40 -14.69 -8.36 36.60
N GLU B 41 -15.55 -8.48 35.59
CA GLU B 41 -16.21 -9.77 35.34
C GLU B 41 -15.77 -10.60 34.13
N VAL B 42 -15.18 -9.93 33.12
CA VAL B 42 -14.72 -10.61 31.89
C VAL B 42 -13.19 -10.77 31.82
N ILE B 43 -12.48 -9.64 31.81
CA ILE B 43 -11.04 -9.65 31.72
C ILE B 43 -10.30 -10.69 32.59
N PRO B 44 -10.58 -10.74 33.90
CA PRO B 44 -9.87 -11.70 34.74
C PRO B 44 -10.05 -13.19 34.44
N HIS B 45 -11.19 -13.57 33.87
CA HIS B 45 -11.46 -14.98 33.57
C HIS B 45 -11.27 -15.40 32.11
N HIS B 46 -10.91 -14.48 31.23
CA HIS B 46 -10.77 -14.78 29.80
C HIS B 46 -9.74 -15.86 29.42
N SER B 47 -8.57 -15.86 30.08
CA SER B 47 -7.56 -16.87 29.78
C SER B 47 -8.15 -18.26 29.99
N GLU B 48 -8.88 -18.43 31.10
CA GLU B 48 -9.51 -19.70 31.42
C GLU B 48 -10.46 -20.10 30.28
N TRP B 49 -11.31 -19.17 29.85
CA TRP B 49 -12.23 -19.48 28.77
C TRP B 49 -11.49 -19.81 27.48
N GLU B 50 -10.35 -19.17 27.25
CA GLU B 50 -9.55 -19.40 26.03
C GLU B 50 -9.15 -20.86 25.94
N LYS B 51 -8.63 -21.39 27.02
CA LYS B 51 -8.22 -22.78 27.02
C LYS B 51 -9.41 -23.70 26.80
N ALA B 52 -10.57 -23.33 27.35
CA ALA B 52 -11.81 -24.10 27.22
C ALA B 52 -12.52 -23.95 25.86
N GLY B 53 -12.27 -22.85 25.15
CA GLY B 53 -12.90 -22.65 23.86
C GLY B 53 -14.32 -22.12 23.96
N GLU B 54 -14.67 -21.63 25.14
CA GLU B 54 -16.00 -21.08 25.36
C GLU B 54 -16.04 -20.45 26.73
N VAL B 55 -16.82 -19.38 26.86
CA VAL B 55 -16.95 -18.68 28.14
C VAL B 55 -17.96 -19.37 29.07
N SER B 56 -17.97 -18.94 30.33
CA SER B 56 -18.86 -19.49 31.35
C SER B 56 -20.29 -19.00 31.18
N ARG B 57 -21.26 -19.81 31.59
CA ARG B 57 -22.65 -19.37 31.48
C ARG B 57 -22.86 -18.29 32.53
N GLU B 58 -22.03 -18.34 33.57
CA GLU B 58 -22.09 -17.37 34.65
C GLU B 58 -21.84 -15.96 34.13
N VAL B 59 -20.78 -15.77 33.35
CA VAL B 59 -20.48 -14.45 32.84
C VAL B 59 -21.65 -13.91 32.02
N TRP B 60 -22.39 -14.78 31.34
CA TRP B 60 -23.55 -14.33 30.56
C TRP B 60 -24.64 -13.81 31.52
N GLU B 61 -25.02 -14.64 32.50
CA GLU B 61 -26.04 -14.27 33.45
C GLU B 61 -25.61 -13.02 34.19
N LYS B 62 -24.31 -12.93 34.51
CA LYS B 62 -23.81 -11.76 35.20
C LYS B 62 -23.99 -10.56 34.30
N ALA B 63 -24.00 -10.82 33.01
CA ALA B 63 -24.16 -9.75 32.02
C ALA B 63 -25.63 -9.35 31.87
N GLY B 64 -26.54 -10.30 32.10
CA GLY B 64 -27.96 -9.99 31.99
C GLY B 64 -28.43 -9.18 33.19
N LYS B 65 -27.84 -9.46 34.34
CA LYS B 65 -28.19 -8.76 35.58
C LYS B 65 -27.72 -7.33 35.47
N GLN B 66 -26.50 -7.14 34.99
CA GLN B 66 -25.99 -5.78 34.84
C GLN B 66 -26.71 -5.09 33.71
N GLY B 67 -27.52 -5.85 32.97
CA GLY B 67 -28.27 -5.30 31.85
C GLY B 67 -27.45 -4.91 30.62
N LEU B 68 -26.70 -5.87 30.06
CA LEU B 68 -25.88 -5.62 28.88
C LEU B 68 -26.44 -6.38 27.70
N LEU B 69 -27.29 -7.35 28.00
CA LEU B 69 -27.92 -8.15 26.95
C LEU B 69 -29.24 -7.50 26.52
N GLY B 70 -29.25 -6.88 25.36
CA GLY B 70 -30.45 -6.20 24.88
C GLY B 70 -30.53 -4.79 25.39
N VAL B 71 -29.49 -4.02 25.14
CA VAL B 71 -29.46 -2.65 25.59
C VAL B 71 -30.26 -1.80 24.62
N ASN B 72 -30.77 -2.42 23.55
CA ASN B 72 -31.47 -1.64 22.53
C ASN B 72 -32.72 -2.38 22.04
N ILE B 73 -33.19 -3.31 22.85
CA ILE B 73 -34.40 -4.06 22.56
C ILE B 73 -35.48 -3.43 23.46
N ALA B 74 -36.64 -3.15 22.87
CA ALA B 74 -37.76 -2.51 23.58
C ALA B 74 -38.04 -2.96 25.03
N GLU B 75 -38.11 -1.99 25.93
CA GLU B 75 -38.38 -2.30 27.34
C GLU B 75 -39.70 -3.02 27.49
N HIS B 76 -40.69 -2.65 26.69
CA HIS B 76 -42.00 -3.29 26.78
C HIS B 76 -42.11 -4.68 26.17
N LEU B 77 -41.18 -5.02 25.26
CA LEU B 77 -41.20 -6.35 24.63
C LEU B 77 -40.49 -7.40 25.49
N GLY B 78 -39.68 -6.94 26.44
CA GLY B 78 -38.96 -7.85 27.31
C GLY B 78 -37.50 -7.47 27.41
N GLY B 79 -37.11 -6.43 26.69
CA GLY B 79 -35.72 -5.99 26.69
C GLY B 79 -35.47 -4.95 27.77
N ILE B 80 -34.41 -4.16 27.63
CA ILE B 80 -34.11 -3.15 28.62
C ILE B 80 -34.22 -1.74 28.01
N GLY B 81 -34.54 -1.70 26.71
CA GLY B 81 -34.69 -0.44 26.03
C GLY B 81 -33.38 0.34 25.99
N GLY B 82 -33.42 1.52 25.37
CA GLY B 82 -32.22 2.32 25.26
C GLY B 82 -32.03 2.63 23.80
N ASP B 83 -31.19 3.61 23.50
CA ASP B 83 -30.94 3.99 22.12
C ASP B 83 -29.76 3.21 21.54
N LEU B 84 -29.54 3.31 20.23
CA LEU B 84 -28.43 2.61 19.61
C LEU B 84 -27.09 2.99 20.21
N TYR B 85 -26.91 4.27 20.53
CA TYR B 85 -25.66 4.73 21.12
C TYR B 85 -25.31 3.93 22.36
N SER B 86 -26.32 3.39 23.03
CA SER B 86 -26.08 2.62 24.24
C SER B 86 -25.62 1.22 23.91
N ALA B 87 -26.31 0.57 22.97
CA ALA B 87 -25.96 -0.77 22.53
C ALA B 87 -24.52 -0.75 22.01
N ALA B 88 -24.20 0.32 21.29
CA ALA B 88 -22.87 0.52 20.74
C ALA B 88 -21.82 0.50 21.84
N ILE B 89 -22.08 1.21 22.94
CA ILE B 89 -21.14 1.28 24.06
C ILE B 89 -20.75 -0.12 24.53
N VAL B 90 -21.72 -1.01 24.59
CA VAL B 90 -21.45 -2.37 25.01
C VAL B 90 -20.59 -3.09 23.96
N TRP B 91 -20.75 -2.72 22.68
CA TRP B 91 -19.93 -3.30 21.63
C TRP B 91 -18.51 -2.76 21.82
N GLU B 92 -18.41 -1.43 21.88
CA GLU B 92 -17.16 -0.71 22.03
C GLU B 92 -16.35 -1.07 23.25
N GLU B 93 -17.02 -1.20 24.39
CA GLU B 93 -16.33 -1.54 25.62
C GLU B 93 -15.76 -2.92 25.60
N GLN B 94 -16.45 -3.86 24.96
CA GLN B 94 -15.95 -5.22 24.89
C GLN B 94 -14.65 -5.13 24.09
N ALA B 95 -14.75 -4.61 22.88
CA ALA B 95 -13.57 -4.44 22.04
C ALA B 95 -12.42 -3.85 22.88
N TYR B 96 -12.73 -2.85 23.69
CA TYR B 96 -11.72 -2.19 24.54
C TYR B 96 -11.06 -3.07 25.60
N SER B 97 -11.70 -4.19 25.94
CA SER B 97 -11.12 -5.10 26.94
C SER B 97 -10.31 -6.15 26.20
N ASN B 98 -10.51 -6.19 24.88
CA ASN B 98 -9.83 -7.11 24.00
C ASN B 98 -10.17 -8.55 24.38
N CYS B 99 -11.47 -8.82 24.48
CA CYS B 99 -11.93 -10.15 24.83
C CYS B 99 -13.03 -10.62 23.89
N SER B 100 -12.62 -11.19 22.76
CA SER B 100 -13.58 -11.64 21.77
C SER B 100 -14.32 -12.89 22.22
N GLY B 101 -14.12 -13.27 23.49
CA GLY B 101 -14.76 -14.46 23.99
C GLY B 101 -16.27 -14.40 24.01
N PRO B 102 -16.86 -13.54 24.86
CA PRO B 102 -18.32 -13.37 25.00
C PRO B 102 -18.99 -13.04 23.69
N GLY B 103 -19.93 -13.91 23.29
CA GLY B 103 -20.67 -13.73 22.05
C GLY B 103 -21.89 -12.87 22.27
N PHE B 104 -21.70 -11.87 23.14
CA PHE B 104 -22.71 -10.91 23.53
C PHE B 104 -23.39 -10.20 22.38
N SER B 105 -22.63 -9.41 21.63
CA SER B 105 -23.17 -8.66 20.48
C SER B 105 -24.07 -9.45 19.53
N ILE B 106 -23.62 -10.62 19.09
CA ILE B 106 -24.43 -11.43 18.17
C ILE B 106 -25.78 -11.76 18.81
N HIS B 107 -25.76 -11.98 20.11
CA HIS B 107 -26.95 -12.30 20.89
C HIS B 107 -27.86 -11.09 20.90
N SER B 108 -27.43 -10.05 21.59
CA SER B 108 -28.18 -8.80 21.71
C SER B 108 -28.50 -8.07 20.41
N GLY B 109 -27.45 -7.61 19.73
CA GLY B 109 -27.62 -6.87 18.50
C GLY B 109 -28.25 -7.59 17.33
N ILE B 110 -28.12 -8.91 17.22
CA ILE B 110 -28.67 -9.64 16.08
C ILE B 110 -29.87 -10.55 16.32
N VAL B 111 -29.65 -11.64 17.05
CA VAL B 111 -30.72 -12.60 17.32
C VAL B 111 -31.90 -11.98 18.06
N MET B 112 -31.63 -11.31 19.18
CA MET B 112 -32.68 -10.67 19.95
C MET B 112 -33.41 -9.66 19.08
N SER B 113 -32.72 -9.18 18.05
CA SER B 113 -33.32 -8.22 17.15
C SER B 113 -34.14 -8.87 16.03
N TYR B 114 -33.82 -10.11 15.68
CA TYR B 114 -34.56 -10.79 14.62
C TYR B 114 -35.93 -11.19 15.14
N ILE B 115 -36.00 -11.43 16.45
CA ILE B 115 -37.23 -11.83 17.08
C ILE B 115 -38.14 -10.65 17.46
N THR B 116 -37.61 -9.54 17.95
CA THR B 116 -38.45 -8.39 18.29
C THR B 116 -38.69 -7.55 17.06
N ASN B 117 -38.60 -8.15 15.89
CA ASN B 117 -38.70 -7.42 14.63
C ASN B 117 -39.55 -8.14 13.61
N HIS B 118 -39.64 -9.48 13.72
CA HIS B 118 -40.42 -10.27 12.77
C HIS B 118 -41.19 -11.43 13.41
N GLY B 119 -40.93 -11.72 14.68
CA GLY B 119 -41.62 -12.82 15.32
C GLY B 119 -42.96 -12.44 15.91
N SER B 120 -43.74 -13.46 16.30
CA SER B 120 -45.05 -13.24 16.89
C SER B 120 -44.91 -12.79 18.35
N GLU B 121 -46.04 -12.51 19.01
CA GLU B 121 -45.99 -12.08 20.41
C GLU B 121 -45.72 -13.28 21.32
N GLU B 122 -46.16 -14.45 20.89
CA GLU B 122 -45.93 -15.67 21.67
C GLU B 122 -44.41 -15.85 21.69
N GLN B 123 -43.81 -15.73 20.51
CA GLN B 123 -42.37 -15.88 20.37
C GLN B 123 -41.70 -14.76 21.14
N ILE B 124 -41.96 -13.51 20.77
CA ILE B 124 -41.36 -12.39 21.47
C ILE B 124 -41.39 -12.59 22.97
N LYS B 125 -42.59 -12.85 23.49
CA LYS B 125 -42.84 -13.06 24.93
C LYS B 125 -42.06 -14.23 25.53
N HIS B 126 -42.01 -15.33 24.81
CA HIS B 126 -41.32 -16.54 25.26
C HIS B 126 -39.80 -16.48 25.29
N PHE B 127 -39.19 -15.69 24.40
CA PHE B 127 -37.74 -15.61 24.34
C PHE B 127 -37.12 -14.35 24.93
N ILE B 128 -37.49 -13.21 24.37
CA ILE B 128 -36.94 -11.92 24.79
C ILE B 128 -36.68 -11.65 26.26
N PRO B 129 -37.57 -12.13 27.15
CA PRO B 129 -37.31 -11.86 28.56
C PRO B 129 -36.08 -12.60 29.09
N GLN B 130 -35.99 -13.90 28.81
CA GLN B 130 -34.86 -14.69 29.29
C GLN B 130 -33.56 -14.45 28.52
N MET B 131 -33.67 -13.95 27.29
CA MET B 131 -32.48 -13.65 26.52
C MET B 131 -31.79 -12.45 27.16
N THR B 132 -32.57 -11.47 27.63
CA THR B 132 -32.02 -10.29 28.28
C THR B 132 -31.43 -10.65 29.65
N ALA B 133 -32.00 -11.69 30.25
CA ALA B 133 -31.57 -12.19 31.56
C ALA B 133 -30.34 -13.02 31.36
N GLY B 134 -30.05 -13.35 30.11
CA GLY B 134 -28.87 -14.14 29.82
C GLY B 134 -28.98 -15.59 30.25
N LYS B 135 -30.20 -16.12 30.32
CA LYS B 135 -30.35 -17.52 30.69
C LYS B 135 -30.58 -18.34 29.43
N CYS B 136 -30.86 -17.64 28.33
CA CYS B 136 -31.08 -18.27 27.05
C CYS B 136 -30.11 -17.67 26.02
N ILE B 137 -29.09 -18.42 25.62
CA ILE B 137 -28.09 -17.92 24.67
C ILE B 137 -28.46 -18.16 23.20
N GLY B 138 -28.56 -17.07 22.44
CA GLY B 138 -28.93 -17.16 21.05
C GLY B 138 -27.81 -17.04 20.03
N ALA B 139 -28.04 -17.66 18.87
CA ALA B 139 -27.08 -17.66 17.79
C ALA B 139 -27.78 -17.62 16.44
N ILE B 140 -27.10 -17.14 15.41
CA ILE B 140 -27.68 -17.09 14.06
C ILE B 140 -26.90 -18.07 13.20
N ALA B 141 -27.62 -18.85 12.40
CA ALA B 141 -26.99 -19.88 11.58
C ALA B 141 -27.46 -19.96 10.14
N MET B 142 -26.77 -19.30 9.24
CA MET B 142 -27.15 -19.36 7.84
C MET B 142 -26.11 -20.05 6.98
N THR B 143 -24.84 -19.70 7.19
CA THR B 143 -23.74 -20.26 6.42
C THR B 143 -23.60 -21.77 6.45
N GLU B 144 -23.31 -22.34 5.29
CA GLU B 144 -23.15 -23.78 5.13
C GLU B 144 -21.80 -24.14 4.52
N PRO B 145 -21.41 -25.41 4.60
CA PRO B 145 -20.16 -25.99 4.08
C PRO B 145 -19.82 -25.58 2.66
N GLY B 146 -20.84 -25.41 1.83
CA GLY B 146 -20.61 -25.03 0.44
C GLY B 146 -21.14 -23.68 0.03
N ALA B 147 -21.70 -22.93 0.97
CA ALA B 147 -22.24 -21.62 0.65
C ALA B 147 -22.37 -20.60 1.78
N GLY B 148 -21.70 -19.47 1.61
CA GLY B 148 -21.75 -18.40 2.59
C GLY B 148 -22.03 -17.03 2.00
N SER B 149 -21.15 -16.59 1.09
CA SER B 149 -21.32 -15.29 0.44
C SER B 149 -22.63 -15.39 -0.36
N ASP B 150 -22.63 -16.33 -1.30
CA ASP B 150 -23.78 -16.60 -2.15
C ASP B 150 -24.84 -17.36 -1.33
N LEU B 151 -25.54 -16.61 -0.47
CA LEU B 151 -26.57 -17.14 0.41
C LEU B 151 -27.69 -17.93 -0.29
N GLN B 152 -27.99 -17.57 -1.54
CA GLN B 152 -29.03 -18.29 -2.25
C GLN B 152 -28.50 -19.66 -2.68
N GLY B 153 -27.30 -20.00 -2.25
CA GLY B 153 -26.73 -21.29 -2.60
C GLY B 153 -26.83 -22.34 -1.50
N ILE B 154 -27.57 -22.04 -0.44
CA ILE B 154 -27.70 -22.99 0.66
C ILE B 154 -28.54 -24.21 0.25
N LYS B 155 -28.57 -25.20 1.13
CA LYS B 155 -29.31 -26.44 0.90
C LYS B 155 -30.16 -26.87 2.10
N THR B 156 -30.04 -26.22 3.25
CA THR B 156 -30.88 -26.62 4.39
C THR B 156 -32.33 -26.35 4.01
N ASN B 157 -33.15 -27.38 4.09
CA ASN B 157 -34.54 -27.28 3.70
C ASN B 157 -35.58 -27.60 4.76
N ALA B 158 -36.77 -27.02 4.58
CA ALA B 158 -37.89 -27.22 5.49
C ALA B 158 -39.13 -27.68 4.70
N LYS B 159 -39.58 -28.90 4.97
CA LYS B 159 -40.77 -29.45 4.31
C LYS B 159 -41.92 -29.53 5.28
N LYS B 160 -43.12 -29.22 4.78
CA LYS B 160 -44.34 -29.23 5.58
C LYS B 160 -44.90 -30.64 5.80
N ASP B 161 -45.22 -30.95 7.06
CA ASP B 161 -45.81 -32.24 7.43
C ASP B 161 -46.79 -31.87 8.52
N GLY B 162 -47.95 -31.37 8.07
CA GLY B 162 -48.98 -30.91 8.98
C GLY B 162 -48.66 -29.45 9.18
N SER B 163 -49.04 -28.88 10.32
CA SER B 163 -48.72 -27.49 10.58
C SER B 163 -47.30 -27.55 11.12
N ASP B 164 -46.76 -28.75 11.11
CA ASP B 164 -45.40 -29.04 11.58
C ASP B 164 -44.41 -28.82 10.43
N TRP B 165 -43.12 -28.75 10.78
CA TRP B 165 -42.04 -28.55 9.80
C TRP B 165 -40.91 -29.55 10.00
N ILE B 166 -40.46 -30.18 8.91
CA ILE B 166 -39.36 -31.11 9.01
C ILE B 166 -38.09 -30.43 8.50
N LEU B 167 -37.20 -30.10 9.43
CA LEU B 167 -35.94 -29.41 9.14
C LEU B 167 -34.79 -30.37 8.88
N ASN B 168 -34.11 -30.16 7.75
CA ASN B 168 -32.97 -30.99 7.37
C ASN B 168 -31.78 -30.22 6.79
N GLY B 169 -30.58 -30.55 7.28
CA GLY B 169 -29.38 -29.89 6.80
C GLY B 169 -28.36 -29.62 7.89
N SER B 170 -27.43 -28.71 7.58
CA SER B 170 -26.36 -28.34 8.52
C SER B 170 -25.87 -26.92 8.27
N LYS B 171 -25.26 -26.33 9.29
CA LYS B 171 -24.69 -24.98 9.18
C LYS B 171 -23.28 -25.10 9.71
N VAL B 172 -22.40 -24.18 9.31
CA VAL B 172 -21.03 -24.22 9.78
C VAL B 172 -20.57 -22.81 10.16
N PHE B 173 -19.58 -22.70 11.03
CA PHE B 173 -19.06 -21.41 11.49
C PHE B 173 -20.12 -20.69 12.29
N ILE B 174 -20.80 -21.39 13.18
CA ILE B 174 -21.83 -20.73 13.96
C ILE B 174 -21.36 -20.24 15.34
N SER B 175 -21.38 -18.94 15.52
CA SER B 175 -20.97 -18.29 16.78
C SER B 175 -21.90 -18.63 17.94
N ASN B 176 -21.35 -18.70 19.13
CA ASN B 176 -22.13 -19.06 20.31
C ASN B 176 -22.76 -20.44 20.08
N GLY B 177 -22.16 -21.19 19.16
CA GLY B 177 -22.65 -22.51 18.80
C GLY B 177 -22.89 -23.55 19.88
N SER B 178 -21.90 -23.81 20.74
CA SER B 178 -22.09 -24.82 21.78
C SER B 178 -22.87 -24.32 22.99
N LEU B 179 -22.97 -23.01 23.16
CA LEU B 179 -23.71 -22.46 24.29
C LEU B 179 -25.13 -22.06 23.91
N SER B 180 -25.38 -21.95 22.61
CA SER B 180 -26.71 -21.54 22.14
C SER B 180 -27.84 -22.45 22.60
N ASP B 181 -28.91 -21.83 23.09
CA ASP B 181 -30.11 -22.55 23.54
C ASP B 181 -31.10 -22.36 22.42
N VAL B 182 -30.95 -21.23 21.73
CA VAL B 182 -31.81 -20.88 20.61
C VAL B 182 -30.97 -20.43 19.42
N VAL B 183 -31.29 -21.01 18.27
CA VAL B 183 -30.61 -20.75 17.00
C VAL B 183 -31.61 -20.44 15.89
N ILE B 184 -31.42 -19.28 15.24
CA ILE B 184 -32.29 -18.87 14.13
C ILE B 184 -31.70 -19.52 12.89
N VAL B 185 -32.34 -20.55 12.37
CA VAL B 185 -31.83 -21.23 11.19
C VAL B 185 -32.43 -20.77 9.87
N VAL B 186 -31.58 -20.61 8.87
CA VAL B 186 -32.05 -20.18 7.55
C VAL B 186 -32.20 -21.42 6.69
N ALA B 187 -33.42 -21.65 6.20
CA ALA B 187 -33.70 -22.84 5.38
C ALA B 187 -34.58 -22.55 4.16
N VAL B 188 -34.31 -23.29 3.10
CA VAL B 188 -35.07 -23.17 1.87
C VAL B 188 -36.43 -23.81 2.12
N THR B 189 -37.50 -23.09 1.85
CA THR B 189 -38.85 -23.62 2.06
C THR B 189 -39.56 -23.88 0.74
N ASN B 190 -39.27 -23.05 -0.25
CA ASN B 190 -39.87 -23.24 -1.55
C ASN B 190 -38.74 -23.60 -2.52
N HIS B 191 -38.60 -24.89 -2.78
CA HIS B 191 -37.56 -25.39 -3.67
C HIS B 191 -37.71 -24.96 -5.12
N GLU B 192 -38.76 -24.19 -5.41
CA GLU B 192 -38.99 -23.73 -6.78
C GLU B 192 -39.68 -22.37 -6.80
N ALA B 193 -38.94 -21.35 -7.23
CA ALA B 193 -39.47 -20.00 -7.28
C ALA B 193 -38.58 -19.20 -8.22
N PRO B 194 -38.94 -17.92 -8.58
CA PRO B 194 -37.98 -17.11 -9.33
C PRO B 194 -36.56 -17.32 -8.89
N SER B 195 -36.36 -17.23 -7.58
CA SER B 195 -35.03 -17.35 -7.05
C SER B 195 -35.02 -17.88 -5.57
N PRO B 196 -33.90 -18.50 -5.06
CA PRO B 196 -33.85 -18.94 -3.67
C PRO B 196 -34.06 -17.75 -2.73
N ALA B 197 -34.01 -16.56 -3.32
CA ALA B 197 -34.20 -15.31 -2.58
C ALA B 197 -35.65 -15.15 -2.14
N HIS B 198 -36.56 -15.88 -2.79
CA HIS B 198 -37.98 -15.81 -2.49
C HIS B 198 -38.53 -17.08 -1.84
N GLY B 199 -37.66 -18.07 -1.66
CA GLY B 199 -38.10 -19.31 -1.05
C GLY B 199 -37.34 -19.67 0.21
N ILE B 200 -36.95 -18.65 0.99
CA ILE B 200 -36.22 -18.87 2.23
C ILE B 200 -37.07 -18.47 3.42
N SER B 201 -36.92 -19.21 4.51
CA SER B 201 -37.66 -18.93 5.73
C SER B 201 -36.74 -18.98 6.96
N LEU B 202 -37.26 -18.49 8.10
CA LEU B 202 -36.51 -18.49 9.36
C LEU B 202 -37.13 -19.48 10.34
N PHE B 203 -36.32 -20.03 11.25
CA PHE B 203 -36.79 -20.97 12.26
C PHE B 203 -36.01 -20.84 13.55
N LEU B 204 -36.71 -20.94 14.67
CA LEU B 204 -36.07 -20.87 15.97
C LEU B 204 -35.88 -22.29 16.44
N VAL B 205 -34.67 -22.82 16.25
CA VAL B 205 -34.34 -24.17 16.68
C VAL B 205 -33.85 -24.10 18.12
N GLU B 206 -34.42 -24.94 18.97
CA GLU B 206 -34.04 -24.95 20.38
C GLU B 206 -33.24 -26.18 20.79
N ASN B 207 -32.20 -25.91 21.57
CA ASN B 207 -31.29 -26.92 22.09
C ASN B 207 -32.11 -27.90 22.91
N GLY B 208 -32.27 -29.12 22.39
CA GLY B 208 -33.05 -30.12 23.09
C GLY B 208 -33.92 -30.87 22.10
N MET B 209 -34.52 -30.15 21.15
CA MET B 209 -35.36 -30.77 20.15
C MET B 209 -34.64 -31.95 19.52
N LYS B 210 -35.35 -33.04 19.32
CA LYS B 210 -34.74 -34.23 18.74
C LYS B 210 -34.26 -33.98 17.29
N GLY B 211 -33.04 -34.40 16.99
CA GLY B 211 -32.51 -34.21 15.65
C GLY B 211 -31.61 -33.01 15.52
N PHE B 212 -31.51 -32.21 16.58
CA PHE B 212 -30.66 -31.03 16.58
C PHE B 212 -29.37 -31.37 17.28
N ILE B 213 -28.35 -31.70 16.51
CA ILE B 213 -27.06 -32.07 17.07
C ILE B 213 -26.01 -30.97 16.93
N LYS B 214 -25.36 -30.66 18.04
CA LYS B 214 -24.32 -29.65 18.04
C LYS B 214 -22.98 -30.30 17.75
N GLY B 215 -22.39 -29.89 16.64
CA GLY B 215 -21.10 -30.43 16.24
C GLY B 215 -19.94 -30.05 17.13
N ARG B 216 -18.78 -30.62 16.81
CA ARG B 216 -17.56 -30.37 17.56
C ARG B 216 -17.20 -28.90 17.52
N LYS B 217 -16.49 -28.43 18.54
CA LYS B 217 -16.04 -27.04 18.56
C LYS B 217 -14.88 -26.94 17.57
N LEU B 218 -14.77 -25.81 16.89
CA LEU B 218 -13.74 -25.65 15.88
C LEU B 218 -12.46 -24.96 16.35
N HIS B 219 -11.33 -25.46 15.87
CA HIS B 219 -10.01 -24.93 16.19
C HIS B 219 -9.76 -23.84 15.17
N LYS B 220 -9.58 -22.62 15.66
CA LYS B 220 -9.35 -21.48 14.78
C LYS B 220 -8.03 -20.80 15.11
N MET B 221 -7.64 -19.82 14.31
CA MET B 221 -6.40 -19.12 14.59
C MET B 221 -6.62 -18.06 15.66
N GLY B 222 -7.85 -17.55 15.71
CA GLY B 222 -8.22 -16.53 16.69
C GLY B 222 -9.56 -16.86 17.32
N LEU B 223 -10.12 -15.91 18.08
CA LEU B 223 -11.38 -16.09 18.77
C LEU B 223 -11.34 -17.46 19.45
N LYS B 224 -10.39 -17.61 20.35
CA LYS B 224 -10.17 -18.83 21.08
C LYS B 224 -11.22 -19.09 22.14
N ALA B 225 -11.88 -18.06 22.62
CA ALA B 225 -12.88 -18.26 23.65
C ALA B 225 -14.28 -18.15 23.09
N GLN B 226 -14.37 -17.92 21.78
CA GLN B 226 -15.64 -17.78 21.08
C GLN B 226 -15.86 -19.24 20.67
N ASP B 227 -16.95 -19.81 21.16
CA ASP B 227 -17.30 -21.21 20.89
C ASP B 227 -17.93 -21.34 19.50
N THR B 228 -17.11 -21.41 18.45
CA THR B 228 -17.61 -21.53 17.09
C THR B 228 -17.81 -23.00 16.73
N ALA B 229 -19.03 -23.37 16.34
CA ALA B 229 -19.33 -24.76 16.02
C ALA B 229 -20.13 -25.06 14.74
N GLU B 230 -20.23 -26.35 14.47
CA GLU B 230 -20.92 -26.88 13.32
C GLU B 230 -22.26 -27.41 13.82
N LEU B 231 -23.31 -27.23 13.02
CA LEU B 231 -24.65 -27.69 13.40
C LEU B 231 -25.25 -28.68 12.39
N PHE B 232 -25.90 -29.71 12.92
CA PHE B 232 -26.55 -30.76 12.12
C PHE B 232 -28.03 -30.91 12.44
N PHE B 233 -28.86 -30.92 11.41
CA PHE B 233 -30.31 -31.08 11.57
C PHE B 233 -30.79 -32.37 10.92
N GLU B 234 -31.06 -33.37 11.75
CA GLU B 234 -31.53 -34.67 11.27
C GLU B 234 -33.04 -34.88 11.45
N ASP B 235 -33.78 -34.76 10.35
CA ASP B 235 -35.23 -34.93 10.37
C ASP B 235 -35.92 -34.31 11.59
N ILE B 236 -35.74 -33.00 11.76
CA ILE B 236 -36.32 -32.30 12.89
C ILE B 236 -37.78 -31.87 12.71
N ARG B 237 -38.65 -32.36 13.59
CA ARG B 237 -40.05 -31.97 13.51
C ARG B 237 -40.26 -30.70 14.35
N LEU B 238 -40.27 -29.57 13.66
CA LEU B 238 -40.45 -28.27 14.29
C LEU B 238 -41.91 -27.93 14.37
N PRO B 239 -42.43 -27.68 15.58
CA PRO B 239 -43.85 -27.31 15.71
C PRO B 239 -44.09 -26.02 14.93
N ALA B 240 -45.31 -25.80 14.47
CA ALA B 240 -45.65 -24.61 13.69
C ALA B 240 -45.11 -23.27 14.22
N SER B 241 -45.00 -23.16 15.53
CA SER B 241 -44.51 -21.94 16.18
C SER B 241 -43.02 -21.69 15.91
N ALA B 242 -42.34 -22.70 15.37
CA ALA B 242 -40.93 -22.57 15.06
C ALA B 242 -40.73 -21.52 13.98
N LEU B 243 -41.66 -21.42 13.03
CA LEU B 243 -41.54 -20.45 11.95
C LEU B 243 -41.43 -18.99 12.44
N LEU B 244 -40.41 -18.30 11.96
CA LEU B 244 -40.16 -16.91 12.33
C LEU B 244 -40.34 -15.99 11.15
N GLY B 245 -41.49 -15.32 11.11
CA GLY B 245 -41.77 -14.42 9.99
C GLY B 245 -42.66 -15.10 8.96
N GLU B 246 -43.08 -14.34 7.95
CA GLU B 246 -43.95 -14.89 6.92
C GLU B 246 -43.22 -15.95 6.13
N GLU B 247 -43.77 -17.16 6.11
CA GLU B 247 -43.18 -18.27 5.36
C GLU B 247 -42.69 -17.81 3.99
N ASN B 248 -41.48 -18.24 3.61
CA ASN B 248 -40.89 -17.82 2.33
C ASN B 248 -40.65 -16.31 2.15
N LYS B 249 -40.27 -15.63 3.23
CA LYS B 249 -39.98 -14.19 3.21
C LYS B 249 -38.69 -13.93 3.97
N GLY B 250 -38.17 -14.98 4.61
CA GLY B 250 -36.95 -14.88 5.39
C GLY B 250 -35.89 -13.98 4.81
N PHE B 251 -35.34 -14.39 3.67
CA PHE B 251 -34.29 -13.66 2.98
C PHE B 251 -34.57 -12.15 2.92
N TYR B 252 -35.84 -11.77 2.91
CA TYR B 252 -36.20 -10.36 2.86
C TYR B 252 -35.97 -9.79 4.25
N TYR B 253 -36.28 -10.59 5.25
CA TYR B 253 -36.09 -10.16 6.62
C TYR B 253 -34.59 -9.96 6.87
N ILE B 254 -33.79 -10.88 6.32
CA ILE B 254 -32.35 -10.84 6.46
C ILE B 254 -31.74 -9.58 5.87
N MET B 255 -32.16 -9.22 4.66
CA MET B 255 -31.63 -8.00 4.03
C MET B 255 -31.90 -6.79 4.92
N LYS B 256 -32.98 -6.82 5.67
CA LYS B 256 -33.34 -5.72 6.55
C LYS B 256 -32.38 -5.55 7.73
N GLU B 257 -31.97 -6.66 8.33
CA GLU B 257 -31.08 -6.64 9.49
C GLU B 257 -29.59 -6.56 9.18
N LEU B 258 -29.19 -6.86 7.94
CA LEU B 258 -27.78 -6.83 7.61
C LEU B 258 -27.08 -5.53 7.96
N PRO B 259 -27.69 -4.37 7.64
CA PRO B 259 -27.07 -3.09 7.95
C PRO B 259 -26.65 -3.01 9.41
N GLN B 260 -27.50 -3.52 10.29
CA GLN B 260 -27.20 -3.53 11.72
C GLN B 260 -25.90 -4.29 11.94
N GLU B 261 -25.88 -5.53 11.45
CA GLU B 261 -24.73 -6.42 11.56
C GLU B 261 -23.44 -5.76 11.04
N ARG B 262 -23.49 -5.25 9.82
CA ARG B 262 -22.31 -4.59 9.28
C ARG B 262 -21.87 -3.44 10.17
N LEU B 263 -22.79 -2.56 10.54
CA LEU B 263 -22.47 -1.42 11.40
C LEU B 263 -21.84 -1.88 12.70
N LEU B 264 -22.41 -2.93 13.26
CA LEU B 264 -21.87 -3.45 14.50
C LEU B 264 -20.39 -3.79 14.27
N ILE B 265 -20.13 -4.69 13.33
CA ILE B 265 -18.77 -5.10 13.02
C ILE B 265 -17.90 -3.86 12.87
N ALA B 266 -18.36 -2.92 12.04
CA ALA B 266 -17.64 -1.66 11.81
C ALA B 266 -17.10 -1.03 13.07
N ASP B 267 -17.98 -0.86 14.06
CA ASP B 267 -17.59 -0.21 15.31
C ASP B 267 -16.71 -1.09 16.19
N VAL B 268 -16.97 -2.38 16.21
CA VAL B 268 -16.12 -3.28 16.98
C VAL B 268 -14.74 -3.14 16.34
N ALA B 269 -14.69 -3.28 15.02
CA ALA B 269 -13.44 -3.17 14.28
C ALA B 269 -12.59 -1.94 14.67
N ILE B 270 -13.17 -0.75 14.51
CA ILE B 270 -12.45 0.48 14.81
C ILE B 270 -12.14 0.67 16.29
N SER B 271 -13.00 0.16 17.16
CA SER B 271 -12.78 0.31 18.57
C SER B 271 -11.56 -0.51 18.96
N ALA B 272 -11.44 -1.66 18.30
CA ALA B 272 -10.34 -2.59 18.49
C ALA B 272 -9.03 -1.88 18.11
N SER B 273 -9.09 -1.14 17.01
CA SER B 273 -7.93 -0.39 16.50
C SER B 273 -7.61 0.70 17.50
N GLU B 274 -8.66 1.29 18.06
CA GLU B 274 -8.45 2.33 19.03
C GLU B 274 -7.72 1.74 20.22
N PHE B 275 -8.20 0.61 20.71
CA PHE B 275 -7.55 -0.06 21.82
C PHE B 275 -6.09 -0.36 21.46
N MET B 276 -5.91 -1.00 20.31
CA MET B 276 -4.59 -1.38 19.84
C MET B 276 -3.60 -0.22 19.77
N PHE B 277 -4.00 0.89 19.17
CA PHE B 277 -3.08 2.02 19.08
C PHE B 277 -2.67 2.49 20.48
N GLU B 278 -3.67 2.60 21.34
CA GLU B 278 -3.43 3.07 22.69
C GLU B 278 -2.50 2.12 23.43
N GLU B 279 -2.73 0.81 23.30
CA GLU B 279 -1.88 -0.20 23.92
C GLU B 279 -0.44 -0.13 23.40
N THR B 280 -0.29 0.17 22.11
CA THR B 280 1.04 0.25 21.49
C THR B 280 1.78 1.54 21.86
N ARG B 281 1.06 2.66 21.89
CA ARG B 281 1.64 3.95 22.25
C ARG B 281 2.24 3.80 23.64
N ASN B 282 1.54 3.02 24.45
CA ASN B 282 1.98 2.76 25.80
C ASN B 282 3.31 2.02 25.77
N TYR B 283 3.38 0.93 25.00
CA TYR B 283 4.59 0.11 24.91
C TYR B 283 5.83 0.83 24.39
N VAL B 284 5.68 1.57 23.30
CA VAL B 284 6.81 2.28 22.72
C VAL B 284 7.42 3.32 23.63
N LYS B 285 6.59 3.94 24.46
CA LYS B 285 7.05 4.97 25.39
C LYS B 285 7.78 4.40 26.61
N GLN B 286 7.45 3.18 27.00
CA GLN B 286 8.09 2.60 28.16
C GLN B 286 9.16 1.56 27.79
N ARG B 287 9.55 1.54 26.52
CA ARG B 287 10.55 0.61 26.01
C ARG B 287 11.82 1.34 25.58
N LYS B 288 12.92 1.11 26.30
CA LYS B 288 14.18 1.77 25.99
C LYS B 288 15.08 0.99 25.03
N ALA B 289 15.93 1.73 24.32
CA ALA B 289 16.85 1.14 23.35
C ALA B 289 17.80 2.20 22.80
N PHE B 290 19.07 1.81 22.66
CA PHE B 290 20.10 2.70 22.13
C PHE B 290 20.16 3.99 22.95
N GLY B 291 19.65 3.93 24.18
CA GLY B 291 19.65 5.10 25.08
C GLY B 291 18.25 5.54 25.46
N LYS B 292 17.55 6.21 24.53
CA LYS B 292 16.17 6.71 24.78
C LYS B 292 15.18 5.64 24.31
N THR B 293 13.90 5.81 24.69
CA THR B 293 12.84 4.87 24.32
C THR B 293 12.68 4.77 22.80
N VAL B 294 11.84 3.84 22.35
CA VAL B 294 11.61 3.65 20.93
C VAL B 294 10.53 4.58 20.44
N ALA B 295 10.00 5.40 21.33
CA ALA B 295 8.95 6.35 20.95
C ALA B 295 9.63 7.62 20.47
N HIS B 296 10.90 7.77 20.83
CA HIS B 296 11.65 8.95 20.42
C HIS B 296 12.07 8.85 18.96
N LEU B 297 12.47 7.65 18.54
CA LEU B 297 12.85 7.39 17.15
C LEU B 297 11.87 8.05 16.16
N GLN B 298 12.39 8.86 15.23
CA GLN B 298 11.53 9.52 14.25
C GLN B 298 10.64 8.56 13.41
N THR B 299 11.15 7.39 13.03
CA THR B 299 10.32 6.48 12.25
C THR B 299 9.13 5.99 13.06
N VAL B 300 9.37 5.62 14.32
CA VAL B 300 8.30 5.15 15.19
C VAL B 300 7.20 6.20 15.39
N GLN B 301 7.59 7.48 15.36
CA GLN B 301 6.64 8.57 15.51
C GLN B 301 5.73 8.69 14.30
N HIS B 302 6.36 8.86 13.14
CA HIS B 302 5.65 9.02 11.89
C HIS B 302 4.69 7.87 11.62
N LYS B 303 5.06 6.67 12.04
CA LYS B 303 4.19 5.52 11.87
C LYS B 303 2.99 5.75 12.79
N LEU B 304 3.25 6.11 14.05
CA LEU B 304 2.18 6.35 15.02
C LEU B 304 1.25 7.46 14.55
N ALA B 305 1.85 8.51 13.99
CA ALA B 305 1.06 9.61 13.49
C ALA B 305 0.11 9.13 12.37
N GLU B 306 0.64 8.32 11.45
CA GLU B 306 -0.19 7.80 10.34
C GLU B 306 -1.32 6.99 10.92
N LEU B 307 -0.94 6.11 11.86
CA LEU B 307 -1.89 5.24 12.53
C LEU B 307 -3.00 6.00 13.24
N LYS B 308 -2.61 6.99 14.01
CA LYS B 308 -3.60 7.75 14.76
C LYS B 308 -4.54 8.45 13.79
N THR B 309 -3.99 8.96 12.69
CA THR B 309 -4.81 9.67 11.72
C THR B 309 -5.85 8.75 11.10
N HIS B 310 -5.40 7.68 10.46
CA HIS B 310 -6.30 6.75 9.80
C HIS B 310 -7.38 6.24 10.76
N ILE B 311 -7.01 6.10 12.02
CA ILE B 311 -7.94 5.63 13.04
C ILE B 311 -8.98 6.71 13.40
N CYS B 312 -8.53 7.95 13.57
CA CYS B 312 -9.46 9.02 13.91
C CYS B 312 -10.35 9.32 12.74
N VAL B 313 -9.77 9.27 11.54
CA VAL B 313 -10.54 9.52 10.34
C VAL B 313 -11.64 8.45 10.25
N THR B 314 -11.27 7.19 10.40
CA THR B 314 -12.28 6.13 10.33
C THR B 314 -13.30 6.27 11.45
N ARG B 315 -12.82 6.53 12.66
CA ARG B 315 -13.67 6.69 13.83
C ARG B 315 -14.82 7.63 13.47
N ALA B 316 -14.48 8.81 12.94
CA ALA B 316 -15.48 9.79 12.53
C ALA B 316 -16.56 9.14 11.66
N PHE B 317 -16.17 8.65 10.49
CA PHE B 317 -17.11 8.01 9.57
C PHE B 317 -18.01 7.00 10.29
N VAL B 318 -17.46 6.33 11.30
CA VAL B 318 -18.26 5.36 12.01
C VAL B 318 -19.24 6.06 12.94
N ASP B 319 -18.78 7.08 13.67
CA ASP B 319 -19.71 7.79 14.56
C ASP B 319 -20.77 8.48 13.73
N ASN B 320 -20.47 8.65 12.45
CA ASN B 320 -21.37 9.26 11.49
C ASN B 320 -22.49 8.24 11.18
N CYS B 321 -22.11 6.97 11.04
CA CYS B 321 -23.05 5.91 10.72
C CYS B 321 -23.86 5.48 11.93
N LEU B 322 -23.35 5.78 13.12
CA LEU B 322 -24.06 5.44 14.34
C LEU B 322 -25.23 6.42 14.44
N GLN B 323 -24.89 7.71 14.31
CA GLN B 323 -25.87 8.78 14.36
C GLN B 323 -26.96 8.51 13.30
N LEU B 324 -26.51 8.16 12.10
CA LEU B 324 -27.44 7.86 11.04
C LEU B 324 -28.33 6.68 11.40
N HIS B 325 -27.76 5.62 11.98
CA HIS B 325 -28.56 4.45 12.31
C HIS B 325 -29.53 4.72 13.44
N GLU B 326 -29.17 5.70 14.28
CA GLU B 326 -30.01 6.13 15.39
C GLU B 326 -31.33 6.69 14.84
N ALA B 327 -31.20 7.49 13.78
CA ALA B 327 -32.32 8.12 13.10
C ALA B 327 -32.96 7.13 12.12
N LYS B 328 -32.69 5.84 12.31
CA LYS B 328 -33.21 4.79 11.42
C LYS B 328 -32.82 5.10 9.98
N ARG B 329 -31.74 5.85 9.79
CA ARG B 329 -31.30 6.24 8.47
C ARG B 329 -29.90 5.76 8.02
N LEU B 330 -29.72 4.45 8.01
CA LEU B 330 -28.47 3.88 7.57
C LEU B 330 -28.80 2.81 6.52
N ASP B 331 -28.50 3.12 5.26
CA ASP B 331 -28.76 2.20 4.15
C ASP B 331 -27.66 1.16 4.00
N SER B 332 -27.98 0.09 3.27
CA SER B 332 -27.06 -1.01 3.04
C SER B 332 -25.64 -0.53 2.68
N ALA B 333 -25.51 0.13 1.53
CA ALA B 333 -24.21 0.62 1.08
C ALA B 333 -23.40 1.33 2.17
N THR B 334 -23.94 2.40 2.74
CA THR B 334 -23.24 3.12 3.80
C THR B 334 -22.83 2.13 4.88
N ALA B 335 -23.74 1.21 5.18
CA ALA B 335 -23.45 0.22 6.20
C ALA B 335 -22.24 -0.60 5.76
N CYS B 336 -22.22 -0.97 4.47
CA CYS B 336 -21.13 -1.75 3.92
C CYS B 336 -19.80 -1.02 4.00
N MET B 337 -19.79 0.25 3.65
CA MET B 337 -18.57 1.04 3.67
C MET B 337 -17.87 0.99 5.03
N ALA B 338 -18.67 1.08 6.07
CA ALA B 338 -18.13 1.05 7.42
C ALA B 338 -17.48 -0.29 7.78
N LYS B 339 -18.19 -1.38 7.56
CA LYS B 339 -17.69 -2.70 7.88
C LYS B 339 -16.39 -2.99 7.12
N TYR B 340 -16.39 -2.64 5.84
CA TYR B 340 -15.24 -2.86 4.96
C TYR B 340 -14.02 -2.03 5.33
N TRP B 341 -14.15 -0.72 5.27
CA TRP B 341 -13.03 0.16 5.57
C TRP B 341 -12.43 -0.08 6.94
N ALA B 342 -13.29 -0.26 7.92
CA ALA B 342 -12.90 -0.48 9.30
C ALA B 342 -12.24 -1.83 9.57
N SER B 343 -12.81 -2.92 9.07
CA SER B 343 -12.23 -4.25 9.29
C SER B 343 -10.84 -4.35 8.69
N GLU B 344 -10.62 -3.69 7.56
CA GLU B 344 -9.31 -3.71 6.95
C GLU B 344 -8.35 -2.81 7.68
N LEU B 345 -8.86 -1.67 8.15
CA LEU B 345 -8.01 -0.74 8.88
C LEU B 345 -7.63 -1.47 10.16
N GLN B 346 -8.54 -2.31 10.64
CA GLN B 346 -8.33 -3.09 11.85
C GLN B 346 -7.08 -3.96 11.72
N ASN B 347 -7.06 -4.81 10.69
CA ASN B 347 -5.93 -5.70 10.45
C ASN B 347 -4.63 -4.95 10.22
N SER B 348 -4.69 -3.95 9.35
CA SER B 348 -3.52 -3.12 9.07
C SER B 348 -2.96 -2.55 10.39
N VAL B 349 -3.82 -1.98 11.22
CA VAL B 349 -3.34 -1.43 12.49
C VAL B 349 -2.70 -2.55 13.34
N ALA B 350 -3.35 -3.70 13.38
CA ALA B 350 -2.83 -4.84 14.12
C ALA B 350 -1.43 -5.21 13.63
N TYR B 351 -1.26 -5.38 12.31
CA TYR B 351 0.04 -5.73 11.78
C TYR B 351 1.12 -4.73 12.27
N ASP B 352 0.88 -3.44 12.07
CA ASP B 352 1.85 -2.43 12.50
C ASP B 352 2.10 -2.43 14.00
N CYS B 353 1.03 -2.62 14.77
CA CYS B 353 1.15 -2.61 16.20
C CYS B 353 1.94 -3.78 16.74
N VAL B 354 1.87 -4.92 16.08
CA VAL B 354 2.65 -6.06 16.52
C VAL B 354 4.12 -5.73 16.28
N GLN B 355 4.43 -5.25 15.08
CA GLN B 355 5.80 -4.90 14.71
C GLN B 355 6.43 -3.97 15.74
N LEU B 356 5.64 -3.00 16.20
CA LEU B 356 6.12 -2.04 17.19
C LEU B 356 6.44 -2.65 18.54
N HIS B 357 5.90 -3.82 18.82
CA HIS B 357 6.19 -4.46 20.09
C HIS B 357 7.44 -5.32 19.96
N GLY B 358 7.86 -5.59 18.74
CA GLY B 358 9.01 -6.44 18.56
C GLY B 358 8.56 -7.85 18.89
N GLY B 359 9.47 -8.74 19.23
CA GLY B 359 9.10 -10.10 19.55
C GLY B 359 7.97 -10.23 20.55
N TRP B 360 7.87 -9.28 21.47
CA TRP B 360 6.82 -9.34 22.46
C TRP B 360 5.45 -9.22 21.83
N GLY B 361 5.41 -8.78 20.58
CA GLY B 361 4.14 -8.66 19.90
C GLY B 361 3.68 -10.00 19.34
N TYR B 362 4.46 -11.05 19.62
CA TYR B 362 4.15 -12.38 19.13
C TYR B 362 3.78 -13.31 20.29
N MET B 363 3.99 -12.80 21.51
CA MET B 363 3.70 -13.56 22.70
C MET B 363 2.25 -13.39 23.13
N TRP B 364 1.57 -14.51 23.38
CA TRP B 364 0.18 -14.49 23.78
C TRP B 364 -0.01 -13.62 25.03
N GLU B 365 1.05 -13.50 25.82
CA GLU B 365 1.02 -12.72 27.04
C GLU B 365 0.64 -11.27 26.81
N TYR B 366 1.06 -10.71 25.68
CA TYR B 366 0.72 -9.33 25.40
C TYR B 366 -0.61 -9.21 24.65
N PRO B 367 -1.44 -8.22 25.04
CA PRO B 367 -2.74 -8.00 24.42
C PRO B 367 -2.70 -7.92 22.89
N ILE B 368 -1.61 -7.41 22.36
CA ILE B 368 -1.51 -7.23 20.92
C ILE B 368 -1.55 -8.48 20.05
N ALA B 369 -1.22 -9.65 20.57
CA ALA B 369 -1.23 -10.86 19.74
C ALA B 369 -2.62 -11.45 19.55
N LYS B 370 -3.41 -11.55 20.62
CA LYS B 370 -4.79 -12.07 20.49
C LYS B 370 -5.45 -11.09 19.51
N ALA B 371 -5.18 -9.80 19.75
CA ALA B 371 -5.72 -8.73 18.94
C ALA B 371 -5.44 -8.94 17.46
N TYR B 372 -4.23 -9.39 17.12
CA TYR B 372 -3.88 -9.61 15.74
C TYR B 372 -4.69 -10.74 15.11
N VAL B 373 -4.75 -11.90 15.78
CA VAL B 373 -5.51 -13.02 15.23
C VAL B 373 -7.01 -12.84 15.36
N ASP B 374 -7.44 -12.10 16.36
CA ASP B 374 -8.87 -11.87 16.55
C ASP B 374 -9.36 -10.90 15.48
N ALA B 375 -8.45 -10.09 14.95
CA ALA B 375 -8.82 -9.12 13.95
C ALA B 375 -8.98 -9.70 12.55
N ARG B 376 -8.19 -10.73 12.23
CA ARG B 376 -8.26 -11.33 10.90
C ARG B 376 -9.63 -11.91 10.50
N VAL B 377 -10.55 -12.03 11.46
CA VAL B 377 -11.88 -12.55 11.15
C VAL B 377 -12.88 -11.50 10.62
N GLN B 378 -12.75 -10.26 11.10
CA GLN B 378 -13.67 -9.21 10.69
C GLN B 378 -13.80 -9.00 9.18
N PRO B 379 -12.70 -9.11 8.42
CA PRO B 379 -12.85 -8.90 6.99
C PRO B 379 -13.58 -10.05 6.29
N ILE B 380 -13.79 -11.13 7.03
CA ILE B 380 -14.43 -12.32 6.51
C ILE B 380 -15.89 -12.47 6.88
N TYR B 381 -16.23 -12.43 8.17
CA TYR B 381 -17.64 -12.60 8.48
C TYR B 381 -18.43 -11.30 8.35
N GLY B 382 -19.75 -11.43 8.42
CA GLY B 382 -20.65 -10.30 8.29
C GLY B 382 -20.72 -9.98 6.82
N GLY B 383 -20.20 -10.90 6.00
CA GLY B 383 -20.17 -10.68 4.56
C GLY B 383 -18.76 -10.23 4.25
N THR B 384 -18.06 -10.94 3.35
CA THR B 384 -16.69 -10.59 3.04
C THR B 384 -16.51 -9.20 2.43
N ASN B 385 -15.36 -8.60 2.72
CA ASN B 385 -15.05 -7.27 2.22
C ASN B 385 -15.25 -7.19 0.71
N GLU B 386 -15.11 -8.31 0.02
CA GLU B 386 -15.31 -8.33 -1.42
C GLU B 386 -16.79 -8.09 -1.66
N ILE B 387 -17.62 -8.86 -0.97
CA ILE B 387 -19.07 -8.74 -1.09
C ILE B 387 -19.51 -7.35 -0.62
N MET B 388 -18.76 -6.76 0.29
CA MET B 388 -19.08 -5.42 0.75
C MET B 388 -18.93 -4.52 -0.49
N LYS B 389 -17.78 -4.63 -1.17
CA LYS B 389 -17.56 -3.83 -2.36
C LYS B 389 -18.64 -4.10 -3.41
N GLU B 390 -18.81 -5.37 -3.81
CA GLU B 390 -19.82 -5.72 -4.82
C GLU B 390 -21.07 -4.89 -4.62
N LEU B 391 -21.46 -4.71 -3.36
CA LEU B 391 -22.66 -3.96 -3.02
C LEU B 391 -22.46 -2.47 -3.13
N ILE B 392 -21.38 -1.97 -2.55
CA ILE B 392 -21.10 -0.54 -2.61
C ILE B 392 -20.96 -0.11 -4.07
N ALA B 393 -20.56 -1.05 -4.92
CA ALA B 393 -20.37 -0.78 -6.34
C ALA B 393 -21.68 -0.75 -7.14
N ARG B 394 -22.71 -1.44 -6.67
CA ARG B 394 -23.97 -1.41 -7.41
C ARG B 394 -24.48 0.03 -7.57
N GLU B 395 -24.67 0.75 -6.46
CA GLU B 395 -25.16 2.13 -6.54
C GLU B 395 -24.26 3.04 -7.40
N ILE B 396 -22.98 2.69 -7.50
CA ILE B 396 -22.01 3.48 -8.27
C ILE B 396 -22.16 3.30 -9.78
N VAL B 397 -22.15 2.04 -10.20
CA VAL B 397 -22.23 1.65 -11.60
C VAL B 397 -23.62 1.47 -12.24
N PHE B 398 -24.54 0.82 -11.51
CA PHE B 398 -25.87 0.51 -12.10
C PHE B 398 -27.01 1.21 -11.37
N ASP B 399 -28.23 0.96 -11.87
CA ASP B 399 -29.49 1.51 -11.37
C ASP B 399 -30.58 0.45 -11.11
N GLU C 3 36.06 -13.02 -14.62
CA GLU C 3 36.29 -12.47 -13.24
C GLU C 3 34.97 -12.43 -12.46
N GLU C 4 34.68 -11.32 -11.78
CA GLU C 4 33.44 -11.23 -11.02
C GLU C 4 32.84 -9.82 -10.94
N ARG C 5 31.53 -9.75 -11.10
CA ARG C 5 30.83 -8.46 -11.08
C ARG C 5 29.87 -8.29 -9.90
N LEU C 6 29.53 -7.05 -9.61
CA LEU C 6 28.60 -6.73 -8.54
C LEU C 6 27.18 -6.56 -9.07
N GLU C 7 26.18 -6.87 -8.26
CA GLU C 7 24.79 -6.67 -8.66
C GLU C 7 24.38 -5.27 -8.17
N THR C 8 23.36 -4.66 -8.77
CA THR C 8 22.95 -3.28 -8.38
C THR C 8 23.09 -2.98 -6.88
N PRO C 9 22.60 -3.90 -6.01
CA PRO C 9 22.68 -3.70 -4.56
C PRO C 9 24.03 -3.32 -3.95
N SER C 10 25.08 -4.05 -4.33
CA SER C 10 26.41 -3.81 -3.79
C SER C 10 27.17 -2.74 -4.52
N ALA C 11 26.67 -2.35 -5.69
CA ALA C 11 27.35 -1.33 -6.47
C ALA C 11 27.30 0.01 -5.77
N LYS C 12 28.36 0.79 -5.96
CA LYS C 12 28.49 2.12 -5.38
C LYS C 12 27.29 2.96 -5.83
N LYS C 13 26.80 2.70 -7.03
CA LYS C 13 25.68 3.42 -7.59
C LYS C 13 24.98 2.44 -8.52
N LEU C 14 23.65 2.42 -8.51
CA LEU C 14 22.90 1.47 -9.33
C LEU C 14 23.20 1.53 -10.82
N THR C 15 23.67 2.68 -11.29
CA THR C 15 23.95 2.87 -12.70
C THR C 15 25.42 2.80 -13.05
N ASP C 16 26.22 2.24 -12.17
CA ASP C 16 27.63 2.18 -12.49
C ASP C 16 27.83 1.24 -13.65
N ILE C 17 28.95 1.42 -14.33
CA ILE C 17 29.30 0.56 -15.45
C ILE C 17 30.13 -0.59 -14.90
N GLY C 18 29.89 -1.80 -15.40
CA GLY C 18 30.66 -2.93 -14.95
C GLY C 18 30.00 -3.76 -13.87
N ILE C 19 28.71 -3.54 -13.66
CA ILE C 19 27.96 -4.27 -12.65
C ILE C 19 26.83 -5.04 -13.32
N ARG C 20 26.23 -5.98 -12.61
CA ARG C 20 25.15 -6.84 -13.12
C ARG C 20 25.78 -7.93 -13.98
N ARG C 21 25.63 -9.17 -13.50
CA ARG C 21 26.21 -10.37 -14.11
C ARG C 21 25.85 -10.78 -15.52
N ILE C 22 24.82 -10.21 -16.11
CA ILE C 22 24.48 -10.61 -17.46
C ILE C 22 25.28 -9.83 -18.49
N PHE C 23 26.33 -9.14 -18.05
CA PHE C 23 27.17 -8.39 -18.97
C PHE C 23 28.64 -8.82 -18.98
N SER C 24 29.33 -8.47 -20.05
CA SER C 24 30.74 -8.81 -20.24
C SER C 24 31.59 -7.54 -20.29
N PRO C 25 32.92 -7.69 -20.28
CA PRO C 25 33.80 -6.53 -20.35
C PRO C 25 33.53 -5.71 -21.59
N GLU C 26 33.16 -6.42 -22.65
CA GLU C 26 32.89 -5.79 -23.93
C GLU C 26 31.62 -4.99 -23.83
N HIS C 27 30.62 -5.55 -23.16
CA HIS C 27 29.36 -4.85 -22.98
C HIS C 27 29.64 -3.55 -22.23
N ASP C 28 30.50 -3.62 -21.21
CA ASP C 28 30.84 -2.42 -20.45
C ASP C 28 31.42 -1.32 -21.34
N ILE C 29 32.38 -1.70 -22.19
CA ILE C 29 33.04 -0.76 -23.10
C ILE C 29 32.00 -0.08 -23.95
N PHE C 30 31.11 -0.88 -24.53
CA PHE C 30 30.03 -0.37 -25.38
C PHE C 30 29.13 0.59 -24.58
N ARG C 31 28.68 0.17 -23.40
CA ARG C 31 27.80 1.02 -22.60
C ARG C 31 28.47 2.35 -22.32
N LYS C 32 29.79 2.36 -22.11
CA LYS C 32 30.47 3.62 -21.82
C LYS C 32 30.37 4.54 -23.02
N SER C 33 30.41 3.95 -24.20
CA SER C 33 30.32 4.70 -25.45
C SER C 33 28.94 5.33 -25.57
N VAL C 34 27.92 4.49 -25.46
CA VAL C 34 26.53 4.90 -25.57
C VAL C 34 26.23 5.97 -24.53
N ARG C 35 26.73 5.81 -23.31
CA ARG C 35 26.46 6.83 -22.31
C ARG C 35 27.05 8.13 -22.80
N LYS C 36 28.32 8.10 -23.18
CA LYS C 36 28.96 9.31 -23.68
C LYS C 36 28.11 9.93 -24.76
N PHE C 37 27.62 9.11 -25.69
CA PHE C 37 26.79 9.63 -26.77
C PHE C 37 25.66 10.47 -26.23
N PHE C 38 24.88 9.89 -25.34
CA PHE C 38 23.74 10.59 -24.77
C PHE C 38 24.10 11.89 -24.05
N GLN C 39 25.20 11.88 -23.29
CA GLN C 39 25.61 13.09 -22.54
C GLN C 39 25.98 14.26 -23.43
N GLU C 40 26.48 13.95 -24.62
CA GLU C 40 26.94 14.96 -25.54
C GLU C 40 26.11 15.24 -26.80
N GLU C 41 25.30 14.28 -27.23
CA GLU C 41 24.52 14.50 -28.45
C GLU C 41 23.00 14.59 -28.24
N VAL C 42 22.55 14.26 -27.04
CA VAL C 42 21.12 14.32 -26.72
C VAL C 42 20.84 15.24 -25.52
N ILE C 43 21.37 14.86 -24.35
CA ILE C 43 21.18 15.64 -23.13
C ILE C 43 21.30 17.14 -23.29
N PRO C 44 22.28 17.61 -24.09
CA PRO C 44 22.49 19.06 -24.32
C PRO C 44 21.41 19.80 -25.14
N HIS C 45 20.59 19.08 -25.88
CA HIS C 45 19.57 19.70 -26.74
C HIS C 45 18.14 19.44 -26.33
N HIS C 46 17.96 18.64 -25.29
CA HIS C 46 16.62 18.28 -24.86
C HIS C 46 15.74 19.45 -24.47
N SER C 47 16.30 20.41 -23.72
CA SER C 47 15.52 21.58 -23.32
C SER C 47 14.83 22.21 -24.52
N GLU C 48 15.55 22.30 -25.65
CA GLU C 48 14.99 22.88 -26.86
C GLU C 48 13.93 21.98 -27.48
N TRP C 49 14.25 20.69 -27.63
CA TRP C 49 13.29 19.78 -28.22
C TRP C 49 11.95 19.78 -27.50
N GLU C 50 11.98 19.95 -26.18
CA GLU C 50 10.76 19.98 -25.40
C GLU C 50 9.94 21.17 -25.90
N LYS C 51 10.61 22.29 -26.11
CA LYS C 51 9.96 23.50 -26.62
C LYS C 51 9.54 23.15 -28.04
N ALA C 52 10.48 22.59 -28.79
CA ALA C 52 10.22 22.18 -30.18
C ALA C 52 9.02 21.23 -30.27
N GLY C 53 8.89 20.36 -29.27
CA GLY C 53 7.79 19.40 -29.25
C GLY C 53 8.24 18.13 -29.95
N GLU C 54 9.51 18.13 -30.36
CA GLU C 54 10.11 17.01 -31.07
C GLU C 54 11.61 17.24 -31.20
N VAL C 55 12.37 16.15 -31.30
CA VAL C 55 13.81 16.21 -31.46
C VAL C 55 14.18 16.38 -32.93
N SER C 56 15.47 16.52 -33.19
CA SER C 56 15.98 16.71 -34.55
C SER C 56 16.42 15.44 -35.31
N ARG C 57 16.32 15.47 -36.63
CA ARG C 57 16.73 14.33 -37.44
C ARG C 57 18.25 14.31 -37.39
N GLU C 58 18.79 15.46 -36.99
CA GLU C 58 20.22 15.67 -36.84
C GLU C 58 20.77 14.55 -35.95
N VAL C 59 20.23 14.46 -34.74
CA VAL C 59 20.65 13.48 -33.75
C VAL C 59 20.39 12.04 -34.18
N TRP C 60 19.20 11.79 -34.70
CA TRP C 60 18.83 10.45 -35.17
C TRP C 60 19.91 9.90 -36.11
N GLU C 61 20.48 10.79 -36.90
CA GLU C 61 21.48 10.38 -37.86
C GLU C 61 22.87 10.24 -37.25
N LYS C 62 23.15 11.03 -36.21
CA LYS C 62 24.45 10.91 -35.56
C LYS C 62 24.46 9.52 -34.95
N ALA C 63 23.33 9.14 -34.36
CA ALA C 63 23.18 7.85 -33.73
C ALA C 63 23.37 6.73 -34.75
N GLY C 64 23.22 7.09 -36.03
CA GLY C 64 23.41 6.13 -37.10
C GLY C 64 24.88 5.74 -37.24
N LYS C 65 25.75 6.74 -37.40
CA LYS C 65 27.18 6.48 -37.52
C LYS C 65 27.66 5.74 -36.29
N GLN C 66 27.28 6.27 -35.12
CA GLN C 66 27.65 5.71 -33.83
C GLN C 66 27.35 4.22 -33.69
N GLY C 67 26.27 3.78 -34.34
CA GLY C 67 25.90 2.37 -34.29
C GLY C 67 24.97 2.01 -33.15
N LEU C 68 24.00 2.88 -32.84
CA LEU C 68 23.06 2.63 -31.77
C LEU C 68 21.72 2.14 -32.31
N LEU C 69 21.47 2.42 -33.58
CA LEU C 69 20.23 2.00 -34.23
C LEU C 69 20.41 0.60 -34.86
N GLY C 70 19.43 -0.27 -34.64
CA GLY C 70 19.46 -1.62 -35.17
C GLY C 70 20.58 -2.47 -34.59
N VAL C 71 20.80 -2.37 -33.29
CA VAL C 71 21.88 -3.13 -32.66
C VAL C 71 21.66 -4.65 -32.64
N ASN C 72 20.49 -5.08 -32.21
CA ASN C 72 20.18 -6.50 -32.14
C ASN C 72 19.54 -7.00 -33.43
N ILE C 73 19.65 -6.23 -34.50
CA ILE C 73 19.12 -6.65 -35.78
C ILE C 73 20.34 -7.23 -36.49
N ALA C 74 20.18 -8.44 -37.06
CA ALA C 74 21.30 -9.12 -37.74
C ALA C 74 22.13 -8.20 -38.66
N GLU C 75 23.46 -8.38 -38.65
CA GLU C 75 24.38 -7.52 -39.43
C GLU C 75 24.42 -7.88 -40.92
N HIS C 76 23.89 -9.05 -41.31
CA HIS C 76 23.91 -9.49 -42.69
C HIS C 76 22.47 -9.17 -43.13
N LEU C 77 21.94 -8.07 -42.63
CA LEU C 77 20.59 -7.65 -42.99
C LEU C 77 20.46 -6.14 -42.92
N GLY C 78 21.56 -5.46 -42.62
CA GLY C 78 21.52 -4.02 -42.56
C GLY C 78 21.68 -3.42 -41.17
N GLY C 79 21.55 -4.25 -40.14
CA GLY C 79 21.71 -3.78 -38.79
C GLY C 79 23.15 -3.97 -38.36
N ILE C 80 23.49 -3.55 -37.15
CA ILE C 80 24.86 -3.69 -36.66
C ILE C 80 25.15 -5.05 -36.02
N GLY C 81 24.12 -5.89 -35.94
CA GLY C 81 24.20 -7.29 -35.47
C GLY C 81 24.86 -7.58 -34.13
N GLY C 82 24.46 -6.91 -33.04
CA GLY C 82 24.94 -7.28 -31.72
C GLY C 82 23.98 -8.30 -31.14
N ASP C 83 24.11 -8.59 -29.85
CA ASP C 83 23.20 -9.52 -29.18
C ASP C 83 22.12 -8.72 -28.47
N LEU C 84 21.32 -9.37 -27.64
CA LEU C 84 20.25 -8.69 -26.93
C LEU C 84 20.73 -7.77 -25.81
N TYR C 85 21.77 -8.17 -25.10
CA TYR C 85 22.29 -7.37 -24.01
C TYR C 85 22.77 -6.01 -24.51
N SER C 86 23.39 -6.00 -25.68
CA SER C 86 23.89 -4.77 -26.26
C SER C 86 22.75 -3.80 -26.60
N ALA C 87 21.66 -4.33 -27.16
CA ALA C 87 20.53 -3.48 -27.52
C ALA C 87 19.88 -3.01 -26.24
N ALA C 88 19.81 -3.91 -25.26
CA ALA C 88 19.23 -3.58 -23.97
C ALA C 88 19.96 -2.38 -23.42
N ILE C 89 21.28 -2.38 -23.57
CA ILE C 89 22.12 -1.30 -23.08
C ILE C 89 21.73 0.06 -23.61
N VAL C 90 21.25 0.11 -24.84
CA VAL C 90 20.88 1.40 -25.38
C VAL C 90 19.56 1.89 -24.80
N TRP C 91 18.65 0.96 -24.48
CA TRP C 91 17.38 1.38 -23.88
C TRP C 91 17.69 1.94 -22.49
N GLU C 92 18.49 1.19 -21.74
CA GLU C 92 18.87 1.58 -20.38
C GLU C 92 19.55 2.93 -20.34
N GLU C 93 20.52 3.09 -21.23
CA GLU C 93 21.27 4.32 -21.27
C GLU C 93 20.44 5.51 -21.64
N GLN C 94 19.43 5.33 -22.49
CA GLN C 94 18.58 6.46 -22.82
C GLN C 94 17.77 6.83 -21.58
N ALA C 95 17.45 5.82 -20.78
CA ALA C 95 16.68 6.03 -19.58
C ALA C 95 17.54 6.77 -18.57
N TYR C 96 18.81 6.37 -18.47
CA TYR C 96 19.72 6.99 -17.53
C TYR C 96 20.01 8.47 -17.83
N SER C 97 19.62 8.93 -19.03
CA SER C 97 19.85 10.32 -19.42
C SER C 97 18.60 11.15 -19.18
N ASN C 98 17.50 10.48 -18.82
CA ASN C 98 16.25 11.15 -18.54
C ASN C 98 15.82 11.97 -19.73
N CYS C 99 15.96 11.41 -20.91
CA CYS C 99 15.58 12.10 -22.14
C CYS C 99 14.61 11.26 -22.98
N SER C 100 13.32 11.44 -22.69
CA SER C 100 12.25 10.72 -23.37
C SER C 100 12.06 11.09 -24.83
N GLY C 101 12.49 12.29 -25.20
CA GLY C 101 12.36 12.77 -26.57
C GLY C 101 12.64 11.79 -27.68
N PRO C 102 13.90 11.32 -27.84
CA PRO C 102 14.28 10.37 -28.90
C PRO C 102 13.50 9.04 -28.87
N GLY C 103 12.94 8.65 -30.01
CA GLY C 103 12.21 7.40 -30.07
C GLY C 103 13.04 6.23 -30.58
N PHE C 104 14.34 6.27 -30.29
CA PHE C 104 15.25 5.23 -30.73
C PHE C 104 14.75 3.82 -30.49
N SER C 105 14.26 3.55 -29.29
CA SER C 105 13.78 2.22 -28.90
C SER C 105 12.71 1.63 -29.80
N ILE C 106 11.59 2.33 -29.94
CA ILE C 106 10.52 1.83 -30.80
C ILE C 106 11.08 1.51 -32.19
N HIS C 107 11.91 2.42 -32.67
CA HIS C 107 12.53 2.29 -33.98
C HIS C 107 13.27 0.96 -34.15
N SER C 108 14.37 0.76 -33.43
CA SER C 108 15.12 -0.49 -33.61
C SER C 108 14.65 -1.70 -32.82
N GLY C 109 13.98 -1.47 -31.70
CA GLY C 109 13.51 -2.59 -30.91
C GLY C 109 12.23 -3.22 -31.43
N ILE C 110 11.37 -2.39 -32.01
CA ILE C 110 10.10 -2.89 -32.52
C ILE C 110 9.98 -2.87 -34.04
N VAL C 111 9.81 -1.66 -34.60
CA VAL C 111 9.66 -1.47 -36.05
C VAL C 111 10.69 -2.24 -36.87
N MET C 112 11.95 -2.17 -36.51
CA MET C 112 12.98 -2.87 -37.26
C MET C 112 12.93 -4.40 -37.12
N SER C 113 12.40 -4.88 -36.00
CA SER C 113 12.29 -6.33 -35.78
C SER C 113 11.19 -6.90 -36.67
N TYR C 114 10.07 -6.18 -36.75
CA TYR C 114 8.91 -6.57 -37.56
C TYR C 114 9.28 -6.75 -39.04
N ILE C 115 10.21 -5.93 -39.52
CA ILE C 115 10.64 -5.98 -40.90
C ILE C 115 11.66 -7.08 -41.17
N THR C 116 12.53 -7.32 -40.20
CA THR C 116 13.55 -8.35 -40.32
C THR C 116 13.07 -9.73 -39.91
N ASN C 117 11.90 -9.80 -39.27
CA ASN C 117 11.34 -11.06 -38.78
C ASN C 117 10.24 -11.66 -39.64
N HIS C 118 9.49 -10.80 -40.32
CA HIS C 118 8.38 -11.26 -41.14
C HIS C 118 8.33 -10.63 -42.52
N GLY C 119 9.04 -9.50 -42.70
CA GLY C 119 9.06 -8.83 -43.98
C GLY C 119 9.72 -9.66 -45.06
N SER C 120 9.73 -9.14 -46.28
CA SER C 120 10.34 -9.84 -47.40
C SER C 120 11.77 -9.41 -47.67
N GLU C 121 12.51 -10.25 -48.36
CA GLU C 121 13.92 -9.98 -48.68
C GLU C 121 14.09 -8.61 -49.34
N GLU C 122 13.19 -8.31 -50.27
CA GLU C 122 13.24 -7.04 -51.01
C GLU C 122 12.91 -5.88 -50.07
N GLN C 123 12.00 -6.14 -49.12
CA GLN C 123 11.56 -5.14 -48.15
C GLN C 123 12.70 -4.85 -47.17
N ILE C 124 13.47 -5.89 -46.85
CA ILE C 124 14.61 -5.75 -45.95
C ILE C 124 15.65 -4.83 -46.59
N LYS C 125 16.08 -5.16 -47.80
CA LYS C 125 17.06 -4.37 -48.53
C LYS C 125 16.71 -2.89 -48.62
N HIS C 126 15.44 -2.60 -48.86
CA HIS C 126 14.98 -1.22 -49.01
C HIS C 126 14.91 -0.42 -47.73
N PHE C 127 14.52 -1.06 -46.63
CA PHE C 127 14.36 -0.35 -45.36
C PHE C 127 15.48 -0.41 -44.29
N ILE C 128 15.95 -1.60 -43.96
CA ILE C 128 16.94 -1.76 -42.89
C ILE C 128 18.14 -0.81 -42.85
N PRO C 129 18.93 -0.73 -43.93
CA PRO C 129 20.09 0.17 -43.93
C PRO C 129 19.70 1.63 -43.70
N GLN C 130 18.64 2.08 -44.37
CA GLN C 130 18.16 3.45 -44.19
C GLN C 130 17.86 3.71 -42.71
N MET C 131 17.28 2.70 -42.07
CA MET C 131 16.93 2.75 -40.66
C MET C 131 18.14 2.64 -39.73
N THR C 132 19.08 1.76 -40.07
CA THR C 132 20.27 1.60 -39.24
C THR C 132 21.05 2.89 -39.22
N ALA C 133 20.81 3.73 -40.22
CA ALA C 133 21.50 5.00 -40.33
C ALA C 133 20.69 6.14 -39.73
N GLY C 134 19.40 5.90 -39.49
CA GLY C 134 18.58 6.94 -38.91
C GLY C 134 18.04 7.91 -39.94
N LYS C 135 18.15 7.55 -41.22
CA LYS C 135 17.66 8.41 -42.28
C LYS C 135 16.16 8.16 -42.42
N CYS C 136 15.75 6.92 -42.12
CA CYS C 136 14.36 6.51 -42.17
C CYS C 136 13.92 6.15 -40.74
N ILE C 137 13.33 7.12 -40.06
CA ILE C 137 12.85 6.94 -38.69
C ILE C 137 11.53 6.16 -38.76
N GLY C 138 11.52 4.98 -38.12
CA GLY C 138 10.34 4.14 -38.11
C GLY C 138 9.52 4.25 -36.83
N ALA C 139 8.23 3.99 -36.94
CA ALA C 139 7.30 4.04 -35.82
C ALA C 139 6.20 3.00 -36.04
N ILE C 140 5.30 2.83 -35.07
CA ILE C 140 4.23 1.85 -35.21
C ILE C 140 2.92 2.40 -34.68
N ALA C 141 1.83 2.11 -35.39
CA ALA C 141 0.51 2.60 -35.03
C ALA C 141 -0.57 1.52 -34.92
N MET C 142 -0.89 1.12 -33.70
CA MET C 142 -1.92 0.11 -33.48
C MET C 142 -3.18 0.71 -32.90
N THR C 143 -3.01 1.62 -31.95
CA THR C 143 -4.13 2.26 -31.27
C THR C 143 -4.98 3.15 -32.15
N GLU C 144 -6.22 3.34 -31.71
CA GLU C 144 -7.19 4.16 -32.42
C GLU C 144 -8.05 4.85 -31.35
N PRO C 145 -8.65 6.07 -31.69
CA PRO C 145 -9.37 6.79 -30.61
C PRO C 145 -10.13 5.95 -29.59
N GLY C 146 -10.95 5.00 -30.05
CA GLY C 146 -11.71 4.26 -29.05
C GLY C 146 -11.37 2.79 -28.97
N ALA C 147 -10.29 2.38 -29.64
CA ALA C 147 -9.87 0.99 -29.62
C ALA C 147 -8.36 0.87 -29.40
N GLY C 148 -7.98 0.65 -28.15
CA GLY C 148 -6.56 0.51 -27.81
C GLY C 148 -6.28 -0.85 -27.19
N SER C 149 -6.74 -1.03 -25.95
CA SER C 149 -6.55 -2.31 -25.28
C SER C 149 -7.35 -3.49 -25.82
N ASP C 150 -8.07 -3.20 -26.90
CA ASP C 150 -8.90 -4.18 -27.62
C ASP C 150 -8.58 -4.04 -29.11
N LEU C 151 -7.43 -4.59 -29.51
CA LEU C 151 -6.95 -4.53 -30.88
C LEU C 151 -7.96 -5.03 -31.91
N GLN C 152 -8.79 -6.00 -31.53
CA GLN C 152 -9.79 -6.54 -32.45
C GLN C 152 -10.77 -5.45 -32.89
N GLY C 153 -10.87 -4.38 -32.10
CA GLY C 153 -11.79 -3.30 -32.42
C GLY C 153 -11.19 -2.15 -33.22
N ILE C 154 -10.23 -2.45 -34.10
CA ILE C 154 -9.60 -1.41 -34.91
C ILE C 154 -10.41 -1.21 -36.19
N LYS C 155 -10.82 0.03 -36.44
CA LYS C 155 -11.63 0.33 -37.62
C LYS C 155 -10.85 0.70 -38.87
N THR C 156 -9.52 0.68 -38.81
CA THR C 156 -8.70 1.00 -39.99
C THR C 156 -8.75 -0.21 -40.91
N ASN C 157 -9.15 0.01 -42.17
CA ASN C 157 -9.24 -1.07 -43.13
C ASN C 157 -8.56 -0.80 -44.47
N ALA C 158 -8.27 -1.89 -45.18
CA ALA C 158 -7.63 -1.85 -46.49
C ALA C 158 -8.38 -2.79 -47.43
N LYS C 159 -9.15 -2.21 -48.36
CA LYS C 159 -9.91 -2.97 -49.35
C LYS C 159 -8.93 -3.30 -50.45
N LYS C 160 -9.21 -4.38 -51.19
CA LYS C 160 -8.34 -4.75 -52.28
C LYS C 160 -8.86 -4.09 -53.56
N ASP C 161 -7.92 -3.74 -54.45
CA ASP C 161 -8.22 -3.09 -55.72
C ASP C 161 -7.04 -3.43 -56.64
N GLY C 162 -7.13 -4.57 -57.32
CA GLY C 162 -6.03 -4.99 -58.16
C GLY C 162 -5.00 -5.51 -57.17
N SER C 163 -3.72 -5.34 -57.45
CA SER C 163 -2.67 -5.80 -56.53
C SER C 163 -2.46 -4.70 -55.49
N ASP C 164 -3.32 -3.71 -55.52
CA ASP C 164 -3.26 -2.58 -54.61
C ASP C 164 -4.22 -2.70 -53.44
N TRP C 165 -3.92 -1.98 -52.38
CA TRP C 165 -4.76 -1.95 -51.20
C TRP C 165 -5.11 -0.49 -50.93
N ILE C 166 -6.38 -0.20 -50.64
CA ILE C 166 -6.77 1.17 -50.34
C ILE C 166 -6.89 1.31 -48.82
N LEU C 167 -6.14 2.25 -48.26
CA LEU C 167 -6.12 2.48 -46.82
C LEU C 167 -7.03 3.59 -46.31
N ASN C 168 -7.75 3.29 -45.23
CA ASN C 168 -8.67 4.23 -44.60
C ASN C 168 -8.69 4.00 -43.10
N GLY C 169 -8.76 5.08 -42.33
CA GLY C 169 -8.80 4.97 -40.88
C GLY C 169 -8.13 6.11 -40.15
N SER C 170 -8.01 5.98 -38.83
CA SER C 170 -7.36 7.00 -38.01
C SER C 170 -6.73 6.37 -36.77
N LYS C 171 -5.42 6.56 -36.61
CA LYS C 171 -4.67 6.04 -35.47
C LYS C 171 -4.24 7.19 -34.54
N VAL C 172 -4.56 7.10 -33.25
CA VAL C 172 -4.18 8.13 -32.29
C VAL C 172 -3.00 7.69 -31.44
N PHE C 173 -2.39 8.64 -30.73
CA PHE C 173 -1.26 8.40 -29.84
C PHE C 173 0.05 7.91 -30.48
N ILE C 174 0.18 7.96 -31.80
CA ILE C 174 1.40 7.44 -32.42
C ILE C 174 2.68 8.25 -32.15
N SER C 175 3.71 7.56 -31.65
CA SER C 175 5.02 8.16 -31.33
C SER C 175 5.85 8.28 -32.59
N ASN C 176 6.44 9.45 -32.77
CA ASN C 176 7.26 9.75 -33.94
C ASN C 176 6.39 9.97 -35.18
N GLY C 177 5.14 10.38 -34.96
CA GLY C 177 4.22 10.60 -36.08
C GLY C 177 4.43 11.98 -36.68
N SER C 178 5.60 12.54 -36.43
CA SER C 178 5.93 13.86 -36.94
C SER C 178 7.25 13.72 -37.66
N LEU C 179 8.04 12.71 -37.26
CA LEU C 179 9.35 12.48 -37.87
C LEU C 179 9.45 11.11 -38.51
N SER C 180 8.33 10.39 -38.51
CA SER C 180 8.29 9.05 -39.08
C SER C 180 8.36 9.05 -40.59
N ASP C 181 9.22 8.19 -41.14
CA ASP C 181 9.35 8.04 -42.58
C ASP C 181 8.58 6.80 -42.96
N VAL C 182 8.66 5.77 -42.12
CA VAL C 182 7.96 4.52 -42.34
C VAL C 182 7.23 4.13 -41.08
N VAL C 183 5.93 3.88 -41.21
CA VAL C 183 5.08 3.53 -40.09
C VAL C 183 4.42 2.19 -40.39
N ILE C 184 4.30 1.34 -39.37
CA ILE C 184 3.64 0.07 -39.57
C ILE C 184 2.20 0.25 -39.11
N VAL C 185 1.27 0.22 -40.06
CA VAL C 185 -0.16 0.40 -39.77
C VAL C 185 -0.90 -0.93 -39.64
N VAL C 186 -1.74 -1.02 -38.62
CA VAL C 186 -2.54 -2.21 -38.38
C VAL C 186 -3.86 -2.01 -39.08
N ALA C 187 -4.08 -2.74 -40.17
CA ALA C 187 -5.30 -2.61 -40.96
C ALA C 187 -6.08 -3.89 -41.20
N VAL C 188 -7.40 -3.80 -41.06
CA VAL C 188 -8.30 -4.92 -41.28
C VAL C 188 -8.42 -5.13 -42.79
N THR C 189 -8.19 -6.35 -43.23
CA THR C 189 -8.26 -6.65 -44.65
C THR C 189 -9.40 -7.61 -44.97
N ASN C 190 -10.06 -8.10 -43.93
CA ASN C 190 -11.15 -9.05 -44.15
C ASN C 190 -12.30 -8.83 -43.18
N HIS C 191 -13.22 -7.95 -43.54
CA HIS C 191 -14.37 -7.69 -42.67
C HIS C 191 -15.15 -8.99 -42.48
N GLU C 192 -14.87 -9.95 -43.36
CA GLU C 192 -15.52 -11.25 -43.34
C GLU C 192 -14.51 -12.27 -42.82
N ALA C 193 -14.69 -12.69 -41.57
CA ALA C 193 -13.79 -13.64 -40.94
C ALA C 193 -14.31 -13.92 -39.52
N PRO C 194 -13.96 -15.09 -38.99
CA PRO C 194 -14.39 -15.47 -37.64
C PRO C 194 -14.06 -14.39 -36.62
N SER C 195 -13.07 -13.57 -36.91
CA SER C 195 -12.68 -12.49 -35.98
C SER C 195 -11.55 -11.64 -36.58
N PRO C 196 -11.44 -10.34 -36.22
CA PRO C 196 -10.38 -9.48 -36.74
C PRO C 196 -9.02 -10.18 -36.57
N ALA C 197 -8.94 -11.09 -35.60
CA ALA C 197 -7.70 -11.82 -35.34
C ALA C 197 -7.36 -12.74 -36.53
N HIS C 198 -8.25 -12.79 -37.50
CA HIS C 198 -8.04 -13.61 -38.69
C HIS C 198 -8.09 -12.77 -39.96
N GLY C 199 -8.42 -11.49 -39.81
CA GLY C 199 -8.53 -10.59 -40.94
C GLY C 199 -7.70 -9.32 -40.89
N ILE C 200 -6.61 -9.33 -40.12
CA ILE C 200 -5.74 -8.17 -39.98
C ILE C 200 -4.42 -8.33 -40.73
N SER C 201 -3.94 -7.25 -41.33
CA SER C 201 -2.66 -7.27 -42.05
C SER C 201 -1.79 -6.06 -41.66
N LEU C 202 -0.50 -6.17 -41.91
CA LEU C 202 0.42 -5.08 -41.59
C LEU C 202 0.95 -4.45 -42.88
N PHE C 203 0.95 -3.12 -42.92
CA PHE C 203 1.41 -2.40 -44.10
C PHE C 203 2.53 -1.39 -43.80
N LEU C 204 3.43 -1.22 -44.76
CA LEU C 204 4.53 -0.28 -44.61
C LEU C 204 4.16 1.00 -45.34
N VAL C 205 3.47 1.88 -44.65
CA VAL C 205 3.05 3.17 -45.18
C VAL C 205 4.22 4.14 -45.09
N GLU C 206 4.76 4.54 -46.25
CA GLU C 206 5.88 5.48 -46.29
C GLU C 206 5.41 6.93 -46.23
N ASN C 207 6.32 7.83 -45.92
CA ASN C 207 6.00 9.25 -45.82
C ASN C 207 5.88 9.82 -47.23
N GLY C 208 4.79 10.53 -47.50
CA GLY C 208 4.62 11.13 -48.81
C GLY C 208 3.61 10.48 -49.73
N MET C 209 3.02 9.38 -49.30
CA MET C 209 2.01 8.71 -50.13
C MET C 209 0.80 9.65 -50.07
N LYS C 210 0.27 9.99 -51.23
CA LYS C 210 -0.89 10.88 -51.29
C LYS C 210 -1.99 10.21 -50.50
N GLY C 211 -2.41 10.86 -49.41
CA GLY C 211 -3.46 10.31 -48.59
C GLY C 211 -3.03 10.20 -47.14
N PHE C 212 -1.72 10.09 -46.90
CA PHE C 212 -1.20 9.97 -45.54
C PHE C 212 -1.00 11.35 -44.91
N ILE C 213 -1.98 11.74 -44.09
CA ILE C 213 -1.97 13.03 -43.41
C ILE C 213 -1.45 12.89 -41.99
N LYS C 214 -0.26 13.44 -41.73
CA LYS C 214 0.30 13.38 -40.40
C LYS C 214 -0.35 14.51 -39.59
N GLY C 215 -1.27 14.11 -38.71
CA GLY C 215 -2.00 15.05 -37.87
C GLY C 215 -1.18 15.85 -36.88
N ARG C 216 -1.87 16.68 -36.11
CA ARG C 216 -1.26 17.57 -35.12
C ARG C 216 -0.76 16.84 -33.86
N LYS C 217 0.33 17.36 -33.30
CA LYS C 217 0.92 16.79 -32.09
C LYS C 217 -0.01 17.01 -30.88
N LEU C 218 -0.35 15.91 -30.22
CA LEU C 218 -1.23 15.94 -29.06
C LEU C 218 -0.57 16.65 -27.88
N HIS C 219 -1.38 17.18 -26.96
CA HIS C 219 -0.84 17.85 -25.78
C HIS C 219 -0.96 16.92 -24.56
N LYS C 220 0.19 16.52 -24.02
CA LYS C 220 0.24 15.63 -22.88
C LYS C 220 0.85 16.31 -21.65
N MET C 221 0.92 15.58 -20.54
CA MET C 221 1.46 16.07 -19.27
C MET C 221 2.96 15.74 -19.12
N GLY C 222 3.42 14.75 -19.89
CA GLY C 222 4.81 14.34 -19.86
C GLY C 222 5.26 14.06 -21.27
N LEU C 223 6.42 13.43 -21.44
CA LEU C 223 6.93 13.15 -22.79
C LEU C 223 6.77 14.40 -23.66
N LYS C 224 7.29 15.53 -23.17
CA LYS C 224 7.20 16.79 -23.89
C LYS C 224 8.10 16.88 -25.13
N ALA C 225 9.08 15.97 -25.24
CA ALA C 225 9.98 15.98 -26.38
C ALA C 225 9.82 14.78 -27.32
N GLN C 226 8.73 14.03 -27.14
CA GLN C 226 8.46 12.87 -27.99
C GLN C 226 7.23 13.35 -28.75
N ASP C 227 7.35 13.40 -30.08
CA ASP C 227 6.28 13.88 -30.95
C ASP C 227 5.15 12.86 -31.08
N THR C 228 4.18 12.97 -30.18
CA THR C 228 3.01 12.09 -30.14
C THR C 228 1.89 12.74 -30.97
N ALA C 229 1.46 12.03 -32.03
CA ALA C 229 0.42 12.57 -32.90
C ALA C 229 -0.60 11.59 -33.46
N GLU C 230 -1.64 12.18 -34.06
CA GLU C 230 -2.71 11.43 -34.71
C GLU C 230 -2.29 11.18 -36.16
N LEU C 231 -2.71 10.05 -36.70
CA LEU C 231 -2.39 9.72 -38.08
C LEU C 231 -3.68 9.41 -38.83
N PHE C 232 -3.84 10.02 -40.02
CA PHE C 232 -5.03 9.80 -40.84
C PHE C 232 -4.72 9.11 -42.15
N PHE C 233 -5.65 8.29 -42.62
CA PHE C 233 -5.49 7.54 -43.87
C PHE C 233 -6.71 7.73 -44.76
N GLU C 234 -6.55 8.49 -45.83
CA GLU C 234 -7.65 8.73 -46.75
C GLU C 234 -7.38 8.16 -48.12
N ASP C 235 -8.01 7.02 -48.40
CA ASP C 235 -7.88 6.34 -49.66
C ASP C 235 -6.47 6.12 -50.17
N ILE C 236 -5.48 6.18 -49.28
CA ILE C 236 -4.10 5.95 -49.69
C ILE C 236 -3.99 4.75 -50.63
N ARG C 237 -3.37 4.95 -51.78
CA ARG C 237 -3.19 3.86 -52.74
C ARG C 237 -1.91 3.12 -52.42
N LEU C 238 -2.06 2.04 -51.66
CA LEU C 238 -0.93 1.23 -51.26
C LEU C 238 -0.64 0.17 -52.33
N PRO C 239 0.56 0.21 -52.93
CA PRO C 239 0.96 -0.76 -53.96
C PRO C 239 1.21 -2.12 -53.32
N ALA C 240 1.11 -3.18 -54.12
CA ALA C 240 1.32 -4.53 -53.60
C ALA C 240 2.44 -4.60 -52.57
N SER C 241 3.61 -4.06 -52.91
CA SER C 241 4.79 -4.06 -52.05
C SER C 241 4.59 -3.61 -50.60
N ALA C 242 3.54 -2.82 -50.35
CA ALA C 242 3.26 -2.32 -49.00
C ALA C 242 2.94 -3.41 -47.99
N LEU C 243 2.34 -4.51 -48.46
CA LEU C 243 1.99 -5.62 -47.58
C LEU C 243 3.19 -6.16 -46.82
N LEU C 244 3.02 -6.32 -45.51
CA LEU C 244 4.08 -6.86 -44.68
C LEU C 244 3.60 -8.21 -44.16
N GLY C 245 4.25 -9.29 -44.61
CA GLY C 245 3.85 -10.61 -44.19
C GLY C 245 2.68 -11.15 -45.02
N GLU C 246 2.07 -12.24 -44.59
CA GLU C 246 0.94 -12.81 -45.32
C GLU C 246 -0.33 -12.04 -45.03
N GLU C 247 -1.25 -12.02 -45.99
CA GLU C 247 -2.52 -11.32 -45.82
C GLU C 247 -3.36 -11.99 -44.75
N ASN C 248 -3.91 -11.16 -43.85
CA ASN C 248 -4.75 -11.62 -42.75
C ASN C 248 -3.98 -12.47 -41.74
N LYS C 249 -2.71 -12.13 -41.55
CA LYS C 249 -1.82 -12.82 -40.62
C LYS C 249 -1.22 -11.79 -39.64
N GLY C 250 -1.57 -10.52 -39.85
CA GLY C 250 -1.08 -9.45 -39.02
C GLY C 250 -1.16 -9.77 -37.54
N PHE C 251 -2.28 -10.31 -37.10
CA PHE C 251 -2.46 -10.64 -35.69
C PHE C 251 -1.46 -11.68 -35.18
N TYR C 252 -1.01 -12.57 -36.06
CA TYR C 252 -0.05 -13.61 -35.66
C TYR C 252 1.34 -12.98 -35.45
N TYR C 253 1.77 -12.13 -36.38
CA TYR C 253 3.06 -11.47 -36.25
C TYR C 253 3.09 -10.61 -35.00
N ILE C 254 2.06 -9.81 -34.80
CA ILE C 254 2.00 -8.96 -33.63
C ILE C 254 2.25 -9.84 -32.40
N MET C 255 1.59 -10.99 -32.39
CA MET C 255 1.73 -11.94 -31.29
C MET C 255 3.18 -12.24 -30.97
N LYS C 256 3.90 -12.73 -31.98
CA LYS C 256 5.29 -13.09 -31.82
C LYS C 256 6.21 -12.00 -31.26
N GLU C 257 5.90 -10.73 -31.57
CA GLU C 257 6.71 -9.59 -31.15
C GLU C 257 6.36 -8.99 -29.80
N LEU C 258 5.11 -9.16 -29.37
CA LEU C 258 4.68 -8.59 -28.10
C LEU C 258 5.60 -8.90 -26.91
N PRO C 259 6.14 -10.12 -26.80
CA PRO C 259 7.02 -10.41 -25.67
C PRO C 259 8.14 -9.39 -25.56
N GLN C 260 8.91 -9.29 -26.64
CA GLN C 260 10.00 -8.35 -26.67
C GLN C 260 9.54 -6.92 -26.43
N GLU C 261 8.34 -6.57 -26.91
CA GLU C 261 7.83 -5.20 -26.71
C GLU C 261 7.61 -4.95 -25.22
N ARG C 262 7.19 -6.01 -24.53
CA ARG C 262 6.95 -5.92 -23.10
C ARG C 262 8.26 -5.92 -22.34
N LEU C 263 9.25 -6.70 -22.79
CA LEU C 263 10.55 -6.72 -22.13
C LEU C 263 11.20 -5.37 -22.23
N LEU C 264 11.09 -4.77 -23.40
CA LEU C 264 11.66 -3.46 -23.65
C LEU C 264 11.11 -2.41 -22.67
N ILE C 265 9.79 -2.36 -22.52
CA ILE C 265 9.19 -1.39 -21.60
C ILE C 265 9.62 -1.77 -20.19
N ALA C 266 9.66 -3.07 -19.93
CA ALA C 266 10.07 -3.57 -18.63
C ALA C 266 11.41 -2.94 -18.25
N ASP C 267 12.40 -3.17 -19.11
CA ASP C 267 13.74 -2.66 -18.87
C ASP C 267 13.80 -1.13 -18.83
N VAL C 268 13.03 -0.46 -19.67
CA VAL C 268 13.07 0.99 -19.64
C VAL C 268 12.54 1.47 -18.30
N ALA C 269 11.42 0.89 -17.88
CA ALA C 269 10.78 1.23 -16.60
C ALA C 269 11.72 1.04 -15.39
N ILE C 270 12.30 -0.15 -15.26
CA ILE C 270 13.19 -0.41 -14.15
C ILE C 270 14.37 0.54 -14.24
N SER C 271 14.84 0.78 -15.47
CA SER C 271 15.98 1.65 -15.70
C SER C 271 15.64 3.08 -15.32
N ALA C 272 14.43 3.50 -15.65
CA ALA C 272 13.93 4.81 -15.31
C ALA C 272 13.93 4.94 -13.78
N SER C 273 13.50 3.88 -13.09
CA SER C 273 13.50 3.94 -11.64
C SER C 273 14.90 4.05 -11.11
N GLU C 274 15.83 3.34 -11.74
CA GLU C 274 17.22 3.39 -11.30
C GLU C 274 17.77 4.83 -11.36
N PHE C 275 17.43 5.57 -12.40
CA PHE C 275 17.89 6.94 -12.52
C PHE C 275 17.33 7.82 -11.39
N MET C 276 16.01 7.87 -11.30
CA MET C 276 15.33 8.66 -10.27
C MET C 276 15.95 8.44 -8.88
N PHE C 277 16.06 7.19 -8.46
CA PHE C 277 16.64 6.85 -7.16
C PHE C 277 18.02 7.48 -6.88
N GLU C 278 18.98 7.28 -7.79
CA GLU C 278 20.33 7.82 -7.62
C GLU C 278 20.33 9.35 -7.68
N GLU C 279 19.29 9.88 -8.33
CA GLU C 279 19.14 11.32 -8.45
C GLU C 279 18.61 11.88 -7.13
N THR C 280 17.58 11.23 -6.59
CA THR C 280 16.97 11.67 -5.36
C THR C 280 17.94 11.45 -4.23
N ARG C 281 18.66 10.32 -4.29
CA ARG C 281 19.64 10.05 -3.27
C ARG C 281 20.60 11.25 -3.19
N ASN C 282 21.11 11.66 -4.34
CA ASN C 282 22.05 12.76 -4.40
C ASN C 282 21.44 14.03 -3.80
N TYR C 283 20.21 14.35 -4.20
CA TYR C 283 19.53 15.53 -3.70
C TYR C 283 19.44 15.59 -2.16
N VAL C 284 19.01 14.50 -1.53
CA VAL C 284 18.87 14.53 -0.09
C VAL C 284 20.22 14.65 0.61
N LYS C 285 21.29 14.29 -0.08
CA LYS C 285 22.61 14.39 0.54
C LYS C 285 23.15 15.82 0.48
N GLN C 286 22.61 16.62 -0.44
CA GLN C 286 23.05 18.00 -0.61
C GLN C 286 22.13 19.01 0.05
N ARG C 287 20.83 18.79 -0.03
CA ARG C 287 19.85 19.68 0.58
C ARG C 287 20.11 19.79 2.09
N LYS C 288 20.23 21.03 2.59
CA LYS C 288 20.51 21.26 4.02
C LYS C 288 19.28 21.49 4.87
N ALA C 289 19.30 20.95 6.09
CA ALA C 289 18.20 21.11 7.03
C ALA C 289 18.64 20.82 8.47
N PHE C 290 18.49 21.82 9.34
CA PHE C 290 18.84 21.75 10.76
C PHE C 290 20.33 21.55 11.03
N GLY C 291 21.17 22.26 10.29
CA GLY C 291 22.60 22.15 10.50
C GLY C 291 23.17 20.91 9.84
N LYS C 292 22.31 19.95 9.50
CA LYS C 292 22.73 18.71 8.86
C LYS C 292 21.88 18.52 7.60
N THR C 293 22.16 17.45 6.86
CA THR C 293 21.44 17.17 5.63
C THR C 293 20.17 16.33 5.85
N VAL C 294 19.18 16.52 4.99
CA VAL C 294 17.91 15.79 5.09
C VAL C 294 18.13 14.28 4.95
N ALA C 295 19.35 13.90 4.59
CA ALA C 295 19.70 12.48 4.43
C ALA C 295 20.00 11.87 5.80
N HIS C 296 20.18 12.74 6.79
CA HIS C 296 20.48 12.32 8.14
C HIS C 296 19.20 11.91 8.86
N LEU C 297 18.06 12.34 8.33
CA LEU C 297 16.78 11.99 8.95
C LEU C 297 16.58 10.48 8.88
N GLN C 298 15.97 9.90 9.90
CA GLN C 298 15.75 8.47 9.89
C GLN C 298 14.57 8.12 8.98
N THR C 299 13.56 8.98 8.94
CA THR C 299 12.44 8.66 8.07
C THR C 299 12.89 8.63 6.61
N VAL C 300 13.75 9.56 6.25
CA VAL C 300 14.22 9.63 4.88
C VAL C 300 15.06 8.38 4.61
N GLN C 301 16.02 8.14 5.49
CA GLN C 301 16.88 6.98 5.37
C GLN C 301 16.08 5.73 5.05
N HIS C 302 15.00 5.51 5.78
CA HIS C 302 14.13 4.35 5.57
C HIS C 302 13.35 4.39 4.26
N LYS C 303 12.82 5.54 3.91
CA LYS C 303 12.06 5.66 2.68
C LYS C 303 13.01 5.31 1.52
N LEU C 304 14.30 5.57 1.70
CA LEU C 304 15.26 5.25 0.65
C LEU C 304 15.53 3.76 0.56
N ALA C 305 15.71 3.12 1.72
CA ALA C 305 15.94 1.69 1.77
C ALA C 305 14.80 0.94 1.07
N GLU C 306 13.58 1.45 1.23
CA GLU C 306 12.40 0.85 0.62
C GLU C 306 12.44 0.92 -0.89
N LEU C 307 12.64 2.13 -1.43
CA LEU C 307 12.71 2.32 -2.87
C LEU C 307 13.86 1.51 -3.46
N LYS C 308 15.04 1.65 -2.88
CA LYS C 308 16.21 0.92 -3.37
C LYS C 308 15.95 -0.59 -3.33
N THR C 309 15.45 -1.10 -2.21
CA THR C 309 15.19 -2.53 -2.14
C THR C 309 14.18 -2.94 -3.20
N HIS C 310 13.10 -2.19 -3.37
CA HIS C 310 12.13 -2.58 -4.37
C HIS C 310 12.71 -2.43 -5.78
N ILE C 311 13.64 -1.49 -5.96
CA ILE C 311 14.27 -1.32 -7.27
C ILE C 311 15.27 -2.45 -7.54
N CYS C 312 16.17 -2.72 -6.60
CA CYS C 312 17.13 -3.79 -6.81
C CYS C 312 16.45 -5.12 -7.06
N VAL C 313 15.37 -5.38 -6.32
CA VAL C 313 14.63 -6.62 -6.47
C VAL C 313 14.04 -6.72 -7.86
N THR C 314 13.29 -5.70 -8.28
CA THR C 314 12.66 -5.75 -9.59
C THR C 314 13.69 -5.90 -10.70
N ARG C 315 14.82 -5.20 -10.57
CA ARG C 315 15.91 -5.26 -11.55
C ARG C 315 16.41 -6.70 -11.74
N ALA C 316 16.51 -7.44 -10.64
CA ALA C 316 16.95 -8.82 -10.70
C ALA C 316 16.03 -9.59 -11.62
N PHE C 317 14.73 -9.46 -11.40
CA PHE C 317 13.76 -10.15 -12.23
C PHE C 317 13.92 -9.75 -13.70
N VAL C 318 14.02 -8.46 -13.94
CA VAL C 318 14.16 -7.97 -15.30
C VAL C 318 15.43 -8.46 -15.98
N ASP C 319 16.55 -8.50 -15.24
CA ASP C 319 17.82 -8.97 -15.81
C ASP C 319 17.74 -10.47 -16.04
N ASN C 320 16.86 -11.13 -15.31
CA ASN C 320 16.70 -12.56 -15.45
C ASN C 320 15.87 -12.80 -16.69
N CYS C 321 15.02 -11.82 -17.02
CA CYS C 321 14.17 -11.93 -18.20
C CYS C 321 14.97 -11.57 -19.44
N LEU C 322 16.05 -10.82 -19.28
CA LEU C 322 16.86 -10.45 -20.44
C LEU C 322 17.65 -11.67 -20.85
N GLN C 323 18.11 -12.41 -19.87
CA GLN C 323 18.89 -13.61 -20.14
C GLN C 323 18.00 -14.66 -20.78
N LEU C 324 16.72 -14.65 -20.42
CA LEU C 324 15.79 -15.62 -20.97
C LEU C 324 15.41 -15.28 -22.40
N HIS C 325 15.42 -13.99 -22.76
CA HIS C 325 15.05 -13.58 -24.11
C HIS C 325 16.24 -13.76 -25.00
N GLU C 326 17.44 -13.66 -24.43
CA GLU C 326 18.64 -13.88 -25.22
C GLU C 326 18.45 -15.28 -25.80
N ALA C 327 18.18 -16.23 -24.91
CA ALA C 327 17.98 -17.63 -25.27
C ALA C 327 16.67 -17.93 -26.01
N LYS C 328 15.85 -16.90 -26.22
CA LYS C 328 14.56 -17.04 -26.88
C LYS C 328 13.68 -17.98 -26.07
N ARG C 329 13.73 -17.81 -24.74
CA ARG C 329 12.98 -18.64 -23.81
C ARG C 329 12.17 -17.85 -22.79
N LEU C 330 11.73 -16.68 -23.20
CA LEU C 330 10.93 -15.83 -22.35
C LEU C 330 9.55 -15.97 -22.95
N ASP C 331 8.62 -16.61 -22.25
CA ASP C 331 7.28 -16.71 -22.83
C ASP C 331 6.38 -15.48 -22.59
N SER C 332 5.18 -15.51 -23.15
CA SER C 332 4.23 -14.40 -23.01
C SER C 332 3.92 -13.96 -21.58
N ALA C 333 3.72 -14.92 -20.68
CA ALA C 333 3.39 -14.57 -19.32
C ALA C 333 4.52 -13.84 -18.61
N THR C 334 5.71 -14.42 -18.66
CA THR C 334 6.87 -13.84 -18.00
C THR C 334 7.17 -12.42 -18.46
N ALA C 335 7.09 -12.18 -19.76
CA ALA C 335 7.34 -10.84 -20.26
C ALA C 335 6.27 -9.92 -19.69
N CYS C 336 5.05 -10.44 -19.54
CA CYS C 336 3.96 -9.65 -18.99
C CYS C 336 4.27 -9.27 -17.53
N MET C 337 4.80 -10.22 -16.79
CA MET C 337 5.13 -9.96 -15.42
C MET C 337 6.14 -8.84 -15.33
N ALA C 338 7.15 -8.88 -16.20
CA ALA C 338 8.19 -7.86 -16.20
C ALA C 338 7.63 -6.48 -16.51
N LYS C 339 6.90 -6.37 -17.62
CA LYS C 339 6.31 -5.09 -18.03
C LYS C 339 5.42 -4.51 -16.92
N TYR C 340 4.65 -5.39 -16.31
CA TYR C 340 3.74 -5.05 -15.25
C TYR C 340 4.38 -4.55 -13.97
N TRP C 341 5.21 -5.38 -13.35
CA TRP C 341 5.86 -5.01 -12.11
C TRP C 341 6.73 -3.77 -12.26
N ALA C 342 7.55 -3.75 -13.31
CA ALA C 342 8.43 -2.61 -13.55
C ALA C 342 7.67 -1.31 -13.84
N SER C 343 6.68 -1.36 -14.74
CA SER C 343 5.93 -0.15 -15.07
C SER C 343 5.14 0.38 -13.87
N GLU C 344 4.65 -0.53 -13.05
CA GLU C 344 3.89 -0.13 -11.89
C GLU C 344 4.89 0.50 -10.94
N LEU C 345 5.98 -0.21 -10.71
CA LEU C 345 7.03 0.24 -9.80
C LEU C 345 7.58 1.58 -10.17
N GLN C 346 7.61 1.85 -11.47
CA GLN C 346 8.16 3.10 -11.95
C GLN C 346 7.43 4.33 -11.40
N ASN C 347 6.10 4.26 -11.37
CA ASN C 347 5.35 5.38 -10.85
C ASN C 347 5.40 5.50 -9.35
N SER C 348 5.44 4.38 -8.67
CA SER C 348 5.49 4.46 -7.24
C SER C 348 6.84 5.06 -6.85
N VAL C 349 7.87 4.81 -7.67
CA VAL C 349 9.20 5.36 -7.40
C VAL C 349 9.21 6.85 -7.72
N ALA C 350 8.59 7.21 -8.85
CA ALA C 350 8.49 8.60 -9.24
C ALA C 350 7.88 9.42 -8.10
N TYR C 351 6.71 8.97 -7.65
CA TYR C 351 6.00 9.67 -6.60
C TYR C 351 6.81 9.85 -5.32
N ASP C 352 7.21 8.78 -4.66
CA ASP C 352 7.99 8.91 -3.43
C ASP C 352 9.22 9.79 -3.64
N CYS C 353 9.70 9.84 -4.87
CA CYS C 353 10.88 10.63 -5.18
C CYS C 353 10.64 12.12 -5.27
N VAL C 354 9.51 12.51 -5.86
CA VAL C 354 9.20 13.93 -5.94
C VAL C 354 9.10 14.46 -4.50
N GLN C 355 8.45 13.70 -3.63
CA GLN C 355 8.26 14.10 -2.24
C GLN C 355 9.57 14.46 -1.56
N LEU C 356 10.53 13.54 -1.62
CA LEU C 356 11.82 13.77 -0.99
C LEU C 356 12.55 15.00 -1.54
N HIS C 357 12.00 15.60 -2.59
CA HIS C 357 12.59 16.79 -3.19
C HIS C 357 11.95 18.05 -2.59
N GLY C 358 10.78 17.87 -1.99
CA GLY C 358 10.09 19.01 -1.41
C GLY C 358 9.58 19.87 -2.56
N GLY C 359 9.60 21.19 -2.36
CA GLY C 359 9.13 22.11 -3.38
C GLY C 359 9.70 21.92 -4.77
N TRP C 360 11.02 22.00 -4.90
CA TRP C 360 11.71 21.88 -6.18
C TRP C 360 11.27 20.71 -7.06
N GLY C 361 10.98 19.57 -6.44
CA GLY C 361 10.56 18.42 -7.22
C GLY C 361 9.43 18.80 -8.14
N TYR C 362 8.74 19.87 -7.80
CA TYR C 362 7.62 20.36 -8.58
C TYR C 362 8.13 21.21 -9.74
N MET C 363 9.26 21.85 -9.54
CA MET C 363 9.86 22.71 -10.54
C MET C 363 10.43 21.88 -11.67
N TRP C 364 10.14 22.31 -12.90
CA TRP C 364 10.61 21.64 -14.11
C TRP C 364 12.12 21.83 -14.20
N GLU C 365 12.67 22.52 -13.21
CA GLU C 365 14.12 22.77 -13.16
C GLU C 365 14.82 21.46 -12.81
N TYR C 366 14.26 20.75 -11.84
CA TYR C 366 14.86 19.49 -11.42
C TYR C 366 14.57 18.29 -12.30
N PRO C 367 15.62 17.52 -12.61
CA PRO C 367 15.55 16.32 -13.45
C PRO C 367 14.41 15.37 -13.08
N ILE C 368 14.07 15.34 -11.79
CA ILE C 368 13.03 14.45 -11.31
C ILE C 368 11.65 14.82 -11.85
N ALA C 369 11.22 16.07 -11.66
CA ALA C 369 9.88 16.50 -12.12
C ALA C 369 9.59 16.03 -13.54
N LYS C 370 10.61 16.00 -14.37
CA LYS C 370 10.47 15.56 -15.76
C LYS C 370 10.34 14.03 -15.84
N ALA C 371 10.92 13.34 -14.87
CA ALA C 371 10.85 11.89 -14.82
C ALA C 371 9.47 11.46 -14.34
N TYR C 372 8.87 12.31 -13.52
CA TYR C 372 7.55 12.06 -12.94
C TYR C 372 6.45 12.03 -13.97
N VAL C 373 6.42 13.05 -14.82
CA VAL C 373 5.42 13.16 -15.87
C VAL C 373 5.78 12.19 -16.99
N ASP C 374 7.07 11.96 -17.16
CA ASP C 374 7.57 11.03 -18.18
C ASP C 374 7.33 9.59 -17.71
N ALA C 375 6.86 9.43 -16.47
CA ALA C 375 6.65 8.10 -15.90
C ALA C 375 5.21 7.60 -15.87
N ARG C 376 4.26 8.53 -15.83
CA ARG C 376 2.85 8.17 -15.77
C ARG C 376 2.40 7.47 -17.08
N VAL C 377 3.29 7.40 -18.06
CA VAL C 377 2.98 6.78 -19.35
C VAL C 377 3.13 5.25 -19.40
N GLN C 378 4.15 4.73 -18.71
CA GLN C 378 4.44 3.30 -18.69
C GLN C 378 3.33 2.30 -18.34
N PRO C 379 2.50 2.62 -17.33
CA PRO C 379 1.42 1.68 -16.99
C PRO C 379 0.30 1.64 -18.03
N ILE C 380 0.27 2.67 -18.87
CA ILE C 380 -0.74 2.82 -19.90
C ILE C 380 -0.43 2.22 -21.27
N TYR C 381 0.69 2.62 -21.90
CA TYR C 381 1.04 2.09 -23.23
C TYR C 381 1.77 0.73 -23.26
N GLY C 382 1.73 0.07 -24.41
CA GLY C 382 2.36 -1.23 -24.53
C GLY C 382 1.41 -2.28 -23.93
N GLY C 383 0.22 -1.81 -23.57
CA GLY C 383 -0.81 -2.64 -22.96
C GLY C 383 -0.94 -2.28 -21.49
N THR C 384 -2.11 -1.79 -21.09
CA THR C 384 -2.30 -1.41 -19.68
C THR C 384 -1.97 -2.59 -18.79
N ASN C 385 -1.63 -2.31 -17.53
CA ASN C 385 -1.30 -3.39 -16.63
C ASN C 385 -2.49 -4.34 -16.46
N GLU C 386 -3.71 -3.82 -16.55
CA GLU C 386 -4.90 -4.66 -16.41
C GLU C 386 -4.89 -5.82 -17.38
N ILE C 387 -4.33 -5.58 -18.56
CA ILE C 387 -4.26 -6.62 -19.57
C ILE C 387 -3.21 -7.66 -19.19
N MET C 388 -2.09 -7.18 -18.68
CA MET C 388 -1.01 -8.07 -18.27
C MET C 388 -1.57 -9.08 -17.28
N LYS C 389 -2.29 -8.58 -16.29
CA LYS C 389 -2.88 -9.43 -15.27
C LYS C 389 -3.78 -10.50 -15.88
N GLU C 390 -4.67 -10.12 -16.78
CA GLU C 390 -5.55 -11.10 -17.41
C GLU C 390 -4.76 -12.23 -18.01
N LEU C 391 -3.68 -11.88 -18.73
CA LEU C 391 -2.83 -12.86 -19.38
C LEU C 391 -2.06 -13.69 -18.36
N ILE C 392 -1.42 -13.03 -17.41
CA ILE C 392 -0.66 -13.72 -16.38
C ILE C 392 -1.55 -14.74 -15.72
N ALA C 393 -2.79 -14.32 -15.44
CA ALA C 393 -3.80 -15.16 -14.80
C ALA C 393 -4.30 -16.37 -15.59
N ARG C 394 -4.03 -16.44 -16.88
CA ARG C 394 -4.52 -17.56 -17.68
C ARG C 394 -3.91 -18.91 -17.32
N GLU C 395 -2.64 -18.92 -16.93
CA GLU C 395 -2.00 -20.18 -16.57
C GLU C 395 -2.30 -20.51 -15.12
N ILE C 396 -2.68 -19.49 -14.37
CA ILE C 396 -3.00 -19.64 -12.96
C ILE C 396 -4.35 -20.31 -12.79
N VAL C 397 -5.39 -19.59 -13.19
CA VAL C 397 -6.79 -20.02 -13.09
C VAL C 397 -7.26 -21.13 -14.00
N PHE C 398 -6.93 -21.05 -15.29
CA PHE C 398 -7.39 -22.05 -16.24
C PHE C 398 -6.51 -23.26 -16.47
N ASP C 399 -7.16 -24.33 -16.94
CA ASP C 399 -6.51 -25.60 -17.23
C ASP C 399 -7.43 -26.43 -18.13
N GLU D 3 -34.55 20.19 8.15
CA GLU D 3 -34.76 19.13 7.12
C GLU D 3 -33.66 18.06 7.12
N GLU D 4 -33.95 16.94 6.45
CA GLU D 4 -33.02 15.82 6.37
C GLU D 4 -32.07 15.89 5.18
N ARG D 5 -30.80 16.19 5.45
CA ARG D 5 -29.80 16.26 4.40
C ARG D 5 -29.09 14.90 4.33
N LEU D 6 -29.02 14.31 3.14
CA LEU D 6 -28.37 13.01 2.95
C LEU D 6 -26.87 13.06 3.18
N GLU D 7 -26.27 11.91 3.41
CA GLU D 7 -24.84 11.86 3.59
C GLU D 7 -24.13 11.61 2.25
N THR D 8 -22.93 12.15 2.12
CA THR D 8 -22.16 12.01 0.89
C THR D 8 -22.27 10.62 0.26
N PRO D 9 -22.06 9.56 1.06
CA PRO D 9 -22.16 8.20 0.51
C PRO D 9 -23.52 7.86 -0.12
N SER D 10 -24.59 8.43 0.42
CA SER D 10 -25.93 8.14 -0.07
C SER D 10 -26.45 9.01 -1.20
N ALA D 11 -25.77 10.11 -1.48
CA ALA D 11 -26.22 11.03 -2.53
C ALA D 11 -26.16 10.35 -3.89
N LYS D 12 -26.56 11.09 -4.92
CA LYS D 12 -26.56 10.62 -6.30
C LYS D 12 -25.20 11.00 -6.86
N LYS D 13 -24.58 12.01 -6.23
CA LYS D 13 -23.25 12.52 -6.61
C LYS D 13 -22.59 13.16 -5.38
N LEU D 14 -21.27 13.04 -5.27
CA LEU D 14 -20.55 13.63 -4.14
C LEU D 14 -20.60 15.15 -4.19
N THR D 15 -20.80 15.66 -5.39
CA THR D 15 -20.85 17.10 -5.65
C THR D 15 -22.29 17.61 -5.62
N ASP D 16 -23.25 16.69 -5.49
CA ASP D 16 -24.66 17.05 -5.40
C ASP D 16 -24.80 18.17 -4.39
N ILE D 17 -25.59 19.18 -4.73
CA ILE D 17 -25.80 20.28 -3.80
C ILE D 17 -26.99 19.92 -2.91
N GLY D 18 -26.86 20.21 -1.61
CA GLY D 18 -27.92 19.92 -0.66
C GLY D 18 -27.71 18.74 0.29
N ILE D 19 -26.48 18.30 0.41
CA ILE D 19 -26.17 17.16 1.27
C ILE D 19 -25.23 17.54 2.41
N ARG D 20 -24.95 16.58 3.29
CA ARG D 20 -24.04 16.82 4.43
C ARG D 20 -24.62 17.74 5.52
N ARG D 21 -24.97 17.14 6.67
CA ARG D 21 -25.55 17.88 7.80
C ARG D 21 -24.83 19.14 8.34
N ILE D 22 -23.56 19.37 8.01
CA ILE D 22 -22.91 20.57 8.54
C ILE D 22 -23.42 21.79 7.78
N PHE D 23 -24.39 21.59 6.90
CA PHE D 23 -24.93 22.71 6.12
C PHE D 23 -26.39 23.02 6.47
N SER D 24 -26.88 24.13 5.93
CA SER D 24 -28.25 24.60 6.15
C SER D 24 -28.78 25.15 4.83
N PRO D 25 -30.18 25.13 4.65
CA PRO D 25 -30.74 25.58 3.36
C PRO D 25 -30.28 26.88 2.79
N GLU D 26 -29.72 27.71 3.65
CA GLU D 26 -29.21 29.02 3.23
C GLU D 26 -27.88 28.88 2.49
N HIS D 27 -27.11 27.86 2.87
CA HIS D 27 -25.82 27.57 2.24
C HIS D 27 -26.07 26.93 0.89
N ASP D 28 -27.17 26.19 0.77
CA ASP D 28 -27.56 25.54 -0.47
C ASP D 28 -27.59 26.55 -1.62
N ILE D 29 -28.30 27.65 -1.37
CA ILE D 29 -28.47 28.72 -2.35
C ILE D 29 -27.18 29.45 -2.70
N PHE D 30 -26.33 29.70 -1.72
CA PHE D 30 -25.07 30.40 -1.97
C PHE D 30 -24.19 29.51 -2.85
N ARG D 31 -24.50 28.23 -2.83
CA ARG D 31 -23.75 27.27 -3.62
C ARG D 31 -24.01 27.39 -5.13
N LYS D 32 -25.28 27.30 -5.55
CA LYS D 32 -25.62 27.42 -6.97
C LYS D 32 -24.79 28.54 -7.58
N SER D 33 -24.83 29.69 -6.89
CA SER D 33 -24.13 30.92 -7.29
C SER D 33 -22.64 30.77 -7.56
N VAL D 34 -21.93 30.12 -6.63
CA VAL D 34 -20.50 29.93 -6.77
C VAL D 34 -20.19 28.91 -7.87
N ARG D 35 -21.04 27.90 -7.98
CA ARG D 35 -20.81 26.90 -9.01
C ARG D 35 -21.10 27.57 -10.34
N LYS D 36 -22.18 28.35 -10.36
CA LYS D 36 -22.58 29.06 -11.57
C LYS D 36 -21.47 30.03 -12.00
N PHE D 37 -20.99 30.83 -11.05
CA PHE D 37 -19.94 31.80 -11.33
C PHE D 37 -18.75 31.15 -12.02
N PHE D 38 -18.34 29.98 -11.56
CA PHE D 38 -17.21 29.31 -12.19
C PHE D 38 -17.56 28.79 -13.59
N GLN D 39 -18.75 28.23 -13.75
CA GLN D 39 -19.18 27.70 -15.05
C GLN D 39 -19.06 28.79 -16.11
N GLU D 40 -19.27 30.04 -15.71
CA GLU D 40 -19.25 31.18 -16.61
C GLU D 40 -18.01 32.08 -16.63
N GLU D 41 -17.38 32.30 -15.47
CA GLU D 41 -16.22 33.18 -15.39
C GLU D 41 -14.82 32.56 -15.25
N VAL D 42 -14.74 31.27 -14.88
CA VAL D 42 -13.43 30.62 -14.73
C VAL D 42 -13.05 29.58 -15.80
N ILE D 43 -13.77 28.46 -15.84
CA ILE D 43 -13.47 27.41 -16.82
C ILE D 43 -13.33 27.87 -18.28
N PRO D 44 -14.21 28.77 -18.75
CA PRO D 44 -14.19 29.28 -20.13
C PRO D 44 -12.88 29.94 -20.59
N HIS D 45 -12.05 30.37 -19.65
CA HIS D 45 -10.81 31.06 -19.99
C HIS D 45 -9.54 30.41 -19.45
N HIS D 46 -9.69 29.44 -18.55
CA HIS D 46 -8.53 28.79 -17.95
C HIS D 46 -7.58 28.15 -18.98
N SER D 47 -8.12 27.55 -20.02
CA SER D 47 -7.26 26.94 -21.04
C SER D 47 -6.47 28.02 -21.78
N GLU D 48 -6.74 29.28 -21.42
CA GLU D 48 -6.07 30.42 -22.04
C GLU D 48 -5.10 31.07 -21.04
N TRP D 49 -5.42 30.96 -19.75
CA TRP D 49 -4.58 31.51 -18.70
C TRP D 49 -3.43 30.57 -18.37
N GLU D 50 -3.57 29.31 -18.77
CA GLU D 50 -2.51 28.32 -18.53
C GLU D 50 -1.33 28.66 -19.41
N LYS D 51 -1.60 28.85 -20.69
CA LYS D 51 -0.56 29.22 -21.65
C LYS D 51 0.08 30.54 -21.18
N ALA D 52 -0.75 31.41 -20.61
CA ALA D 52 -0.29 32.71 -20.11
C ALA D 52 0.64 32.59 -18.89
N GLY D 53 0.27 31.75 -17.94
CA GLY D 53 1.08 31.58 -16.74
C GLY D 53 0.47 32.33 -15.57
N GLU D 54 -0.80 32.71 -15.74
CA GLU D 54 -1.55 33.44 -14.74
C GLU D 54 -2.94 33.76 -15.31
N VAL D 55 -3.87 34.10 -14.43
CA VAL D 55 -5.23 34.46 -14.86
C VAL D 55 -5.29 35.98 -15.08
N SER D 56 -6.37 36.46 -15.69
CA SER D 56 -6.53 37.88 -15.96
C SER D 56 -6.88 38.64 -14.68
N ARG D 57 -6.58 39.94 -14.65
CA ARG D 57 -6.89 40.77 -13.48
C ARG D 57 -8.37 41.14 -13.55
N GLU D 58 -9.00 40.76 -14.65
CA GLU D 58 -10.40 41.04 -14.91
C GLU D 58 -11.34 40.11 -14.15
N VAL D 59 -10.93 38.86 -13.98
CA VAL D 59 -11.76 37.90 -13.26
C VAL D 59 -11.58 38.07 -11.75
N TRP D 60 -10.59 38.87 -11.38
CA TRP D 60 -10.29 39.18 -9.98
C TRP D 60 -11.26 40.23 -9.44
N GLU D 61 -11.54 41.24 -10.26
CA GLU D 61 -12.46 42.31 -9.88
C GLU D 61 -13.89 41.75 -9.95
N LYS D 62 -14.14 40.94 -10.98
CA LYS D 62 -15.44 40.30 -11.14
C LYS D 62 -15.67 39.46 -9.91
N ALA D 63 -14.59 38.76 -9.51
CA ALA D 63 -14.59 37.90 -8.33
C ALA D 63 -15.07 38.64 -7.08
N GLY D 64 -14.42 39.76 -6.78
CA GLY D 64 -14.80 40.54 -5.61
C GLY D 64 -16.19 41.12 -5.73
N LYS D 65 -16.50 41.66 -6.91
CA LYS D 65 -17.81 42.25 -7.14
C LYS D 65 -18.92 41.25 -6.80
N GLN D 66 -18.69 39.98 -7.12
CA GLN D 66 -19.66 38.91 -6.86
C GLN D 66 -19.85 38.64 -5.36
N GLY D 67 -18.79 38.86 -4.58
CA GLY D 67 -18.86 38.63 -3.14
C GLY D 67 -18.34 37.28 -2.71
N LEU D 68 -17.13 36.95 -3.15
CA LEU D 68 -16.51 35.66 -2.83
C LEU D 68 -15.13 35.83 -2.19
N LEU D 69 -14.61 37.06 -2.18
CA LEU D 69 -13.31 37.31 -1.58
C LEU D 69 -13.50 37.93 -0.19
N GLY D 70 -12.96 37.27 0.83
CA GLY D 70 -13.08 37.75 2.19
C GLY D 70 -14.40 37.39 2.86
N VAL D 71 -15.03 36.33 2.36
CA VAL D 71 -16.32 35.87 2.87
C VAL D 71 -16.37 35.63 4.38
N ASN D 72 -15.31 35.07 4.95
CA ASN D 72 -15.26 34.80 6.39
C ASN D 72 -14.54 35.89 7.16
N ILE D 73 -14.25 37.00 6.49
CA ILE D 73 -13.60 38.15 7.11
C ILE D 73 -14.78 39.01 7.59
N ALA D 74 -14.74 39.43 8.86
CA ALA D 74 -15.81 40.23 9.44
C ALA D 74 -16.34 41.39 8.60
N GLU D 75 -17.66 41.56 8.61
CA GLU D 75 -18.28 42.59 7.79
C GLU D 75 -18.01 44.04 8.19
N HIS D 76 -17.61 44.21 9.45
CA HIS D 76 -17.31 45.53 10.02
C HIS D 76 -15.82 45.82 9.82
N LEU D 77 -15.22 45.24 8.79
CA LEU D 77 -13.81 45.47 8.51
C LEU D 77 -13.52 45.60 7.02
N GLY D 78 -14.50 45.18 6.21
CA GLY D 78 -14.34 45.24 4.76
C GLY D 78 -14.52 43.88 4.11
N GLY D 79 -15.40 43.07 4.68
CA GLY D 79 -15.68 41.74 4.14
C GLY D 79 -17.15 41.38 4.30
N ILE D 80 -17.64 40.46 3.47
CA ILE D 80 -19.05 40.05 3.54
C ILE D 80 -19.52 39.63 4.94
N GLY D 81 -18.61 39.07 5.73
CA GLY D 81 -18.97 38.69 7.10
C GLY D 81 -19.82 37.46 7.28
N GLY D 82 -19.43 36.37 6.60
CA GLY D 82 -20.14 35.11 6.72
C GLY D 82 -19.32 34.21 7.62
N ASP D 83 -19.81 33.01 7.91
CA ASP D 83 -19.09 32.08 8.78
C ASP D 83 -18.11 31.32 7.89
N LEU D 84 -17.48 30.30 8.48
CA LEU D 84 -16.53 29.47 7.75
C LEU D 84 -17.25 28.46 6.86
N TYR D 85 -18.36 27.94 7.37
CA TYR D 85 -19.18 26.97 6.66
C TYR D 85 -19.54 27.39 5.25
N SER D 86 -19.37 28.67 4.94
CA SER D 86 -19.74 29.17 3.61
C SER D 86 -18.58 29.71 2.78
N ALA D 87 -17.51 30.16 3.42
CA ALA D 87 -16.35 30.67 2.71
C ALA D 87 -15.56 29.48 2.20
N ALA D 88 -15.85 28.31 2.76
CA ALA D 88 -15.19 27.07 2.36
C ALA D 88 -15.91 26.55 1.12
N ILE D 89 -17.18 26.98 0.95
CA ILE D 89 -17.97 26.60 -0.21
C ILE D 89 -17.31 27.23 -1.42
N VAL D 90 -16.60 28.33 -1.22
CA VAL D 90 -15.89 29.00 -2.30
C VAL D 90 -14.63 28.18 -2.56
N TRP D 91 -14.15 27.51 -1.52
CA TRP D 91 -12.96 26.66 -1.61
C TRP D 91 -13.36 25.45 -2.44
N GLU D 92 -14.40 24.77 -1.95
CA GLU D 92 -14.95 23.57 -2.55
C GLU D 92 -15.35 23.71 -4.01
N GLU D 93 -16.06 24.78 -4.33
CA GLU D 93 -16.53 24.99 -5.69
C GLU D 93 -15.46 25.19 -6.75
N GLN D 94 -14.35 25.81 -6.37
CA GLN D 94 -13.30 26.03 -7.33
C GLN D 94 -12.68 24.67 -7.65
N ALA D 95 -12.72 23.78 -6.67
CA ALA D 95 -12.16 22.44 -6.84
C ALA D 95 -13.08 21.62 -7.74
N TYR D 96 -14.39 21.81 -7.59
CA TYR D 96 -15.37 21.09 -8.39
C TYR D 96 -15.37 21.53 -9.85
N SER D 97 -14.52 22.50 -10.18
CA SER D 97 -14.40 23.03 -11.52
C SER D 97 -13.08 22.67 -12.19
N ASN D 98 -12.13 22.21 -11.37
CA ASN D 98 -10.81 21.80 -11.82
C ASN D 98 -9.84 22.89 -12.35
N CYS D 99 -10.02 24.12 -11.87
CA CYS D 99 -9.16 25.25 -12.27
C CYS D 99 -8.25 25.77 -11.17
N SER D 100 -6.99 25.36 -11.20
CA SER D 100 -6.04 25.76 -10.19
C SER D 100 -5.32 27.06 -10.55
N GLY D 101 -5.94 27.86 -11.40
CA GLY D 101 -5.32 29.12 -11.80
C GLY D 101 -5.60 30.22 -10.79
N PRO D 102 -6.89 30.51 -10.53
CA PRO D 102 -7.31 31.54 -9.58
C PRO D 102 -6.74 31.34 -8.17
N GLY D 103 -6.03 32.34 -7.66
CA GLY D 103 -5.45 32.25 -6.32
C GLY D 103 -6.32 32.87 -5.23
N PHE D 104 -7.63 32.59 -5.31
CA PHE D 104 -8.67 33.08 -4.37
C PHE D 104 -8.45 32.85 -2.87
N SER D 105 -8.48 31.59 -2.46
CA SER D 105 -8.31 31.21 -1.06
C SER D 105 -7.00 31.70 -0.44
N ILE D 106 -5.91 31.54 -1.17
CA ILE D 106 -4.58 31.98 -0.70
C ILE D 106 -4.69 33.46 -0.32
N HIS D 107 -5.75 34.09 -0.82
CA HIS D 107 -6.04 35.50 -0.61
C HIS D 107 -7.18 35.63 0.41
N SER D 108 -8.38 35.23 -0.02
CA SER D 108 -9.58 35.27 0.81
C SER D 108 -9.37 34.60 2.17
N GLY D 109 -8.97 33.33 2.15
CA GLY D 109 -8.79 32.58 3.39
C GLY D 109 -7.49 32.67 4.18
N ILE D 110 -6.43 33.26 3.62
CA ILE D 110 -5.18 33.35 4.38
C ILE D 110 -4.64 34.78 4.58
N VAL D 111 -4.37 35.50 3.50
CA VAL D 111 -3.82 36.86 3.61
C VAL D 111 -4.83 37.86 4.18
N MET D 112 -6.09 37.73 3.78
CA MET D 112 -7.15 38.61 4.27
C MET D 112 -7.45 38.29 5.71
N SER D 113 -6.89 37.17 6.18
CA SER D 113 -7.11 36.71 7.53
C SER D 113 -6.03 37.17 8.50
N TYR D 114 -4.79 37.24 8.02
CA TYR D 114 -3.70 37.70 8.87
C TYR D 114 -3.99 39.15 9.26
N ILE D 115 -4.10 40.01 8.25
CA ILE D 115 -4.39 41.42 8.46
C ILE D 115 -5.61 41.67 9.36
N THR D 116 -6.74 41.03 9.08
CA THR D 116 -7.94 41.30 9.88
C THR D 116 -7.83 40.69 11.28
N ASN D 117 -6.73 40.00 11.57
CA ASN D 117 -6.57 39.28 12.83
C ASN D 117 -5.41 39.77 13.68
N HIS D 118 -4.37 40.27 13.03
CA HIS D 118 -3.18 40.73 13.73
C HIS D 118 -2.73 42.13 13.31
N GLY D 119 -3.47 42.74 12.39
CA GLY D 119 -3.11 44.06 11.92
C GLY D 119 -3.55 45.18 12.84
N SER D 120 -3.31 46.41 12.39
CA SER D 120 -3.66 47.60 13.14
C SER D 120 -4.79 48.38 12.44
N GLU D 121 -5.49 49.21 13.21
CA GLU D 121 -6.58 50.01 12.67
C GLU D 121 -6.25 50.54 11.27
N GLU D 122 -5.16 51.30 11.16
CA GLU D 122 -4.72 51.85 9.89
C GLU D 122 -4.69 50.81 8.77
N GLN D 123 -3.95 49.71 9.02
CA GLN D 123 -3.77 48.61 8.06
C GLN D 123 -5.05 47.91 7.61
N ILE D 124 -5.95 47.62 8.54
CA ILE D 124 -7.20 46.97 8.16
C ILE D 124 -7.92 47.78 7.08
N LYS D 125 -8.26 49.03 7.41
CA LYS D 125 -9.00 49.90 6.49
C LYS D 125 -8.28 50.15 5.17
N HIS D 126 -6.96 50.20 5.21
CA HIS D 126 -6.18 50.41 3.99
C HIS D 126 -6.34 49.26 3.00
N PHE D 127 -6.32 48.02 3.51
CA PHE D 127 -6.42 46.84 2.65
C PHE D 127 -7.68 45.99 2.52
N ILE D 128 -8.35 45.68 3.63
CA ILE D 128 -9.54 44.82 3.62
C ILE D 128 -10.58 45.23 2.56
N PRO D 129 -10.82 46.54 2.35
CA PRO D 129 -11.81 46.91 1.33
C PRO D 129 -11.32 46.57 -0.08
N GLN D 130 -10.03 46.77 -0.32
CA GLN D 130 -9.44 46.47 -1.63
C GLN D 130 -9.52 44.97 -1.90
N MET D 131 -9.26 44.18 -0.85
CA MET D 131 -9.29 42.72 -0.96
C MET D 131 -10.69 42.27 -1.39
N THR D 132 -11.69 42.54 -0.55
CA THR D 132 -13.06 42.14 -0.86
C THR D 132 -13.42 42.67 -2.25
N ALA D 133 -12.90 43.85 -2.57
CA ALA D 133 -13.15 44.48 -3.85
C ALA D 133 -12.61 43.59 -4.94
N GLY D 134 -11.30 43.39 -4.93
CA GLY D 134 -10.68 42.56 -5.94
C GLY D 134 -9.55 43.31 -6.62
N LYS D 135 -9.33 44.54 -6.17
CA LYS D 135 -8.28 45.37 -6.72
C LYS D 135 -6.92 44.93 -6.17
N CYS D 136 -6.85 44.73 -4.86
CA CYS D 136 -5.59 44.30 -4.24
C CYS D 136 -5.54 42.79 -4.15
N ILE D 137 -4.47 42.22 -4.68
CA ILE D 137 -4.27 40.78 -4.67
C ILE D 137 -3.25 40.42 -3.60
N GLY D 138 -3.62 39.51 -2.71
CA GLY D 138 -2.71 39.11 -1.64
C GLY D 138 -1.96 37.81 -1.83
N ALA D 139 -0.87 37.66 -1.08
CA ALA D 139 -0.03 36.48 -1.13
C ALA D 139 0.92 36.53 0.06
N ILE D 140 1.74 35.49 0.21
CA ILE D 140 2.69 35.41 1.32
C ILE D 140 3.98 34.66 0.96
N ALA D 141 5.12 35.16 1.46
CA ALA D 141 6.42 34.55 1.15
C ALA D 141 7.27 34.12 2.36
N MET D 142 7.04 32.87 2.81
CA MET D 142 7.77 32.31 3.96
C MET D 142 9.06 31.57 3.55
N THR D 143 8.97 30.80 2.47
CA THR D 143 10.09 29.99 1.96
C THR D 143 11.24 30.73 1.28
N GLU D 144 12.43 30.13 1.34
CA GLU D 144 13.62 30.67 0.71
C GLU D 144 14.36 29.55 -0.02
N PRO D 145 14.97 29.87 -1.22
CA PRO D 145 15.57 28.76 -1.98
C PRO D 145 16.37 27.77 -1.17
N GLY D 146 16.99 28.24 -0.09
CA GLY D 146 17.82 27.35 0.70
C GLY D 146 17.18 26.79 1.97
N ALA D 147 16.14 27.46 2.46
CA ALA D 147 15.47 27.02 3.68
C ALA D 147 13.97 26.76 3.43
N GLY D 148 13.44 25.69 4.02
CA GLY D 148 12.05 25.35 3.83
C GLY D 148 11.26 24.95 5.07
N SER D 149 10.92 23.67 5.16
CA SER D 149 10.16 23.14 6.30
C SER D 149 10.79 23.61 7.59
N ASP D 150 12.09 23.89 7.50
CA ASP D 150 12.88 24.41 8.61
C ASP D 150 12.72 25.90 8.33
N LEU D 151 11.62 26.47 8.81
CA LEU D 151 11.28 27.88 8.62
C LEU D 151 12.02 28.64 9.73
N GLN D 152 12.97 27.96 10.35
CA GLN D 152 13.77 28.53 11.41
C GLN D 152 15.19 28.93 10.95
N GLY D 153 15.46 28.70 9.66
CA GLY D 153 16.75 29.01 9.09
C GLY D 153 16.80 29.84 7.80
N ILE D 154 15.85 30.77 7.64
CA ILE D 154 15.80 31.63 6.46
C ILE D 154 16.82 32.78 6.62
N LYS D 155 17.04 33.54 5.55
CA LYS D 155 18.00 34.64 5.59
C LYS D 155 17.44 36.05 5.34
N THR D 156 16.30 36.14 4.67
CA THR D 156 15.67 37.43 4.38
C THR D 156 15.63 38.23 5.68
N ASN D 157 15.79 39.55 5.61
CA ASN D 157 15.75 40.35 6.83
C ASN D 157 15.46 41.83 6.62
N ALA D 158 14.99 42.49 7.68
CA ALA D 158 14.67 43.91 7.64
C ALA D 158 15.36 44.62 8.79
N LYS D 159 16.40 45.38 8.48
CA LYS D 159 17.17 46.11 9.50
C LYS D 159 16.48 47.33 10.08
N LYS D 160 16.97 47.75 11.25
CA LYS D 160 16.41 48.90 11.95
C LYS D 160 17.06 50.18 11.39
N ASP D 161 16.27 50.96 10.67
CA ASP D 161 16.74 52.22 10.07
C ASP D 161 15.71 53.29 10.38
N GLY D 162 16.03 54.16 11.35
CA GLY D 162 15.09 55.19 11.73
C GLY D 162 13.82 54.46 12.12
N SER D 163 12.66 54.96 11.71
CA SER D 163 11.41 54.28 12.04
C SER D 163 11.07 53.38 10.84
N ASP D 164 12.11 53.10 10.05
CA ASP D 164 11.98 52.28 8.86
C ASP D 164 12.70 50.92 9.00
N TRP D 165 12.22 49.94 8.23
CA TRP D 165 12.81 48.61 8.20
C TRP D 165 13.39 48.46 6.81
N ILE D 166 14.65 48.05 6.72
CA ILE D 166 15.30 47.87 5.42
C ILE D 166 15.32 46.38 5.05
N LEU D 167 14.48 46.01 4.09
CA LEU D 167 14.34 44.62 3.64
C LEU D 167 15.37 44.18 2.62
N ASN D 168 15.97 43.02 2.87
CA ASN D 168 16.99 42.43 1.98
C ASN D 168 16.77 40.92 1.84
N GLY D 169 16.62 40.43 0.60
CA GLY D 169 16.43 38.99 0.40
C GLY D 169 15.75 38.49 -0.87
N SER D 170 15.35 37.22 -0.83
CA SER D 170 14.68 36.56 -1.95
C SER D 170 13.65 35.56 -1.41
N LYS D 171 12.63 35.25 -2.22
CA LYS D 171 11.57 34.32 -1.81
C LYS D 171 11.09 33.47 -2.98
N VAL D 172 11.56 32.24 -3.06
CA VAL D 172 11.17 31.34 -4.15
C VAL D 172 9.82 30.64 -3.89
N PHE D 173 9.13 30.28 -4.95
CA PHE D 173 7.82 29.61 -4.85
C PHE D 173 6.62 30.35 -4.29
N ILE D 174 6.37 31.59 -4.72
CA ILE D 174 5.24 32.33 -4.19
C ILE D 174 3.91 32.37 -4.93
N SER D 175 2.93 31.64 -4.43
CA SER D 175 1.59 31.60 -5.03
C SER D 175 1.05 33.01 -5.29
N ASN D 176 0.83 33.33 -6.56
CA ASN D 176 0.33 34.64 -6.99
C ASN D 176 1.40 35.74 -6.86
N GLY D 177 2.67 35.38 -7.07
CA GLY D 177 3.76 36.33 -6.95
C GLY D 177 3.96 37.32 -8.10
N SER D 178 3.05 37.32 -9.07
CA SER D 178 3.15 38.24 -10.20
C SER D 178 2.02 39.28 -10.17
N LEU D 179 0.79 38.82 -9.94
CA LEU D 179 -0.39 39.69 -9.87
C LEU D 179 -0.51 40.34 -8.49
N SER D 180 0.52 40.18 -7.68
CA SER D 180 0.55 40.71 -6.32
C SER D 180 0.57 42.22 -6.20
N ASP D 181 -0.02 42.71 -5.11
CA ASP D 181 -0.04 44.13 -4.80
C ASP D 181 0.46 44.22 -3.36
N VAL D 182 -0.01 43.30 -2.54
CA VAL D 182 0.40 43.22 -1.15
C VAL D 182 0.95 41.81 -0.88
N VAL D 183 2.14 41.76 -0.29
CA VAL D 183 2.82 40.51 0.04
C VAL D 183 3.25 40.46 1.52
N ILE D 184 2.81 39.42 2.22
CA ILE D 184 3.21 39.27 3.62
C ILE D 184 4.52 38.51 3.59
N VAL D 185 5.61 39.21 3.82
CA VAL D 185 6.92 38.60 3.81
C VAL D 185 7.40 38.32 5.22
N VAL D 186 7.96 37.14 5.41
CA VAL D 186 8.48 36.74 6.69
C VAL D 186 9.95 37.14 6.66
N ALA D 187 10.41 37.87 7.67
CA ALA D 187 11.80 38.31 7.70
C ALA D 187 12.44 38.31 9.08
N VAL D 188 13.72 37.96 9.12
CA VAL D 188 14.48 37.93 10.37
C VAL D 188 14.74 39.37 10.82
N THR D 189 14.52 39.64 12.10
CA THR D 189 14.76 40.96 12.64
C THR D 189 15.81 40.87 13.73
N ASN D 190 16.07 39.63 14.18
CA ASN D 190 17.08 39.37 15.18
C ASN D 190 17.96 38.22 14.67
N HIS D 191 19.08 38.56 14.01
CA HIS D 191 19.99 37.54 13.49
C HIS D 191 20.57 36.72 14.63
N GLU D 192 20.83 37.38 15.76
CA GLU D 192 21.38 36.71 16.93
C GLU D 192 20.26 36.21 17.82
N ALA D 193 19.03 36.30 17.32
CA ALA D 193 17.85 35.88 18.06
C ALA D 193 18.09 34.61 18.88
N PRO D 194 18.01 34.72 20.25
CA PRO D 194 18.37 33.48 20.96
C PRO D 194 17.49 32.31 20.57
N SER D 195 16.49 32.53 19.72
CA SER D 195 15.56 31.40 19.42
C SER D 195 14.98 31.64 18.04
N PRO D 196 15.08 30.71 17.07
CA PRO D 196 14.54 30.92 15.72
C PRO D 196 13.12 31.50 15.74
N ALA D 197 12.30 31.05 16.69
CA ALA D 197 10.91 31.50 16.83
C ALA D 197 10.84 32.93 17.38
N HIS D 198 11.80 33.28 18.24
CA HIS D 198 11.80 34.58 18.98
C HIS D 198 12.23 35.83 18.18
N GLY D 199 12.75 35.66 16.95
CA GLY D 199 13.25 36.84 16.20
C GLY D 199 12.83 36.93 14.74
N ILE D 200 11.66 36.39 14.37
CA ILE D 200 11.13 36.50 12.98
C ILE D 200 9.93 37.44 12.97
N SER D 201 9.97 38.47 12.11
CA SER D 201 8.88 39.44 11.98
C SER D 201 8.10 39.29 10.67
N LEU D 202 6.91 39.87 10.63
CA LEU D 202 6.07 39.84 9.44
C LEU D 202 6.00 41.25 8.89
N PHE D 203 5.78 41.37 7.59
CA PHE D 203 5.68 42.69 6.94
C PHE D 203 4.65 42.64 5.83
N LEU D 204 4.28 43.81 5.34
CA LEU D 204 3.35 43.91 4.24
C LEU D 204 4.03 44.80 3.20
N VAL D 205 4.83 44.18 2.33
CA VAL D 205 5.55 44.90 1.28
C VAL D 205 4.56 45.16 0.15
N GLU D 206 4.57 46.38 -0.40
CA GLU D 206 3.65 46.74 -1.46
C GLU D 206 4.30 47.01 -2.82
N ASN D 207 3.74 46.38 -3.86
CA ASN D 207 4.23 46.51 -5.24
C ASN D 207 4.24 47.95 -5.74
N GLY D 208 5.43 48.41 -6.10
CA GLY D 208 5.59 49.77 -6.56
C GLY D 208 6.66 50.40 -5.70
N MET D 209 7.36 49.57 -4.93
CA MET D 209 8.42 50.03 -4.05
C MET D 209 9.80 49.77 -4.62
N LYS D 210 10.73 50.66 -4.29
CA LYS D 210 12.09 50.53 -4.75
C LYS D 210 12.71 49.36 -3.98
N GLY D 211 13.27 48.41 -4.71
CA GLY D 211 13.88 47.25 -4.08
C GLY D 211 13.03 45.99 -4.19
N PHE D 212 11.74 46.16 -4.50
CA PHE D 212 10.81 45.02 -4.64
C PHE D 212 10.63 44.60 -6.10
N ILE D 213 11.41 43.61 -6.52
CA ILE D 213 11.37 43.09 -7.87
C ILE D 213 10.72 41.71 -7.90
N LYS D 214 9.92 41.45 -8.92
CA LYS D 214 9.24 40.17 -9.07
C LYS D 214 9.90 39.34 -10.15
N GLY D 215 10.19 38.08 -9.83
CA GLY D 215 10.84 37.19 -10.79
C GLY D 215 9.88 36.63 -11.83
N ARG D 216 10.44 36.05 -12.89
CA ARG D 216 9.63 35.47 -13.96
C ARG D 216 8.71 34.40 -13.37
N LYS D 217 7.66 34.05 -14.10
CA LYS D 217 6.72 33.01 -13.62
C LYS D 217 7.46 31.67 -13.65
N LEU D 218 7.53 31.02 -12.49
CA LEU D 218 8.21 29.73 -12.36
C LEU D 218 7.57 28.63 -13.21
N HIS D 219 8.42 27.94 -13.98
CA HIS D 219 7.97 26.84 -14.84
C HIS D 219 7.83 25.59 -13.98
N LYS D 220 6.59 25.16 -13.76
CA LYS D 220 6.31 23.99 -12.94
C LYS D 220 5.68 22.88 -13.80
N MET D 221 5.51 21.71 -13.18
CA MET D 221 4.92 20.54 -13.86
C MET D 221 3.38 20.53 -13.79
N GLY D 222 2.85 21.38 -12.92
CA GLY D 222 1.40 21.50 -12.75
C GLY D 222 1.10 22.94 -12.37
N LEU D 223 -0.14 23.20 -11.95
CA LEU D 223 -0.56 24.55 -11.55
C LEU D 223 0.00 25.57 -12.55
N LYS D 224 -0.06 25.18 -13.82
CA LYS D 224 0.42 25.98 -14.95
C LYS D 224 -0.16 27.41 -15.00
N ALA D 225 -1.34 27.60 -14.42
CA ALA D 225 -1.98 28.91 -14.41
C ALA D 225 -1.80 29.71 -13.10
N GLN D 226 -0.94 29.22 -12.21
CA GLN D 226 -0.68 29.92 -10.94
C GLN D 226 0.65 30.62 -11.23
N ASP D 227 0.67 31.91 -10.98
CA ASP D 227 1.81 32.79 -11.22
C ASP D 227 2.88 32.69 -10.13
N THR D 228 3.35 31.47 -9.87
CA THR D 228 4.37 31.25 -8.85
C THR D 228 5.67 31.89 -9.35
N ALA D 229 6.32 32.68 -8.52
CA ALA D 229 7.55 33.33 -8.93
C ALA D 229 8.45 33.72 -7.77
N GLU D 230 9.70 34.01 -8.08
CA GLU D 230 10.67 34.42 -7.07
C GLU D 230 10.49 35.90 -6.81
N LEU D 231 10.54 36.29 -5.54
CA LEU D 231 10.42 37.69 -5.19
C LEU D 231 11.78 38.09 -4.61
N PHE D 232 12.22 39.30 -4.93
CA PHE D 232 13.50 39.82 -4.45
C PHE D 232 13.28 41.07 -3.59
N PHE D 233 14.30 41.41 -2.80
CA PHE D 233 14.25 42.59 -1.93
C PHE D 233 15.61 43.28 -1.96
N GLU D 234 15.71 44.35 -2.75
CA GLU D 234 16.96 45.10 -2.89
C GLU D 234 16.89 46.43 -2.12
N ASP D 235 17.19 46.35 -0.83
CA ASP D 235 17.20 47.50 0.06
C ASP D 235 15.90 48.29 0.01
N ILE D 236 14.77 47.60 0.14
CA ILE D 236 13.46 48.26 0.14
C ILE D 236 13.30 49.02 1.44
N ARG D 237 13.14 50.34 1.36
CA ARG D 237 12.95 51.15 2.55
C ARG D 237 11.47 51.08 2.97
N LEU D 238 11.18 50.20 3.92
CA LEU D 238 9.82 50.02 4.42
C LEU D 238 9.46 51.11 5.43
N PRO D 239 8.17 51.34 5.63
CA PRO D 239 7.70 52.37 6.56
C PRO D 239 7.30 51.77 7.92
N ALA D 240 6.83 52.63 8.82
CA ALA D 240 6.43 52.19 10.15
C ALA D 240 5.10 51.45 10.11
N SER D 241 4.43 51.51 8.96
CA SER D 241 3.15 50.84 8.78
C SER D 241 3.41 49.50 8.13
N ALA D 242 4.65 49.32 7.70
CA ALA D 242 5.09 48.10 7.05
C ALA D 242 4.96 46.84 7.91
N LEU D 243 5.61 46.88 9.06
CA LEU D 243 5.62 45.80 10.04
C LEU D 243 4.19 45.37 10.41
N LEU D 244 3.97 44.05 10.45
CA LEU D 244 2.65 43.49 10.79
C LEU D 244 2.74 42.74 12.13
N GLY D 245 1.99 43.24 13.11
CA GLY D 245 2.04 42.63 14.42
C GLY D 245 3.29 43.14 15.09
N GLU D 246 3.65 42.58 16.23
CA GLU D 246 4.83 43.06 16.94
C GLU D 246 6.14 42.62 16.34
N GLU D 247 7.15 43.45 16.51
CA GLU D 247 8.49 43.18 16.01
C GLU D 247 9.10 41.99 16.75
N ASN D 248 9.59 41.02 15.98
CA ASN D 248 10.21 39.81 16.51
C ASN D 248 9.18 38.79 17.02
N LYS D 249 7.91 39.02 16.71
CA LYS D 249 6.84 38.11 17.13
C LYS D 249 6.10 37.46 15.97
N GLY D 250 6.72 37.48 14.79
CA GLY D 250 6.09 36.89 13.62
C GLY D 250 5.60 35.47 13.86
N PHE D 251 6.48 34.61 14.35
CA PHE D 251 6.11 33.22 14.58
C PHE D 251 4.84 33.04 15.41
N TYR D 252 4.53 34.01 16.27
CA TYR D 252 3.32 33.94 17.10
C TYR D 252 2.04 34.04 16.28
N TYR D 253 2.00 35.01 15.36
CA TYR D 253 0.85 35.24 14.50
C TYR D 253 0.70 34.10 13.53
N ILE D 254 1.84 33.55 13.10
CA ILE D 254 1.85 32.43 12.18
C ILE D 254 1.24 31.20 12.85
N MET D 255 1.65 30.96 14.09
CA MET D 255 1.16 29.82 14.87
C MET D 255 -0.35 29.78 15.05
N LYS D 256 -1.01 30.94 15.03
CA LYS D 256 -2.44 31.00 15.24
C LYS D 256 -3.24 30.98 13.94
N GLU D 257 -2.53 30.85 12.84
CA GLU D 257 -3.18 30.84 11.55
C GLU D 257 -3.15 29.46 10.88
N LEU D 258 -2.03 28.76 11.06
CA LEU D 258 -1.85 27.44 10.45
C LEU D 258 -3.09 26.56 10.50
N PRO D 259 -3.67 26.36 11.69
CA PRO D 259 -4.86 25.52 11.77
C PRO D 259 -5.78 25.77 10.58
N GLN D 260 -6.12 27.04 10.39
CA GLN D 260 -6.98 27.44 9.29
C GLN D 260 -6.36 27.06 7.93
N GLU D 261 -5.10 27.45 7.71
CA GLU D 261 -4.44 27.15 6.45
C GLU D 261 -4.56 25.67 6.07
N ARG D 262 -4.31 24.80 7.04
CA ARG D 262 -4.38 23.38 6.79
C ARG D 262 -5.80 22.87 6.62
N LEU D 263 -6.76 23.51 7.26
CA LEU D 263 -8.14 23.10 7.11
C LEU D 263 -8.57 23.42 5.67
N LEU D 264 -8.04 24.52 5.16
CA LEU D 264 -8.34 24.96 3.80
C LEU D 264 -7.76 23.97 2.78
N ILE D 265 -6.43 23.86 2.75
CA ILE D 265 -5.72 22.96 1.85
C ILE D 265 -6.44 21.62 1.82
N ALA D 266 -6.80 21.13 3.01
CA ALA D 266 -7.50 19.87 3.18
C ALA D 266 -8.84 19.82 2.44
N ASP D 267 -9.80 20.65 2.84
CA ASP D 267 -11.11 20.63 2.18
C ASP D 267 -10.96 20.59 0.67
N VAL D 268 -10.07 21.41 0.16
CA VAL D 268 -9.81 21.48 -1.27
C VAL D 268 -9.41 20.09 -1.79
N ALA D 269 -8.40 19.52 -1.15
CA ALA D 269 -7.91 18.21 -1.55
C ALA D 269 -9.07 17.20 -1.65
N ILE D 270 -9.80 16.99 -0.57
CA ILE D 270 -10.90 16.04 -0.58
C ILE D 270 -11.96 16.42 -1.62
N SER D 271 -12.30 17.70 -1.68
CA SER D 271 -13.26 18.18 -2.65
C SER D 271 -12.78 17.84 -4.04
N ALA D 272 -11.53 18.21 -4.33
CA ALA D 272 -10.93 17.91 -5.61
C ALA D 272 -11.00 16.40 -5.90
N SER D 273 -11.03 15.61 -4.82
CA SER D 273 -11.10 14.15 -4.92
C SER D 273 -12.52 13.73 -5.28
N GLU D 274 -13.50 14.33 -4.61
CA GLU D 274 -14.89 14.04 -4.90
C GLU D 274 -15.12 14.40 -6.37
N PHE D 275 -14.38 15.39 -6.84
CA PHE D 275 -14.48 15.81 -8.22
C PHE D 275 -14.04 14.71 -9.19
N MET D 276 -12.77 14.34 -9.10
CA MET D 276 -12.20 13.31 -9.95
C MET D 276 -13.00 12.01 -9.88
N PHE D 277 -13.55 11.70 -8.70
CA PHE D 277 -14.33 10.49 -8.59
C PHE D 277 -15.54 10.45 -9.50
N GLU D 278 -16.43 11.42 -9.34
CA GLU D 278 -17.64 11.46 -10.14
C GLU D 278 -17.25 11.58 -11.61
N GLU D 279 -16.12 12.24 -11.85
CA GLU D 279 -15.65 12.40 -13.21
C GLU D 279 -15.29 11.02 -13.75
N THR D 280 -14.34 10.38 -13.08
CA THR D 280 -13.88 9.06 -13.49
C THR D 280 -15.06 8.10 -13.57
N ARG D 281 -15.98 8.20 -12.61
CA ARG D 281 -17.14 7.32 -12.61
C ARG D 281 -17.86 7.39 -13.96
N ASN D 282 -18.03 8.61 -14.45
CA ASN D 282 -18.70 8.85 -15.71
C ASN D 282 -17.95 8.24 -16.91
N TYR D 283 -16.66 8.56 -17.02
CA TYR D 283 -15.86 8.05 -18.12
C TYR D 283 -15.99 6.54 -18.31
N VAL D 284 -16.06 5.79 -17.21
CA VAL D 284 -16.16 4.35 -17.32
C VAL D 284 -17.56 3.84 -17.58
N LYS D 285 -18.56 4.62 -17.13
CA LYS D 285 -19.99 4.26 -17.29
C LYS D 285 -20.37 4.39 -18.77
N GLN D 286 -19.45 4.81 -19.65
CA GLN D 286 -19.79 4.98 -21.08
C GLN D 286 -18.73 4.35 -21.99
N ARG D 287 -17.46 4.70 -21.77
CA ARG D 287 -16.37 4.21 -22.62
C ARG D 287 -16.62 2.72 -22.80
N LYS D 288 -16.95 2.32 -24.03
CA LYS D 288 -17.23 0.93 -24.34
C LYS D 288 -16.00 0.10 -24.71
N ALA D 289 -16.07 -1.21 -24.45
CA ALA D 289 -14.98 -2.14 -24.74
C ALA D 289 -15.42 -3.58 -24.43
N PHE D 290 -14.78 -4.55 -25.08
CA PHE D 290 -15.06 -5.98 -24.86
C PHE D 290 -16.57 -6.26 -24.78
N GLY D 291 -17.35 -5.67 -25.68
CA GLY D 291 -18.81 -5.93 -25.81
C GLY D 291 -19.78 -5.06 -25.01
N LYS D 292 -19.27 -4.26 -24.07
CA LYS D 292 -20.15 -3.44 -23.19
C LYS D 292 -19.20 -2.38 -22.64
N THR D 293 -19.56 -1.75 -21.52
CA THR D 293 -18.65 -0.74 -20.92
C THR D 293 -17.63 -1.28 -19.89
N VAL D 294 -16.50 -0.58 -19.73
CA VAL D 294 -15.45 -0.94 -18.78
C VAL D 294 -16.07 -1.07 -17.40
N ALA D 295 -17.00 -0.18 -17.10
CA ALA D 295 -17.70 -0.19 -15.82
C ALA D 295 -18.47 -1.49 -15.58
N HIS D 296 -18.51 -2.38 -16.58
CA HIS D 296 -19.20 -3.65 -16.42
C HIS D 296 -18.21 -4.69 -15.90
N LEU D 297 -16.93 -4.32 -15.89
CA LEU D 297 -15.87 -5.19 -15.41
C LEU D 297 -15.90 -5.25 -13.87
N GLN D 298 -15.79 -6.44 -13.32
CA GLN D 298 -15.83 -6.53 -11.86
C GLN D 298 -14.70 -5.72 -11.23
N THR D 299 -13.48 -5.92 -11.71
CA THR D 299 -12.31 -5.22 -11.18
C THR D 299 -12.54 -3.74 -11.01
N VAL D 300 -12.95 -3.09 -12.09
CA VAL D 300 -13.23 -1.66 -12.09
C VAL D 300 -14.29 -1.36 -11.01
N GLN D 301 -15.36 -2.13 -11.00
CA GLN D 301 -16.42 -1.94 -9.99
C GLN D 301 -15.84 -1.92 -8.59
N HIS D 302 -14.90 -2.82 -8.30
CA HIS D 302 -14.30 -2.87 -6.98
C HIS D 302 -13.30 -1.73 -6.81
N LYS D 303 -12.59 -1.38 -7.88
CA LYS D 303 -11.66 -0.27 -7.76
C LYS D 303 -12.51 0.96 -7.41
N LEU D 304 -13.67 1.09 -8.05
CA LEU D 304 -14.55 2.21 -7.79
C LEU D 304 -15.07 2.23 -6.35
N ALA D 305 -15.50 1.07 -5.83
CA ALA D 305 -15.98 1.01 -4.45
C ALA D 305 -14.88 1.49 -3.49
N GLU D 306 -13.64 1.04 -3.73
CA GLU D 306 -12.52 1.43 -2.88
C GLU D 306 -12.33 2.93 -2.80
N LEU D 307 -12.41 3.60 -3.95
CA LEU D 307 -12.22 5.04 -4.01
C LEU D 307 -13.37 5.80 -3.36
N LYS D 308 -14.60 5.49 -3.74
CA LYS D 308 -15.75 6.18 -3.15
C LYS D 308 -15.77 6.03 -1.63
N THR D 309 -15.38 4.84 -1.16
CA THR D 309 -15.35 4.54 0.25
C THR D 309 -14.30 5.37 0.98
N HIS D 310 -13.12 5.47 0.39
CA HIS D 310 -12.02 6.20 0.97
C HIS D 310 -12.26 7.71 0.95
N ILE D 311 -12.94 8.18 -0.08
CA ILE D 311 -13.25 9.59 -0.18
C ILE D 311 -14.34 9.91 0.83
N CYS D 312 -15.39 9.10 0.84
CA CYS D 312 -16.47 9.33 1.78
C CYS D 312 -15.95 9.38 3.20
N VAL D 313 -15.23 8.34 3.61
CA VAL D 313 -14.68 8.25 4.95
C VAL D 313 -13.86 9.49 5.28
N THR D 314 -13.02 9.94 4.37
CA THR D 314 -12.23 11.13 4.67
C THR D 314 -13.09 12.41 4.70
N ARG D 315 -14.12 12.46 3.85
CA ARG D 315 -15.01 13.62 3.82
C ARG D 315 -15.63 13.84 5.20
N ALA D 316 -16.08 12.74 5.81
CA ALA D 316 -16.68 12.79 7.13
C ALA D 316 -15.70 13.44 8.10
N PHE D 317 -14.42 13.15 7.96
CA PHE D 317 -13.44 13.75 8.85
C PHE D 317 -13.28 15.23 8.56
N VAL D 318 -13.22 15.59 7.29
CA VAL D 318 -13.03 16.99 6.94
C VAL D 318 -14.26 17.83 7.37
N ASP D 319 -15.46 17.27 7.19
CA ASP D 319 -16.68 17.98 7.59
C ASP D 319 -16.60 18.23 9.08
N ASN D 320 -16.37 17.15 9.80
CA ASN D 320 -16.23 17.16 11.25
C ASN D 320 -15.22 18.24 11.68
N CYS D 321 -14.14 18.40 10.92
CA CYS D 321 -13.12 19.40 11.25
C CYS D 321 -13.64 20.82 11.01
N LEU D 322 -14.44 20.99 9.96
CA LEU D 322 -15.03 22.29 9.64
C LEU D 322 -15.92 22.71 10.82
N GLN D 323 -16.75 21.79 11.27
CA GLN D 323 -17.64 22.05 12.39
C GLN D 323 -16.82 22.55 13.57
N LEU D 324 -15.79 21.80 13.94
CA LEU D 324 -14.95 22.23 15.05
C LEU D 324 -14.46 23.66 14.86
N HIS D 325 -13.78 23.92 13.75
CA HIS D 325 -13.26 25.25 13.45
C HIS D 325 -14.30 26.36 13.57
N GLU D 326 -15.56 26.04 13.30
CA GLU D 326 -16.65 27.02 13.42
C GLU D 326 -16.71 27.51 14.86
N ALA D 327 -16.57 26.59 15.80
CA ALA D 327 -16.58 26.91 17.22
C ALA D 327 -15.17 27.25 17.71
N LYS D 328 -14.24 27.44 16.77
CA LYS D 328 -12.85 27.77 17.09
C LYS D 328 -12.23 26.82 18.12
N ARG D 329 -12.54 25.54 17.98
CA ARG D 329 -12.03 24.51 18.87
C ARG D 329 -11.26 23.42 18.08
N LEU D 330 -10.73 23.80 16.91
CA LEU D 330 -9.97 22.89 16.06
C LEU D 330 -8.48 23.13 16.31
N ASP D 331 -7.83 22.20 16.99
CA ASP D 331 -6.42 22.36 17.30
C ASP D 331 -5.44 22.04 16.17
N SER D 332 -4.24 22.60 16.31
CA SER D 332 -3.15 22.45 15.35
C SER D 332 -2.96 21.03 14.83
N ALA D 333 -3.15 20.06 15.72
CA ALA D 333 -2.97 18.66 15.36
C ALA D 333 -4.13 18.13 14.53
N THR D 334 -5.36 18.27 15.02
CA THR D 334 -6.51 17.79 14.27
C THR D 334 -6.49 18.42 12.87
N ALA D 335 -5.92 19.62 12.79
CA ALA D 335 -5.81 20.31 11.52
C ALA D 335 -4.86 19.54 10.60
N CYS D 336 -3.66 19.29 11.10
CA CYS D 336 -2.62 18.55 10.38
C CYS D 336 -3.08 17.18 9.89
N MET D 337 -4.07 16.60 10.55
CA MET D 337 -4.56 15.29 10.14
C MET D 337 -5.37 15.46 8.87
N ALA D 338 -6.37 16.34 8.92
CA ALA D 338 -7.21 16.60 7.78
C ALA D 338 -6.39 16.97 6.53
N LYS D 339 -5.41 17.85 6.73
CA LYS D 339 -4.57 18.29 5.62
C LYS D 339 -3.80 17.10 5.06
N TYR D 340 -3.02 16.48 5.94
CA TYR D 340 -2.21 15.31 5.61
C TYR D 340 -2.99 14.17 4.94
N TRP D 341 -4.09 13.70 5.54
CA TRP D 341 -4.85 12.61 4.94
C TRP D 341 -5.47 13.02 3.62
N ALA D 342 -6.08 14.19 3.59
CA ALA D 342 -6.72 14.71 2.39
C ALA D 342 -5.77 14.90 1.19
N SER D 343 -4.58 15.45 1.42
CA SER D 343 -3.65 15.65 0.31
C SER D 343 -3.02 14.34 -0.17
N GLU D 344 -2.78 13.42 0.75
CA GLU D 344 -2.19 12.14 0.37
C GLU D 344 -3.27 11.37 -0.40
N LEU D 345 -4.52 11.53 0.04
CA LEU D 345 -5.67 10.88 -0.60
C LEU D 345 -5.92 11.41 -2.01
N GLN D 346 -5.81 12.73 -2.16
CA GLN D 346 -6.04 13.38 -3.44
C GLN D 346 -5.13 12.78 -4.51
N ASN D 347 -3.87 12.57 -4.17
CA ASN D 347 -2.89 12.01 -5.09
C ASN D 347 -3.19 10.56 -5.44
N SER D 348 -3.46 9.76 -4.41
CA SER D 348 -3.78 8.36 -4.60
C SER D 348 -4.97 8.26 -5.54
N VAL D 349 -6.02 9.03 -5.24
CA VAL D 349 -7.20 9.03 -6.09
C VAL D 349 -6.83 9.44 -7.51
N ALA D 350 -6.09 10.54 -7.65
CA ALA D 350 -5.71 11.01 -8.97
C ALA D 350 -4.99 9.93 -9.79
N TYR D 351 -4.00 9.28 -9.22
CA TYR D 351 -3.27 8.26 -9.93
C TYR D 351 -4.19 7.14 -10.43
N ASP D 352 -5.01 6.62 -9.54
CA ASP D 352 -5.95 5.57 -9.91
C ASP D 352 -6.95 6.03 -10.96
N CYS D 353 -7.48 7.23 -10.76
CA CYS D 353 -8.46 7.80 -11.69
C CYS D 353 -7.95 7.97 -13.09
N VAL D 354 -6.66 8.23 -13.21
CA VAL D 354 -6.03 8.39 -14.50
C VAL D 354 -5.83 7.01 -15.13
N GLN D 355 -5.52 6.01 -14.29
CA GLN D 355 -5.32 4.67 -14.82
C GLN D 355 -6.61 4.22 -15.49
N LEU D 356 -7.75 4.60 -14.89
CA LEU D 356 -9.05 4.24 -15.40
C LEU D 356 -9.39 4.78 -16.79
N HIS D 357 -8.82 5.92 -17.15
CA HIS D 357 -9.06 6.48 -18.48
C HIS D 357 -8.18 5.74 -19.49
N GLY D 358 -7.13 5.08 -18.99
CA GLY D 358 -6.20 4.39 -19.86
C GLY D 358 -5.32 5.41 -20.56
N GLY D 359 -5.20 5.31 -21.88
CA GLY D 359 -4.38 6.23 -22.63
C GLY D 359 -4.80 7.69 -22.62
N TRP D 360 -6.11 7.95 -22.58
CA TRP D 360 -6.61 9.32 -22.58
C TRP D 360 -6.52 10.05 -21.24
N GLY D 361 -5.82 9.45 -20.29
CA GLY D 361 -5.68 10.09 -18.99
C GLY D 361 -4.38 10.88 -18.97
N TYR D 362 -3.55 10.60 -19.98
CA TYR D 362 -2.26 11.25 -20.14
C TYR D 362 -2.43 12.49 -21.02
N MET D 363 -3.57 12.58 -21.69
CA MET D 363 -3.88 13.68 -22.60
C MET D 363 -4.41 14.90 -21.85
N TRP D 364 -3.80 16.05 -22.11
CA TRP D 364 -4.15 17.31 -21.45
C TRP D 364 -5.58 17.78 -21.74
N GLU D 365 -6.29 17.08 -22.63
CA GLU D 365 -7.66 17.42 -23.01
C GLU D 365 -8.65 17.06 -21.91
N TYR D 366 -8.42 15.91 -21.27
CA TYR D 366 -9.28 15.43 -20.20
C TYR D 366 -8.94 16.02 -18.83
N PRO D 367 -9.97 16.50 -18.10
CA PRO D 367 -9.84 17.11 -16.77
C PRO D 367 -8.84 16.46 -15.84
N ILE D 368 -8.91 15.13 -15.77
CA ILE D 368 -8.07 14.28 -14.91
C ILE D 368 -6.54 14.44 -15.02
N ALA D 369 -6.02 14.57 -16.25
CA ALA D 369 -4.57 14.72 -16.48
C ALA D 369 -4.02 15.99 -15.86
N LYS D 370 -4.82 17.04 -15.91
CA LYS D 370 -4.44 18.35 -15.35
C LYS D 370 -4.52 18.29 -13.83
N ALA D 371 -5.49 17.53 -13.33
CA ALA D 371 -5.69 17.37 -11.89
C ALA D 371 -4.64 16.44 -11.28
N TYR D 372 -3.91 15.71 -12.11
CA TYR D 372 -2.88 14.78 -11.64
C TYR D 372 -1.61 15.51 -11.20
N VAL D 373 -1.18 16.44 -12.03
CA VAL D 373 0.02 17.25 -11.78
C VAL D 373 -0.37 18.41 -10.87
N ASP D 374 -1.68 18.61 -10.73
CA ASP D 374 -2.25 19.65 -9.88
C ASP D 374 -2.34 19.20 -8.44
N ALA D 375 -2.35 17.88 -8.25
CA ALA D 375 -2.46 17.29 -6.92
C ALA D 375 -1.11 16.96 -6.28
N ARG D 376 -0.06 16.94 -7.10
CA ARG D 376 1.28 16.60 -6.61
C ARG D 376 1.97 17.84 -6.04
N VAL D 377 1.18 18.81 -5.61
CA VAL D 377 1.75 20.03 -5.03
C VAL D 377 1.25 20.10 -3.59
N GLN D 378 0.17 19.36 -3.34
CA GLN D 378 -0.49 19.29 -2.05
C GLN D 378 0.37 18.69 -0.92
N PRO D 379 1.11 17.60 -1.20
CA PRO D 379 1.93 17.03 -0.12
C PRO D 379 3.18 17.87 0.14
N ILE D 380 3.49 18.74 -0.83
CA ILE D 380 4.66 19.60 -0.76
C ILE D 380 4.42 20.97 -0.11
N TYR D 381 3.34 21.67 -0.46
CA TYR D 381 3.13 22.98 0.17
C TYR D 381 2.21 23.02 1.39
N GLY D 382 2.23 24.16 2.07
CA GLY D 382 1.44 24.35 3.27
C GLY D 382 2.11 23.64 4.42
N GLY D 383 3.32 23.15 4.14
CA GLY D 383 4.08 22.40 5.14
C GLY D 383 3.95 20.93 4.74
N THR D 384 5.05 20.36 4.26
CA THR D 384 5.02 18.98 3.79
C THR D 384 4.37 17.98 4.72
N ASN D 385 3.83 16.91 4.14
CA ASN D 385 3.13 15.94 4.96
C ASN D 385 4.09 15.23 5.93
N GLU D 386 5.39 15.43 5.75
CA GLU D 386 6.33 14.84 6.67
C GLU D 386 6.30 15.67 7.95
N ILE D 387 6.02 16.96 7.79
CA ILE D 387 5.94 17.87 8.93
C ILE D 387 4.63 17.61 9.68
N MET D 388 3.54 17.43 8.94
CA MET D 388 2.23 17.16 9.54
C MET D 388 2.32 15.99 10.54
N LYS D 389 3.15 15.01 10.20
CA LYS D 389 3.37 13.85 11.04
C LYS D 389 4.12 14.26 12.31
N GLU D 390 5.14 15.10 12.14
CA GLU D 390 5.92 15.58 13.29
C GLU D 390 5.00 16.17 14.35
N LEU D 391 4.22 17.16 13.93
CA LEU D 391 3.30 17.84 14.81
C LEU D 391 2.26 16.88 15.37
N ILE D 392 1.63 16.07 14.51
CA ILE D 392 0.65 15.10 15.01
C ILE D 392 1.31 14.23 16.09
N ALA D 393 2.51 13.74 15.80
CA ALA D 393 3.25 12.89 16.71
C ALA D 393 3.68 13.60 18.00
N ARG D 394 3.77 14.93 17.97
CA ARG D 394 4.16 15.70 19.17
C ARG D 394 3.31 15.27 20.37
N GLU D 395 2.00 15.31 20.22
CA GLU D 395 1.10 14.94 21.30
C GLU D 395 1.14 13.45 21.68
N ILE D 396 1.34 12.57 20.70
CA ILE D 396 1.37 11.14 20.96
C ILE D 396 2.54 10.70 21.82
N VAL D 397 3.74 11.09 21.43
CA VAL D 397 4.96 10.68 22.13
C VAL D 397 5.38 11.46 23.38
N PHE D 398 5.12 12.76 23.39
CA PHE D 398 5.50 13.56 24.54
C PHE D 398 4.30 14.09 25.31
N ASP D 399 4.44 14.16 26.63
CA ASP D 399 3.36 14.67 27.47
C ASP D 399 3.37 16.19 27.42
N LYS D 400 4.09 16.74 26.44
CA LYS D 400 4.23 18.18 26.24
C LYS D 400 4.06 19.00 27.53
#